data_9QQ6
#
_entry.id   9QQ6
#
_cell.length_a   1.00
_cell.length_b   1.00
_cell.length_c   1.00
_cell.angle_alpha   90.00
_cell.angle_beta   90.00
_cell.angle_gamma   90.00
#
_symmetry.space_group_name_H-M   'P 1'
#
loop_
_entity.id
_entity.type
_entity.pdbx_description
1 polymer 'histidine kinase'
2 polymer 'Nif-specific regulatory protein'
3 non-polymer 'FLAVIN-ADENINE DINUCLEOTIDE'
4 non-polymer "ADENOSINE-5'-DIPHOSPHATE"
#
loop_
_entity_poly.entity_id
_entity_poly.type
_entity_poly.pdbx_seq_one_letter_code
_entity_poly.pdbx_strand_id
1 'polypeptide(L)'
;MASWSHPQFEKGADDDDKVTPANPTLSNEPQAPHAESDELLPEIFRQTVEHAPIAISITDLKANILYANRAFRTITGYGS
EEVLGKNESILSNGTTPRLVYQALWGRLAQKKPWSGVLVNRRKDKTLYLAELTVAPVLNEAGETIYYLGMHRDTSELHEL
EQRVNNQRLMIEAVVNAAPAAMVVLDRQHRVMLSNPSFCRLARDLVEDGSSESLVALLRENLAAPFETLENQGSAFSGKE
ISFDLGGRSPRWLSCHGRAIHIENEQAHVFFAPTEERYLLLTINDISELRQKQQDSRLNALKALMAEEELLEGMRETFNA
AIHRLQGPVNLISAAMRMLERRLGDKAGNDPVLSAMREASTAGMEALENLSGSIPVRMAESKMPVNLNQLIREVITLCTD
QLLAQGIVVDWQPALRLPWVMGGESSLRSMIKHLVDNAIESMSQNQVSRRELFISTRVENHLVRMEITDSGPGIPPDLVL
KVFEPFFSTKPPHRVGRGMGLPVVQEIVAKHAGMVHVDTDYREGCRIVVELPFSAST
;
A,B
2 'polypeptide(L)'
;MNATIPQRSAKQNPVELYDLQLQALASIARTLSREQQIDELLEQVLAVLHNDLGLLHGLVTISDPEHGALQIGAIHTDSE
AVAQACEGVRYRSGEGVIGNVLKHGNSVVLGRISADPRFLDRLALYDLEMPFIAVPIKNPEGNTIGVLAAQPDCRADEHM
PARTRLLEIVANLLAQTVRLVVNIEDGREAADERDELRREVRGKYGFENMVVGHTPTMRRVFDQIRRVAKWNSTVLVLGE
SGTGKELIASAIHYNSPRAHRPFVRLNCAALPETLLESELFGHEKGAFTGAVKQRKGRFEQADGGTLFLDEIGEISPMFQ
AKLLRVLQEGEFERVGGNQTVRVNVRIVAATNRDLESEVEKGKFREDLYYRLNVMAIRIPPLRERTADIPELAEFLLGKI
GRQQGRPLTVTDSAIRLLMSHRWPGNVRELENCLERSAIMSEDGTITRDVVSLTGVDNESPPLAAPLPEVNLADETLDDR
ERVIAALEQAGWVQAKAARLLGMTPRQIAYRIQTLNIHMRKIHHHHHH
;
C
#
loop_
_chem_comp.id
_chem_comp.type
_chem_comp.name
_chem_comp.formula
ADP non-polymer ADENOSINE-5'-DIPHOSPHATE 'C10 H15 N5 O10 P2'
FAD non-polymer 'FLAVIN-ADENINE DINUCLEOTIDE' 'C27 H33 N9 O15 P2'
#
# COMPACT_ATOMS: atom_id res chain seq x y z
N GLU A 39 -26.56 -79.16 -40.97
CA GLU A 39 -27.76 -79.96 -40.74
C GLU A 39 -28.99 -79.22 -41.24
N LEU A 40 -28.91 -77.90 -41.26
CA LEU A 40 -30.03 -77.04 -41.63
C LEU A 40 -30.17 -76.97 -43.15
N LEU A 41 -31.37 -76.59 -43.59
CA LEU A 41 -31.63 -76.45 -45.02
C LEU A 41 -30.72 -75.38 -45.60
N PRO A 42 -30.17 -75.58 -46.80
CA PRO A 42 -29.34 -74.52 -47.42
C PRO A 42 -30.08 -73.20 -47.58
N GLU A 43 -31.39 -73.24 -47.85
CA GLU A 43 -32.15 -72.00 -48.02
C GLU A 43 -32.08 -71.13 -46.77
N ILE A 44 -31.93 -71.74 -45.60
CA ILE A 44 -31.85 -70.97 -44.36
C ILE A 44 -30.63 -70.06 -44.38
N PHE A 45 -29.48 -70.60 -44.81
CA PHE A 45 -28.28 -69.78 -44.93
C PHE A 45 -28.49 -68.67 -45.95
N ARG A 46 -29.19 -68.97 -47.04
CA ARG A 46 -29.52 -67.95 -48.03
C ARG A 46 -30.36 -66.84 -47.40
N GLN A 47 -31.36 -67.22 -46.60
CA GLN A 47 -32.17 -66.22 -45.91
C GLN A 47 -31.39 -65.53 -44.80
N THR A 48 -30.44 -66.24 -44.18
CA THR A 48 -29.65 -65.64 -43.11
C THR A 48 -28.93 -64.40 -43.60
N VAL A 49 -28.28 -64.49 -44.77
CA VAL A 49 -27.59 -63.34 -45.33
C VAL A 49 -28.59 -62.30 -45.81
N GLU A 50 -29.69 -62.74 -46.42
CA GLU A 50 -30.62 -61.81 -47.05
C GLU A 50 -31.24 -60.84 -46.05
N HIS A 51 -31.61 -61.33 -44.86
CA HIS A 51 -32.36 -60.54 -43.90
C HIS A 51 -31.47 -59.68 -43.01
N ALA A 52 -30.16 -59.73 -43.17
CA ALA A 52 -29.28 -58.97 -42.29
C ALA A 52 -29.44 -57.46 -42.54
N PRO A 53 -29.34 -56.63 -41.50
CA PRO A 53 -29.31 -55.18 -41.70
C PRO A 53 -27.94 -54.62 -42.05
N ILE A 54 -26.95 -55.49 -42.35
CA ILE A 54 -25.62 -55.03 -42.71
C ILE A 54 -25.36 -55.39 -44.17
N ALA A 55 -24.41 -54.67 -44.76
CA ALA A 55 -24.07 -54.88 -46.16
C ALA A 55 -23.24 -56.16 -46.30
N ILE A 56 -23.85 -57.20 -46.87
CA ILE A 56 -23.18 -58.47 -47.13
C ILE A 56 -23.22 -58.72 -48.63
N SER A 57 -22.07 -59.02 -49.22
CA SER A 57 -21.96 -59.27 -50.64
C SER A 57 -21.10 -60.51 -50.88
N ILE A 58 -21.45 -61.27 -51.92
CA ILE A 58 -20.67 -62.42 -52.37
C ILE A 58 -20.12 -62.11 -53.74
N THR A 59 -18.80 -62.18 -53.89
CA THR A 59 -18.12 -61.80 -55.11
C THR A 59 -17.38 -62.99 -55.70
N ASP A 60 -16.88 -62.81 -56.91
CA ASP A 60 -16.04 -63.80 -57.57
C ASP A 60 -14.58 -63.56 -57.16
N LEU A 61 -13.66 -64.25 -57.81
CA LEU A 61 -12.23 -64.05 -57.53
C LEU A 61 -11.75 -62.67 -57.93
N LYS A 62 -12.48 -61.96 -58.80
CA LYS A 62 -12.14 -60.62 -59.22
C LYS A 62 -12.87 -59.55 -58.41
N ALA A 63 -13.59 -59.95 -57.37
CA ALA A 63 -14.34 -59.06 -56.50
C ALA A 63 -15.58 -58.48 -57.17
N ASN A 64 -16.04 -59.09 -58.26
CA ASN A 64 -17.30 -58.68 -58.88
C ASN A 64 -18.46 -59.25 -58.09
N ILE A 65 -19.31 -58.37 -57.57
CA ILE A 65 -20.37 -58.79 -56.65
C ILE A 65 -21.36 -59.65 -57.41
N LEU A 66 -21.55 -60.89 -56.94
CA LEU A 66 -22.49 -61.82 -57.53
C LEU A 66 -23.80 -61.92 -56.76
N TYR A 67 -23.79 -61.54 -55.48
CA TYR A 67 -25.00 -61.54 -54.67
C TYR A 67 -24.90 -60.45 -53.62
N ALA A 68 -26.04 -59.92 -53.22
CA ALA A 68 -26.11 -58.92 -52.17
C ALA A 68 -27.44 -59.03 -51.45
N ASN A 69 -27.42 -58.79 -50.14
CA ASN A 69 -28.63 -58.88 -49.32
C ASN A 69 -29.43 -57.57 -49.41
N ARG A 70 -30.52 -57.51 -48.65
CA ARG A 70 -31.34 -56.30 -48.63
C ARG A 70 -30.55 -55.12 -48.09
N ALA A 71 -29.76 -55.34 -47.04
CA ALA A 71 -29.06 -54.24 -46.39
C ALA A 71 -27.94 -53.70 -47.25
N PHE A 72 -27.20 -54.58 -47.95
CA PHE A 72 -26.18 -54.10 -48.87
C PHE A 72 -26.76 -53.07 -49.83
N ARG A 73 -27.97 -53.35 -50.33
CA ARG A 73 -28.69 -52.35 -51.13
C ARG A 73 -29.00 -51.12 -50.29
N THR A 74 -29.46 -51.33 -49.05
CA THR A 74 -29.84 -50.21 -48.19
C THR A 74 -28.61 -49.39 -47.78
N ILE A 75 -27.57 -50.07 -47.29
CA ILE A 75 -26.41 -49.36 -46.78
C ILE A 75 -25.60 -48.75 -47.91
N THR A 76 -25.29 -49.55 -48.94
CA THR A 76 -24.49 -49.05 -50.05
C THR A 76 -25.31 -48.22 -51.04
N GLY A 77 -26.63 -48.28 -50.98
CA GLY A 77 -27.47 -47.51 -51.86
C GLY A 77 -27.64 -48.08 -53.25
N TYR A 78 -27.08 -49.25 -53.53
CA TYR A 78 -27.16 -49.86 -54.86
C TYR A 78 -28.41 -50.72 -54.97
N GLY A 79 -29.05 -50.67 -56.13
CA GLY A 79 -30.23 -51.48 -56.34
C GLY A 79 -29.90 -52.95 -56.52
N SER A 80 -30.93 -53.78 -56.42
CA SER A 80 -30.74 -55.22 -56.55
C SER A 80 -30.16 -55.56 -57.92
N GLU A 81 -30.69 -54.96 -58.98
CA GLU A 81 -30.17 -55.21 -60.33
C GLU A 81 -28.85 -54.50 -60.58
N GLU A 82 -28.60 -53.37 -59.90
CA GLU A 82 -27.37 -52.63 -60.10
C GLU A 82 -26.16 -53.29 -59.46
N VAL A 83 -26.37 -54.21 -58.53
CA VAL A 83 -25.26 -54.78 -57.78
C VAL A 83 -24.55 -55.89 -58.57
N LEU A 84 -25.31 -56.68 -59.33
CA LEU A 84 -24.74 -57.81 -60.02
C LEU A 84 -23.68 -57.36 -61.02
N GLY A 85 -22.47 -57.91 -60.89
CA GLY A 85 -21.41 -57.71 -61.84
C GLY A 85 -20.40 -56.63 -61.50
N LYS A 86 -20.73 -55.72 -60.58
CA LYS A 86 -19.82 -54.61 -60.29
C LYS A 86 -18.72 -55.05 -59.33
N ASN A 87 -17.51 -54.61 -59.63
CA ASN A 87 -16.36 -54.91 -58.77
C ASN A 87 -16.46 -54.16 -57.46
N GLU A 88 -15.97 -54.80 -56.39
CA GLU A 88 -15.94 -54.16 -55.08
C GLU A 88 -14.96 -53.00 -55.05
N SER A 89 -14.10 -52.87 -56.05
CA SER A 89 -13.13 -51.78 -56.07
C SER A 89 -13.82 -50.41 -56.15
N ILE A 90 -15.10 -50.37 -56.53
CA ILE A 90 -15.80 -49.11 -56.62
C ILE A 90 -15.94 -48.46 -55.24
N LEU A 91 -16.14 -49.27 -54.21
CA LEU A 91 -16.32 -48.74 -52.86
C LEU A 91 -15.06 -48.07 -52.31
N SER A 92 -13.88 -48.38 -52.84
CA SER A 92 -12.67 -47.71 -52.41
C SER A 92 -12.66 -46.27 -52.92
N ASN A 93 -12.21 -45.36 -52.05
CA ASN A 93 -12.14 -43.95 -52.39
C ASN A 93 -10.70 -43.43 -52.45
N GLY A 94 -9.71 -44.30 -52.25
CA GLY A 94 -8.31 -43.92 -52.31
C GLY A 94 -7.72 -43.46 -50.99
N THR A 95 -8.56 -43.14 -50.01
CA THR A 95 -8.05 -42.72 -48.71
C THR A 95 -7.44 -43.88 -47.93
N THR A 96 -7.98 -45.09 -48.11
CA THR A 96 -7.44 -46.24 -47.40
C THR A 96 -6.00 -46.48 -47.84
N PRO A 97 -5.08 -46.74 -46.91
CA PRO A 97 -3.72 -47.12 -47.32
C PRO A 97 -3.74 -48.38 -48.17
N ARG A 98 -2.89 -48.41 -49.20
CA ARG A 98 -2.82 -49.58 -50.07
C ARG A 98 -2.31 -50.79 -49.31
N LEU A 99 -1.59 -50.59 -48.21
CA LEU A 99 -1.14 -51.71 -47.39
C LEU A 99 -2.33 -52.47 -46.80
N VAL A 100 -3.45 -51.78 -46.59
CA VAL A 100 -4.64 -52.44 -46.06
C VAL A 100 -5.24 -53.37 -47.11
N TYR A 101 -5.36 -52.89 -48.35
CA TYR A 101 -5.97 -53.70 -49.39
C TYR A 101 -5.08 -54.89 -49.77
N GLN A 102 -3.77 -54.67 -49.89
CA GLN A 102 -2.87 -55.77 -50.21
C GLN A 102 -2.89 -56.80 -49.08
N ALA A 103 -2.95 -56.33 -47.83
CA ALA A 103 -3.13 -57.26 -46.71
C ALA A 103 -4.46 -57.99 -46.83
N LEU A 104 -5.51 -57.27 -47.22
CA LEU A 104 -6.80 -57.91 -47.44
C LEU A 104 -6.69 -58.96 -48.54
N TRP A 105 -6.12 -58.58 -49.69
CA TRP A 105 -6.03 -59.52 -50.81
C TRP A 105 -4.92 -60.53 -50.58
N GLY A 106 -3.83 -60.11 -49.92
CA GLY A 106 -2.72 -61.02 -49.69
C GLY A 106 -3.12 -62.22 -48.83
N ARG A 107 -3.88 -61.96 -47.77
CA ARG A 107 -4.31 -63.06 -46.90
C ARG A 107 -5.38 -63.92 -47.57
N LEU A 108 -6.14 -63.34 -48.49
CA LEU A 108 -7.10 -64.13 -49.25
C LEU A 108 -6.40 -65.18 -50.10
N ALA A 109 -5.28 -64.80 -50.73
CA ALA A 109 -4.49 -65.77 -51.48
C ALA A 109 -3.93 -66.87 -50.59
N GLN A 110 -3.84 -66.61 -49.28
CA GLN A 110 -3.38 -67.59 -48.31
C GLN A 110 -4.51 -68.45 -47.75
N LYS A 111 -5.73 -68.28 -48.26
CA LYS A 111 -6.90 -68.98 -47.75
C LYS A 111 -7.13 -68.69 -46.27
N LYS A 112 -6.87 -67.44 -45.87
CA LYS A 112 -7.02 -67.01 -44.49
C LYS A 112 -7.85 -65.72 -44.43
N PRO A 113 -8.76 -65.59 -43.47
CA PRO A 113 -9.52 -64.35 -43.36
C PRO A 113 -8.64 -63.18 -42.94
N TRP A 114 -9.01 -61.99 -43.39
CA TRP A 114 -8.32 -60.75 -43.06
C TRP A 114 -9.32 -59.77 -42.46
N SER A 115 -8.94 -59.17 -41.33
CA SER A 115 -9.81 -58.25 -40.61
C SER A 115 -9.18 -56.86 -40.54
N GLY A 116 -10.00 -55.84 -40.77
CA GLY A 116 -9.54 -54.47 -40.70
C GLY A 116 -10.71 -53.54 -40.93
N VAL A 117 -10.43 -52.24 -40.77
CA VAL A 117 -11.45 -51.20 -40.89
C VAL A 117 -11.15 -50.38 -42.13
N LEU A 118 -12.17 -50.18 -42.97
CA LEU A 118 -12.06 -49.39 -44.19
C LEU A 118 -13.05 -48.25 -44.14
N VAL A 119 -12.97 -47.38 -45.14
CA VAL A 119 -13.95 -46.32 -45.35
C VAL A 119 -14.60 -46.58 -46.70
N ASN A 120 -15.88 -46.91 -46.68
CA ASN A 120 -16.63 -47.22 -47.90
C ASN A 120 -17.48 -46.02 -48.32
N ARG A 121 -17.73 -45.94 -49.62
CA ARG A 121 -18.55 -44.88 -50.20
C ARG A 121 -19.87 -45.47 -50.66
N ARG A 122 -20.96 -44.83 -50.28
CA ARG A 122 -22.28 -45.27 -50.70
C ARG A 122 -22.58 -44.74 -52.10
N LYS A 123 -23.72 -45.17 -52.66
CA LYS A 123 -24.09 -44.73 -54.00
C LYS A 123 -24.22 -43.22 -54.07
N ASP A 124 -24.66 -42.58 -52.98
CA ASP A 124 -24.77 -41.13 -52.92
C ASP A 124 -23.43 -40.45 -52.63
N LYS A 125 -22.33 -41.20 -52.66
CA LYS A 125 -20.96 -40.71 -52.48
C LYS A 125 -20.67 -40.34 -51.03
N THR A 126 -21.57 -40.60 -50.10
CA THR A 126 -21.27 -40.37 -48.69
C THR A 126 -20.29 -41.43 -48.18
N LEU A 127 -19.42 -41.00 -47.28
CA LEU A 127 -18.35 -41.84 -46.77
C LEU A 127 -18.62 -42.25 -45.33
N TYR A 128 -18.43 -43.53 -45.05
CA TYR A 128 -18.57 -44.08 -43.70
C TYR A 128 -17.49 -45.12 -43.48
N LEU A 129 -17.07 -45.27 -42.22
CA LEU A 129 -16.07 -46.27 -41.89
C LEU A 129 -16.72 -47.65 -41.90
N ALA A 130 -16.20 -48.52 -42.74
CA ALA A 130 -16.74 -49.87 -42.94
C ALA A 130 -15.71 -50.89 -42.47
N GLU A 131 -16.06 -51.62 -41.42
CA GLU A 131 -15.17 -52.64 -40.87
C GLU A 131 -15.31 -53.90 -41.71
N LEU A 132 -14.46 -54.04 -42.72
CA LEU A 132 -14.57 -55.11 -43.70
C LEU A 132 -13.63 -56.25 -43.34
N THR A 133 -14.15 -57.47 -43.40
CA THR A 133 -13.36 -58.69 -43.33
C THR A 133 -13.79 -59.60 -44.46
N VAL A 134 -12.81 -60.07 -45.24
CA VAL A 134 -13.06 -60.92 -46.40
C VAL A 134 -12.45 -62.29 -46.12
N ALA A 135 -13.23 -63.34 -46.34
CA ALA A 135 -12.79 -64.71 -46.11
C ALA A 135 -13.08 -65.54 -47.34
N PRO A 136 -12.29 -66.59 -47.59
CA PRO A 136 -12.49 -67.41 -48.78
C PRO A 136 -13.61 -68.42 -48.60
N VAL A 137 -14.27 -68.76 -49.71
CA VAL A 137 -15.29 -69.81 -49.73
C VAL A 137 -14.66 -71.07 -50.29
N LEU A 138 -14.59 -72.12 -49.48
CA LEU A 138 -13.95 -73.36 -49.87
C LEU A 138 -15.00 -74.40 -50.24
N ASN A 139 -14.82 -75.02 -51.40
CA ASN A 139 -15.70 -76.09 -51.84
C ASN A 139 -15.42 -77.36 -51.06
N GLU A 140 -16.10 -78.44 -51.43
CA GLU A 140 -15.87 -79.72 -50.76
C GLU A 140 -14.45 -80.21 -50.96
N ALA A 141 -13.77 -79.77 -52.02
CA ALA A 141 -12.38 -80.14 -52.29
C ALA A 141 -11.39 -79.18 -51.64
N GLY A 142 -11.85 -78.13 -50.98
CA GLY A 142 -10.97 -77.17 -50.33
C GLY A 142 -10.44 -76.08 -51.22
N GLU A 143 -10.96 -75.94 -52.44
CA GLU A 143 -10.52 -74.90 -53.35
C GLU A 143 -11.38 -73.65 -53.19
N THR A 144 -10.75 -72.49 -53.31
CA THR A 144 -11.47 -71.22 -53.19
C THR A 144 -12.28 -70.98 -54.46
N ILE A 145 -13.58 -70.79 -54.28
CA ILE A 145 -14.49 -70.59 -55.40
C ILE A 145 -15.07 -69.17 -55.44
N TYR A 146 -15.34 -68.57 -54.28
CA TYR A 146 -15.95 -67.25 -54.22
C TYR A 146 -15.42 -66.51 -53.00
N TYR A 147 -15.59 -65.18 -53.02
CA TYR A 147 -15.18 -64.32 -51.92
C TYR A 147 -16.42 -63.74 -51.24
N LEU A 148 -16.26 -63.42 -49.97
CA LEU A 148 -17.35 -62.92 -49.14
C LEU A 148 -17.00 -61.52 -48.64
N GLY A 149 -17.90 -60.57 -48.89
CA GLY A 149 -17.68 -59.20 -48.45
C GLY A 149 -18.72 -58.72 -47.46
N MET A 150 -18.27 -58.50 -46.22
CA MET A 150 -19.12 -57.98 -45.16
C MET A 150 -18.47 -56.75 -44.58
N HIS A 151 -19.28 -55.76 -44.20
CA HIS A 151 -18.79 -54.60 -43.48
C HIS A 151 -19.91 -53.98 -42.67
N ARG A 152 -19.52 -53.29 -41.60
CA ARG A 152 -20.45 -52.64 -40.68
C ARG A 152 -20.07 -51.17 -40.52
N ASP A 153 -21.08 -50.35 -40.27
CA ASP A 153 -20.88 -48.91 -40.14
C ASP A 153 -20.21 -48.61 -38.80
N THR A 154 -19.03 -47.98 -38.85
CA THR A 154 -18.31 -47.57 -37.66
C THR A 154 -17.98 -46.08 -37.69
N SER A 155 -18.85 -45.30 -38.35
CA SER A 155 -18.61 -43.86 -38.42
C SER A 155 -18.65 -43.22 -37.05
N GLU A 156 -19.55 -43.69 -36.18
CA GLU A 156 -19.61 -43.16 -34.83
C GLU A 156 -18.28 -43.35 -34.11
N LEU A 157 -17.64 -44.51 -34.30
CA LEU A 157 -16.40 -44.79 -33.59
C LEU A 157 -15.38 -43.69 -33.83
N HIS A 158 -15.12 -43.34 -35.09
CA HIS A 158 -14.11 -42.32 -35.37
C HIS A 158 -14.60 -40.93 -34.97
N GLU A 159 -15.90 -40.67 -35.15
CA GLU A 159 -16.43 -39.35 -34.81
C GLU A 159 -16.21 -39.01 -33.35
N LEU A 160 -16.00 -40.03 -32.52
CA LEU A 160 -15.90 -39.81 -31.09
C LEU A 160 -14.45 -39.77 -30.61
N GLU A 161 -13.59 -40.63 -31.18
CA GLU A 161 -12.17 -40.56 -30.83
C GLU A 161 -11.57 -39.25 -31.30
N GLN A 162 -11.93 -38.80 -32.50
CA GLN A 162 -11.46 -37.50 -32.96
C GLN A 162 -12.07 -36.38 -32.13
N ARG A 163 -13.36 -36.50 -31.80
CA ARG A 163 -13.94 -35.58 -30.82
C ARG A 163 -13.23 -35.70 -29.49
N VAL A 164 -12.82 -36.91 -29.12
CA VAL A 164 -11.90 -37.10 -28.00
C VAL A 164 -10.57 -36.41 -28.29
N ASN A 165 -10.00 -36.69 -29.46
CA ASN A 165 -8.73 -36.06 -29.83
C ASN A 165 -8.86 -34.55 -29.87
N ASN A 166 -9.98 -34.05 -30.39
CA ASN A 166 -10.24 -32.62 -30.32
C ASN A 166 -10.34 -32.13 -28.89
N GLN A 167 -11.14 -32.82 -28.07
CA GLN A 167 -11.30 -32.42 -26.68
C GLN A 167 -10.00 -32.58 -25.91
N ARG A 168 -9.21 -33.60 -26.22
CA ARG A 168 -7.86 -33.67 -25.67
C ARG A 168 -7.05 -32.46 -26.09
N LEU A 169 -7.22 -32.01 -27.35
CA LEU A 169 -6.56 -30.79 -27.79
C LEU A 169 -7.13 -29.56 -27.08
N MET A 170 -8.40 -29.61 -26.70
CA MET A 170 -9.00 -28.46 -26.01
C MET A 170 -8.28 -28.18 -24.71
N ILE A 171 -8.02 -29.21 -23.91
CA ILE A 171 -7.33 -29.02 -22.64
C ILE A 171 -5.91 -28.56 -22.90
N GLU A 172 -5.23 -29.16 -23.87
CA GLU A 172 -3.85 -28.78 -24.14
C GLU A 172 -3.76 -27.32 -24.54
N ALA A 173 -4.66 -26.86 -25.41
CA ALA A 173 -4.60 -25.48 -25.87
C ALA A 173 -5.04 -24.49 -24.79
N VAL A 174 -6.15 -24.75 -24.10
CA VAL A 174 -6.62 -23.81 -23.09
C VAL A 174 -5.59 -23.67 -21.99
N VAL A 175 -4.98 -24.80 -21.60
CA VAL A 175 -3.93 -24.79 -20.60
C VAL A 175 -2.83 -23.82 -20.99
N ASN A 176 -2.41 -23.86 -22.25
CA ASN A 176 -1.31 -23.03 -22.71
C ASN A 176 -1.60 -21.54 -22.57
N ALA A 177 -2.87 -21.17 -22.44
CA ALA A 177 -3.25 -19.76 -22.48
C ALA A 177 -3.17 -19.06 -21.14
N ALA A 178 -3.33 -19.78 -20.04
CA ALA A 178 -3.47 -19.13 -18.74
C ALA A 178 -2.16 -18.49 -18.32
N PRO A 179 -2.11 -17.17 -18.13
CA PRO A 179 -0.95 -16.58 -17.46
C PRO A 179 -0.81 -17.07 -16.04
N ALA A 180 -1.92 -17.24 -15.34
CA ALA A 180 -1.91 -17.89 -14.04
C ALA A 180 -1.42 -19.33 -14.20
N ALA A 181 -0.49 -19.73 -13.34
CA ALA A 181 0.04 -21.08 -13.42
C ALA A 181 -1.07 -22.07 -13.06
N MET A 182 -1.63 -22.71 -14.08
CA MET A 182 -2.76 -23.62 -13.90
C MET A 182 -2.35 -25.03 -14.26
N VAL A 183 -2.86 -26.00 -13.52
CA VAL A 183 -2.49 -27.40 -13.70
C VAL A 183 -3.67 -28.26 -13.28
N VAL A 184 -3.87 -29.38 -13.99
CA VAL A 184 -4.95 -30.32 -13.70
C VAL A 184 -4.33 -31.55 -13.03
N LEU A 185 -4.83 -31.89 -11.85
CA LEU A 185 -4.31 -32.99 -11.05
C LEU A 185 -5.35 -34.10 -10.97
N ASP A 186 -4.90 -35.34 -11.15
CA ASP A 186 -5.76 -36.49 -11.03
C ASP A 186 -5.89 -36.88 -9.55
N ARG A 187 -6.62 -37.94 -9.26
CA ARG A 187 -6.78 -38.38 -7.88
C ARG A 187 -5.45 -38.72 -7.24
N GLN A 188 -4.45 -39.11 -8.04
CA GLN A 188 -3.09 -39.34 -7.57
C GLN A 188 -2.22 -38.11 -7.72
N HIS A 189 -2.79 -36.98 -8.16
CA HIS A 189 -2.09 -35.70 -8.28
C HIS A 189 -0.99 -35.73 -9.33
N ARG A 190 -1.13 -36.58 -10.34
CA ARG A 190 -0.21 -36.60 -11.46
C ARG A 190 -0.54 -35.46 -12.43
N VAL A 191 0.50 -34.84 -12.98
CA VAL A 191 0.31 -33.74 -13.92
C VAL A 191 -0.11 -34.34 -15.27
N MET A 192 -1.38 -34.15 -15.63
CA MET A 192 -1.87 -34.62 -16.92
C MET A 192 -1.54 -33.65 -18.04
N LEU A 193 -1.66 -32.34 -17.79
CA LEU A 193 -1.26 -31.33 -18.76
C LEU A 193 -0.83 -30.07 -18.03
N SER A 194 0.25 -29.46 -18.52
CA SER A 194 0.76 -28.23 -17.96
C SER A 194 1.13 -27.27 -19.09
N ASN A 195 1.12 -25.99 -18.79
CA ASN A 195 1.41 -24.93 -19.75
C ASN A 195 2.82 -24.41 -19.57
N PRO A 196 3.33 -23.66 -20.56
CA PRO A 196 4.67 -23.08 -20.40
C PRO A 196 4.81 -22.22 -19.15
N SER A 197 3.76 -21.46 -18.79
CA SER A 197 3.83 -20.62 -17.60
C SER A 197 4.03 -21.46 -16.34
N PHE A 198 3.28 -22.56 -16.22
CA PHE A 198 3.50 -23.47 -15.09
C PHE A 198 4.90 -24.05 -15.13
N CYS A 199 5.35 -24.46 -16.32
CA CYS A 199 6.75 -24.86 -16.47
C CYS A 199 7.68 -23.69 -16.21
N ARG A 200 7.33 -22.49 -16.68
CA ARG A 200 8.12 -21.31 -16.36
C ARG A 200 8.12 -21.05 -14.86
N LEU A 201 6.96 -21.18 -14.21
CA LEU A 201 6.91 -21.10 -12.76
C LEU A 201 7.72 -22.22 -12.13
N ALA A 202 7.64 -23.42 -12.70
CA ALA A 202 8.51 -24.51 -12.25
C ALA A 202 9.97 -24.15 -12.50
N ARG A 203 10.27 -23.58 -13.67
CA ARG A 203 11.62 -23.12 -13.94
C ARG A 203 11.99 -21.93 -13.07
N ASP A 204 11.01 -21.11 -12.69
CA ASP A 204 11.25 -19.95 -11.85
C ASP A 204 11.18 -20.28 -10.36
N LEU A 205 10.39 -21.29 -9.99
CA LEU A 205 10.21 -21.65 -8.58
C LEU A 205 10.94 -22.91 -8.19
N VAL A 206 11.17 -23.83 -9.13
CA VAL A 206 11.81 -25.10 -8.84
C VAL A 206 13.10 -25.19 -9.64
N GLU A 207 14.09 -25.89 -9.08
CA GLU A 207 15.39 -25.98 -9.73
C GLU A 207 15.30 -26.73 -11.05
N ASP A 208 14.58 -27.86 -11.08
CA ASP A 208 14.53 -28.71 -12.26
C ASP A 208 13.72 -28.12 -13.40
N GLY A 209 12.77 -27.24 -13.11
CA GLY A 209 11.93 -26.67 -14.15
C GLY A 209 10.83 -27.58 -14.64
N SER A 210 10.59 -28.71 -13.96
CA SER A 210 9.54 -29.63 -14.36
C SER A 210 8.23 -29.26 -13.66
N SER A 211 7.13 -29.39 -14.41
CA SER A 211 5.82 -29.07 -13.84
C SER A 211 5.49 -29.96 -12.64
N GLU A 212 5.86 -31.24 -12.73
CA GLU A 212 5.51 -32.18 -11.66
C GLU A 212 6.13 -31.74 -10.33
N SER A 213 7.39 -31.31 -10.35
CA SER A 213 8.03 -30.88 -9.11
C SER A 213 7.35 -29.64 -8.54
N LEU A 214 6.92 -28.71 -9.39
CA LEU A 214 6.24 -27.52 -8.91
C LEU A 214 4.94 -27.88 -8.18
N VAL A 215 4.23 -28.91 -8.68
CA VAL A 215 2.97 -29.29 -8.06
C VAL A 215 3.18 -29.73 -6.64
N ALA A 216 4.24 -30.48 -6.37
CA ALA A 216 4.47 -31.03 -5.03
C ALA A 216 4.56 -29.93 -4.00
N LEU A 217 5.33 -28.88 -4.30
CA LEU A 217 5.49 -27.79 -3.34
C LEU A 217 4.16 -27.05 -3.11
N LEU A 218 3.37 -26.85 -4.16
CA LEU A 218 2.13 -26.10 -4.03
C LEU A 218 1.14 -26.81 -3.11
N ARG A 219 1.15 -28.14 -3.09
CA ARG A 219 0.20 -28.88 -2.27
C ARG A 219 0.37 -28.55 -0.79
N GLU A 220 1.62 -28.51 -0.31
CA GLU A 220 1.86 -28.26 1.10
C GLU A 220 1.35 -26.89 1.51
N ASN A 221 1.56 -25.87 0.68
CA ASN A 221 1.15 -24.52 1.03
C ASN A 221 -0.35 -24.31 0.89
N LEU A 222 -0.98 -24.95 -0.09
CA LEU A 222 -2.43 -24.80 -0.25
C LEU A 222 -3.19 -25.35 0.95
N ALA A 223 -2.87 -26.58 1.35
CA ALA A 223 -3.48 -27.20 2.53
C ALA A 223 -5.00 -27.33 2.39
N ALA A 224 -5.76 -26.58 3.21
CA ALA A 224 -7.19 -26.86 3.35
C ALA A 224 -7.96 -26.74 2.04
N PRO A 225 -7.84 -25.65 1.26
CA PRO A 225 -8.58 -25.59 0.00
C PRO A 225 -8.31 -26.77 -0.92
N PHE A 226 -7.07 -27.25 -0.99
CA PHE A 226 -6.76 -28.40 -1.83
C PHE A 226 -7.45 -29.65 -1.29
N GLU A 227 -7.35 -29.91 0.01
CA GLU A 227 -7.97 -31.09 0.59
C GLU A 227 -9.48 -31.05 0.43
N THR A 228 -10.09 -29.89 0.64
CA THR A 228 -11.53 -29.76 0.43
C THR A 228 -11.89 -30.04 -1.02
N LEU A 229 -11.08 -29.54 -1.96
CA LEU A 229 -11.32 -29.81 -3.37
C LEU A 229 -11.14 -31.30 -3.66
N GLU A 230 -10.11 -31.92 -3.11
CA GLU A 230 -9.85 -33.33 -3.40
C GLU A 230 -10.96 -34.23 -2.86
N ASN A 231 -11.43 -33.96 -1.65
CA ASN A 231 -12.39 -34.86 -1.01
C ASN A 231 -13.82 -34.58 -1.44
N GLN A 232 -14.22 -33.30 -1.44
CA GLN A 232 -15.60 -32.93 -1.76
C GLN A 232 -15.76 -32.34 -3.15
N GLY A 233 -14.67 -32.06 -3.86
CA GLY A 233 -14.79 -31.47 -5.18
C GLY A 233 -15.27 -30.03 -5.18
N SER A 234 -15.13 -29.33 -4.06
CA SER A 234 -15.62 -27.96 -3.95
C SER A 234 -14.61 -27.01 -4.59
N ALA A 235 -15.06 -26.25 -5.59
CA ALA A 235 -14.18 -25.29 -6.23
C ALA A 235 -13.81 -24.18 -5.26
N PHE A 236 -12.52 -23.93 -5.13
CA PHE A 236 -12.00 -22.89 -4.25
C PHE A 236 -11.34 -21.82 -5.09
N SER A 237 -11.59 -20.56 -4.72
CA SER A 237 -11.11 -19.43 -5.50
C SER A 237 -10.63 -18.32 -4.56
N GLY A 238 -9.48 -17.75 -4.90
CA GLY A 238 -9.03 -16.53 -4.25
C GLY A 238 -8.29 -16.69 -2.95
N LYS A 239 -7.68 -17.85 -2.70
CA LYS A 239 -6.90 -18.07 -1.49
C LYS A 239 -5.46 -17.61 -1.75
N GLU A 240 -4.98 -16.65 -0.97
CA GLU A 240 -3.65 -16.10 -1.15
C GLU A 240 -2.67 -16.80 -0.22
N ILE A 241 -1.49 -17.12 -0.75
CA ILE A 241 -0.41 -17.74 0.02
C ILE A 241 0.87 -16.95 -0.23
N SER A 242 1.83 -17.10 0.68
CA SER A 242 3.05 -16.32 0.65
C SER A 242 4.28 -17.23 0.65
N PHE A 243 5.29 -16.82 -0.11
CA PHE A 243 6.57 -17.52 -0.19
C PHE A 243 7.70 -16.53 0.03
N ASP A 244 8.46 -16.73 1.10
CA ASP A 244 9.65 -15.91 1.37
C ASP A 244 10.88 -16.76 1.06
N LEU A 245 11.40 -16.61 -0.15
CA LEU A 245 12.51 -17.43 -0.62
C LEU A 245 13.87 -16.84 -0.25
N GLY A 246 13.92 -15.67 0.35
CA GLY A 246 15.17 -15.11 0.82
C GLY A 246 15.88 -14.26 -0.22
N GLY A 247 16.17 -13.00 0.13
CA GLY A 247 16.90 -12.10 -0.73
C GLY A 247 16.08 -11.48 -1.85
N ARG A 248 14.90 -12.02 -2.13
CA ARG A 248 14.02 -11.50 -3.18
C ARG A 248 12.63 -11.26 -2.60
N SER A 249 11.96 -10.26 -3.14
CA SER A 249 10.66 -9.87 -2.61
C SER A 249 9.70 -11.05 -2.63
N PRO A 250 9.08 -11.41 -1.51
CA PRO A 250 8.26 -12.63 -1.49
C PRO A 250 7.16 -12.59 -2.53
N ARG A 251 6.95 -13.72 -3.19
CA ARG A 251 5.94 -13.84 -4.23
C ARG A 251 4.62 -14.27 -3.61
N TRP A 252 3.59 -13.44 -3.81
CA TRP A 252 2.26 -13.69 -3.29
C TRP A 252 1.34 -14.07 -4.44
N LEU A 253 0.70 -15.23 -4.32
CA LEU A 253 0.00 -15.87 -5.41
C LEU A 253 -1.49 -15.97 -5.10
N SER A 254 -2.32 -15.76 -6.12
CA SER A 254 -3.76 -15.95 -6.00
C SER A 254 -4.09 -17.38 -6.44
N CYS A 255 -4.60 -18.18 -5.51
CA CYS A 255 -4.83 -19.60 -5.74
C CYS A 255 -6.32 -19.86 -5.94
N HIS A 256 -6.65 -20.59 -7.01
CA HIS A 256 -8.00 -21.00 -7.31
C HIS A 256 -7.98 -22.43 -7.79
N GLY A 257 -9.11 -23.13 -7.64
CA GLY A 257 -9.18 -24.51 -8.05
C GLY A 257 -10.60 -25.04 -8.19
N ARG A 258 -10.75 -26.13 -8.93
CA ARG A 258 -12.06 -26.74 -9.13
C ARG A 258 -11.89 -28.22 -9.44
N ALA A 259 -12.96 -28.98 -9.21
CA ALA A 259 -12.95 -30.41 -9.47
C ALA A 259 -13.38 -30.67 -10.90
N ILE A 260 -12.59 -31.49 -11.59
CA ILE A 260 -12.81 -31.80 -13.00
C ILE A 260 -13.20 -33.27 -13.08
N HIS A 261 -14.35 -33.55 -13.67
CA HIS A 261 -15.01 -34.84 -13.53
C HIS A 261 -15.03 -35.61 -14.85
N ILE A 262 -14.59 -36.86 -14.81
CA ILE A 262 -14.60 -37.76 -15.96
C ILE A 262 -15.53 -38.93 -15.66
N GLU A 263 -16.44 -39.22 -16.59
CA GLU A 263 -17.30 -40.39 -16.47
C GLU A 263 -16.57 -41.63 -16.96
N ASN A 264 -17.09 -42.80 -16.56
CA ASN A 264 -16.48 -44.05 -16.97
C ASN A 264 -16.72 -44.31 -18.45
N GLU A 265 -15.75 -44.93 -19.11
CA GLU A 265 -15.79 -45.14 -20.55
C GLU A 265 -16.05 -46.58 -20.95
N GLN A 266 -15.66 -47.55 -20.14
CA GLN A 266 -15.67 -48.95 -20.54
C GLN A 266 -17.02 -49.34 -21.13
N ALA A 267 -16.98 -50.32 -22.04
CA ALA A 267 -18.19 -50.74 -22.74
C ALA A 267 -19.27 -51.23 -21.79
N HIS A 268 -18.87 -51.93 -20.72
CA HIS A 268 -19.87 -52.55 -19.84
C HIS A 268 -20.63 -51.54 -18.99
N VAL A 269 -20.21 -50.28 -18.98
CA VAL A 269 -20.90 -49.25 -18.21
C VAL A 269 -21.69 -48.30 -19.11
N PHE A 270 -22.11 -48.77 -20.29
CA PHE A 270 -22.91 -47.93 -21.17
C PHE A 270 -24.22 -47.54 -20.51
N PHE A 271 -24.84 -48.48 -19.78
CA PHE A 271 -26.12 -48.24 -19.15
C PHE A 271 -26.01 -47.49 -17.82
N ALA A 272 -24.81 -47.37 -17.25
CA ALA A 272 -24.62 -46.73 -15.95
C ALA A 272 -23.20 -46.20 -15.85
N PRO A 273 -22.91 -45.08 -16.51
CA PRO A 273 -21.58 -44.47 -16.38
C PRO A 273 -21.34 -43.96 -14.96
N THR A 274 -20.07 -43.99 -14.55
CA THR A 274 -19.66 -43.52 -13.24
C THR A 274 -18.56 -42.47 -13.39
N GLU A 275 -18.55 -41.51 -12.47
CA GLU A 275 -17.68 -40.35 -12.57
C GLU A 275 -16.50 -40.44 -11.62
N GLU A 276 -15.34 -39.98 -12.10
CA GLU A 276 -14.16 -39.76 -11.27
C GLU A 276 -13.91 -38.26 -11.18
N ARG A 277 -12.83 -37.88 -10.50
CA ARG A 277 -12.54 -36.49 -10.20
C ARG A 277 -11.06 -36.20 -10.38
N TYR A 278 -10.74 -35.24 -11.24
CA TYR A 278 -9.45 -34.56 -11.21
C TYR A 278 -9.57 -33.30 -10.35
N LEU A 279 -8.44 -32.63 -10.16
CA LEU A 279 -8.38 -31.39 -9.40
C LEU A 279 -7.65 -30.33 -10.21
N LEU A 280 -8.29 -29.18 -10.38
CA LEU A 280 -7.68 -28.05 -11.05
C LEU A 280 -7.08 -27.11 -10.01
N LEU A 281 -5.85 -26.66 -10.27
CA LEU A 281 -5.20 -25.63 -9.48
C LEU A 281 -4.84 -24.47 -10.41
N THR A 282 -5.39 -23.29 -10.13
CA THR A 282 -5.09 -22.08 -10.88
C THR A 282 -4.35 -21.13 -9.96
N ILE A 283 -3.16 -20.72 -10.37
CA ILE A 283 -2.25 -19.94 -9.53
C ILE A 283 -1.88 -18.68 -10.28
N ASN A 284 -2.26 -17.51 -9.74
CA ASN A 284 -2.06 -16.23 -10.39
C ASN A 284 -1.08 -15.38 -9.59
N ASP A 285 -0.28 -14.60 -10.31
CA ASP A 285 0.74 -13.76 -9.68
C ASP A 285 0.11 -12.45 -9.23
N ILE A 286 0.16 -12.20 -7.91
CA ILE A 286 -0.32 -10.96 -7.34
C ILE A 286 0.76 -10.39 -6.42
N SER A 287 2.01 -10.75 -6.69
CA SER A 287 3.10 -10.38 -5.79
C SER A 287 3.24 -8.86 -5.68
N GLU A 288 3.47 -8.18 -6.81
CA GLU A 288 3.68 -6.74 -6.78
C GLU A 288 2.44 -6.00 -6.27
N LEU A 289 1.26 -6.60 -6.43
CA LEU A 289 0.03 -5.92 -6.02
C LEU A 289 0.00 -5.69 -4.51
N ARG A 290 0.21 -6.75 -3.73
CA ARG A 290 0.08 -6.63 -2.28
C ARG A 290 1.22 -5.81 -1.68
N GLN A 291 2.44 -6.03 -2.17
CA GLN A 291 3.57 -5.27 -1.62
C GLN A 291 3.43 -3.79 -1.94
N LYS A 292 2.89 -3.45 -3.11
CA LYS A 292 2.80 -2.05 -3.50
C LYS A 292 1.83 -1.29 -2.63
N GLN A 293 0.86 -1.98 -2.03
CA GLN A 293 0.02 -1.34 -1.02
C GLN A 293 0.87 -0.78 0.11
N GLN A 294 1.90 -1.53 0.51
CA GLN A 294 2.78 -1.12 1.59
C GLN A 294 3.51 0.18 1.25
N ASP A 295 3.94 0.32 -0.01
CA ASP A 295 4.81 1.43 -0.39
C ASP A 295 4.10 2.77 -0.24
N SER A 296 2.89 2.89 -0.80
CA SER A 296 2.20 4.17 -0.78
C SER A 296 1.95 4.64 0.64
N ARG A 297 1.35 3.78 1.46
CA ARG A 297 1.16 4.11 2.87
C ARG A 297 2.51 4.37 3.55
N LEU A 298 3.54 3.62 3.16
CA LEU A 298 4.89 3.94 3.62
C LEU A 298 5.33 5.32 3.14
N ASN A 299 4.96 5.68 1.91
CA ASN A 299 5.40 6.95 1.36
C ASN A 299 4.55 8.11 1.88
N ALA A 300 3.23 7.91 1.99
CA ALA A 300 2.41 8.89 2.66
C ALA A 300 2.84 9.03 4.12
N LEU A 301 3.35 7.94 4.68
CA LEU A 301 3.88 7.98 6.04
C LEU A 301 5.05 8.96 6.15
N LYS A 302 6.08 8.78 5.32
CA LYS A 302 7.20 9.72 5.38
C LYS A 302 6.79 11.10 4.88
N ALA A 303 5.85 11.16 3.94
CA ALA A 303 5.38 12.45 3.43
C ALA A 303 4.69 13.25 4.53
N LEU A 304 3.70 12.64 5.19
CA LEU A 304 2.91 13.37 6.17
C LEU A 304 3.78 13.85 7.33
N MET A 305 4.66 12.98 7.85
CA MET A 305 5.60 13.40 8.88
C MET A 305 6.55 14.46 8.36
N ALA A 306 6.95 14.38 7.10
CA ALA A 306 8.02 15.24 6.60
C ALA A 306 7.70 16.71 6.77
N GLU A 307 6.41 17.06 6.83
CA GLU A 307 6.04 18.46 7.00
C GLU A 307 6.27 18.96 8.41
N GLU A 308 6.21 18.06 9.40
CA GLU A 308 6.25 18.53 10.79
C GLU A 308 7.64 18.99 11.19
N GLU A 309 8.69 18.22 10.86
CA GLU A 309 10.03 18.64 11.24
C GLU A 309 10.34 20.02 10.67
N LEU A 310 9.75 20.34 9.51
CA LEU A 310 9.71 21.72 9.06
C LEU A 310 8.87 22.56 10.02
N LEU A 311 7.67 22.08 10.36
CA LEU A 311 6.79 22.84 11.22
C LEU A 311 7.44 23.08 12.59
N GLU A 312 8.02 22.03 13.17
CA GLU A 312 8.84 22.22 14.37
C GLU A 312 10.12 22.95 14.03
N GLY A 313 10.74 22.64 12.90
CA GLY A 313 11.96 23.33 12.50
C GLY A 313 11.75 24.81 12.30
N MET A 314 10.68 25.18 11.59
CA MET A 314 10.37 26.59 11.40
C MET A 314 10.02 27.26 12.74
N ARG A 315 9.26 26.56 13.58
CA ARG A 315 9.02 27.08 14.93
C ARG A 315 10.30 27.08 15.75
N GLU A 316 11.09 26.01 15.65
CA GLU A 316 12.33 25.93 16.43
C GLU A 316 13.36 26.94 15.93
N THR A 317 13.58 26.99 14.62
CA THR A 317 14.57 27.92 14.08
C THR A 317 14.22 29.36 14.45
N PHE A 318 12.94 29.69 14.47
CA PHE A 318 12.53 31.04 14.84
C PHE A 318 12.51 31.22 16.35
N ASN A 319 12.42 30.12 17.11
CA ASN A 319 12.52 30.22 18.56
C ASN A 319 13.89 30.74 18.97
N ALA A 320 14.87 30.65 18.09
CA ALA A 320 16.18 31.21 18.38
C ALA A 320 16.21 32.72 18.18
N ALA A 321 15.39 33.24 17.27
CA ALA A 321 15.49 34.66 16.91
C ALA A 321 15.22 35.56 18.11
N ILE A 322 13.98 35.53 18.63
CA ILE A 322 13.64 36.38 19.76
C ILE A 322 14.48 36.01 20.97
N HIS A 323 14.70 34.71 21.21
CA HIS A 323 15.45 34.29 22.39
C HIS A 323 16.79 35.00 22.46
N ARG A 324 17.57 34.94 21.37
CA ARG A 324 18.84 35.65 21.35
C ARG A 324 18.63 37.16 21.44
N LEU A 325 17.53 37.66 20.87
CA LEU A 325 17.22 39.09 20.95
C LEU A 325 16.70 39.45 22.34
N GLN A 326 15.82 38.61 22.90
CA GLN A 326 15.12 38.98 24.13
C GLN A 326 16.09 39.29 25.25
N GLY A 327 17.26 38.66 25.24
CA GLY A 327 18.22 38.86 26.29
C GLY A 327 18.86 40.24 26.24
N PRO A 328 19.67 40.49 25.21
CA PRO A 328 20.36 41.79 25.13
C PRO A 328 19.39 42.97 25.10
N VAL A 329 18.22 42.79 24.49
CA VAL A 329 17.29 43.89 24.33
C VAL A 329 16.74 44.35 25.68
N ASN A 330 16.29 43.40 26.50
CA ASN A 330 15.65 43.76 27.76
C ASN A 330 16.64 44.43 28.72
N LEU A 331 17.89 43.96 28.73
CA LEU A 331 18.92 44.61 29.52
C LEU A 331 18.96 46.11 29.24
N ILE A 332 18.79 46.47 27.97
CA ILE A 332 18.75 47.87 27.58
C ILE A 332 17.44 48.51 28.04
N SER A 333 16.32 47.81 27.88
CA SER A 333 15.03 48.37 28.25
C SER A 333 15.03 48.82 29.70
N ALA A 334 15.75 48.12 30.57
CA ALA A 334 15.90 48.57 31.95
C ALA A 334 16.79 49.81 32.01
N ALA A 335 17.83 49.87 31.19
CA ALA A 335 18.84 50.91 31.35
C ALA A 335 18.25 52.30 31.23
N MET A 336 17.27 52.50 30.33
CA MET A 336 16.62 53.80 30.24
C MET A 336 15.93 54.14 31.55
N ARG A 337 15.24 53.18 32.15
CA ARG A 337 14.60 53.41 33.44
C ARG A 337 15.64 53.54 34.55
N MET A 338 16.82 52.99 34.34
CA MET A 338 17.90 53.14 35.31
C MET A 338 18.47 54.55 35.29
N LEU A 339 18.99 54.98 34.14
CA LEU A 339 19.58 56.30 34.05
C LEU A 339 18.56 57.40 34.28
N GLU A 340 17.28 57.12 34.05
CA GLU A 340 16.25 58.12 34.24
C GLU A 340 16.03 58.42 35.72
N ARG A 341 15.98 57.38 36.55
CA ARG A 341 15.53 57.57 37.92
C ARG A 341 16.52 58.36 38.76
N ARG A 342 17.81 58.01 38.69
CA ARG A 342 18.78 58.75 39.47
C ARG A 342 18.94 60.18 38.96
N LEU A 343 19.04 60.35 37.65
CA LEU A 343 19.23 61.67 37.08
C LEU A 343 17.97 62.52 37.11
N GLY A 344 16.80 61.89 37.00
CA GLY A 344 15.56 62.64 37.13
C GLY A 344 15.42 63.69 36.05
N ASP A 345 15.40 64.96 36.46
CA ASP A 345 15.16 66.04 35.52
C ASP A 345 16.23 66.11 34.44
N LYS A 346 17.50 66.01 34.82
CA LYS A 346 18.60 66.05 33.86
C LYS A 346 18.62 64.83 32.94
N ALA A 347 17.87 63.78 33.29
CA ALA A 347 17.90 62.56 32.48
C ALA A 347 17.47 62.86 31.05
N GLY A 348 16.43 63.66 30.87
CA GLY A 348 15.95 63.97 29.53
C GLY A 348 16.99 64.65 28.66
N ASN A 349 17.98 65.31 29.26
CA ASN A 349 19.06 65.96 28.52
C ASN A 349 20.29 65.09 28.38
N ASP A 350 20.26 63.86 28.89
CA ASP A 350 21.42 62.98 28.82
C ASP A 350 21.44 62.26 27.48
N PRO A 351 22.46 62.45 26.63
CA PRO A 351 22.52 61.67 25.40
C PRO A 351 22.60 60.18 25.65
N VAL A 352 23.13 59.78 26.80
CA VAL A 352 23.18 58.36 27.15
C VAL A 352 21.78 57.80 27.31
N LEU A 353 20.90 58.56 27.98
CA LEU A 353 19.54 58.08 28.21
C LEU A 353 18.82 57.78 26.90
N SER A 354 19.15 58.52 25.84
CA SER A 354 18.57 58.24 24.54
C SER A 354 19.24 57.03 23.89
N ALA A 355 20.52 56.79 24.22
CA ALA A 355 21.26 55.74 23.54
C ALA A 355 20.65 54.36 23.79
N MET A 356 20.44 54.00 25.06
CA MET A 356 19.84 52.69 25.32
C MET A 356 18.37 52.66 24.90
N ARG A 357 17.66 53.78 25.07
CA ARG A 357 16.27 53.84 24.62
C ARG A 357 16.15 53.41 23.17
N GLU A 358 17.02 53.95 22.30
CA GLU A 358 16.97 53.56 20.89
C GLU A 358 17.29 52.07 20.72
N ALA A 359 18.29 51.57 21.44
CA ALA A 359 18.62 50.15 21.34
C ALA A 359 17.48 49.28 21.83
N SER A 360 16.85 49.67 22.95
CA SER A 360 15.76 48.87 23.50
C SER A 360 14.53 48.94 22.60
N THR A 361 14.21 50.13 22.08
CA THR A 361 13.03 50.28 21.24
C THR A 361 13.16 49.45 19.97
N ALA A 362 14.34 49.45 19.34
CA ALA A 362 14.53 48.66 18.14
C ALA A 362 14.31 47.18 18.41
N GLY A 363 14.87 46.67 19.51
CA GLY A 363 14.62 45.29 19.87
C GLY A 363 13.16 45.04 20.23
N MET A 364 12.58 45.91 21.05
CA MET A 364 11.19 45.74 21.44
C MET A 364 10.28 45.69 20.21
N GLU A 365 10.58 46.49 19.19
CA GLU A 365 9.86 46.39 17.93
C GLU A 365 10.03 45.01 17.32
N ALA A 366 11.25 44.49 17.32
CA ALA A 366 11.48 43.15 16.81
C ALA A 366 10.72 42.11 17.64
N LEU A 367 10.79 42.21 18.96
CA LEU A 367 10.11 41.21 19.80
C LEU A 367 8.61 41.20 19.54
N GLU A 368 8.01 42.38 19.38
CA GLU A 368 6.59 42.43 19.03
C GLU A 368 6.36 41.90 17.63
N ASN A 369 7.09 42.41 16.64
CA ASN A 369 6.93 41.95 15.27
C ASN A 369 7.29 40.47 15.15
N LEU A 370 8.39 40.06 15.78
CA LEU A 370 8.78 38.66 15.75
C LEU A 370 7.73 37.79 16.43
N SER A 371 7.20 38.23 17.57
CA SER A 371 6.20 37.45 18.28
C SER A 371 4.86 37.48 17.57
N GLY A 372 4.49 38.62 16.98
CA GLY A 372 3.17 38.79 16.44
C GLY A 372 2.89 38.00 15.18
N SER A 373 3.92 37.68 14.42
CA SER A 373 3.76 36.95 13.16
C SER A 373 4.12 35.48 13.28
N ILE A 374 4.17 34.94 14.50
CA ILE A 374 4.53 33.53 14.67
C ILE A 374 3.36 32.65 14.24
N PRO A 375 3.59 31.56 13.51
CA PRO A 375 2.48 30.70 13.11
C PRO A 375 1.74 30.14 14.31
N VAL A 376 0.41 30.08 14.20
CA VAL A 376 -0.41 29.41 15.20
C VAL A 376 -0.87 28.09 14.61
N ARG A 377 -0.41 26.98 15.21
CA ARG A 377 -0.65 25.66 14.65
C ARG A 377 -2.14 25.38 14.50
N MET A 378 -2.53 24.96 13.30
CA MET A 378 -3.89 24.47 13.10
C MET A 378 -4.07 23.11 13.78
N ALA A 379 -5.29 22.83 14.19
CA ALA A 379 -5.57 21.57 14.88
C ALA A 379 -5.51 20.42 13.88
N GLU A 380 -4.34 19.79 13.78
CA GLU A 380 -4.20 18.61 12.92
C GLU A 380 -5.20 17.56 13.36
N SER A 381 -5.93 16.99 12.40
CA SER A 381 -6.99 16.04 12.70
C SER A 381 -6.49 14.95 13.64
N LYS A 382 -7.05 14.88 14.84
CA LYS A 382 -6.69 13.83 15.78
C LYS A 382 -7.41 12.55 15.41
N MET A 383 -6.65 11.56 14.95
CA MET A 383 -7.19 10.32 14.42
C MET A 383 -6.50 9.14 15.07
N PRO A 384 -7.14 7.96 15.06
CA PRO A 384 -6.51 6.77 15.65
C PRO A 384 -5.21 6.42 14.96
N VAL A 385 -4.13 6.39 15.73
CA VAL A 385 -2.79 6.11 15.23
C VAL A 385 -2.31 4.80 15.81
N ASN A 386 -1.85 3.90 14.93
CA ASN A 386 -1.25 2.63 15.36
C ASN A 386 0.26 2.83 15.43
N LEU A 387 0.77 2.94 16.65
CA LEU A 387 2.18 3.27 16.84
C LEU A 387 3.08 2.16 16.31
N ASN A 388 2.73 0.90 16.58
CA ASN A 388 3.51 -0.21 16.03
C ASN A 388 3.48 -0.21 14.50
N GLN A 389 2.31 0.06 13.92
CA GLN A 389 2.20 0.15 12.47
C GLN A 389 3.22 1.14 11.90
N LEU A 390 3.35 2.30 12.53
CA LEU A 390 4.26 3.32 12.02
C LEU A 390 5.72 2.91 12.20
N ILE A 391 6.07 2.42 13.39
CA ILE A 391 7.47 2.10 13.66
C ILE A 391 7.94 0.96 12.75
N ARG A 392 7.09 -0.05 12.55
CA ARG A 392 7.38 -1.05 11.52
C ARG A 392 7.58 -0.38 10.17
N GLU A 393 6.89 0.73 9.94
CA GLU A 393 6.93 1.38 8.64
C GLU A 393 8.12 2.33 8.52
N VAL A 394 8.32 3.20 9.53
CA VAL A 394 9.44 4.11 9.49
C VAL A 394 10.75 3.34 9.40
N ILE A 395 10.83 2.20 10.08
CA ILE A 395 12.00 1.34 9.97
C ILE A 395 12.19 0.89 8.52
N THR A 396 11.09 0.63 7.82
CA THR A 396 11.20 0.25 6.41
C THR A 396 11.80 1.39 5.58
N LEU A 397 11.36 2.62 5.82
CA LEU A 397 11.93 3.75 5.09
C LEU A 397 13.41 3.93 5.38
N CYS A 398 13.81 3.81 6.65
CA CYS A 398 15.18 4.04 7.07
C CYS A 398 16.01 2.77 7.10
N THR A 399 15.46 1.65 6.63
CA THR A 399 16.21 0.40 6.65
C THR A 399 17.44 0.47 5.76
N ASP A 400 17.31 1.09 4.58
CA ASP A 400 18.40 1.07 3.61
C ASP A 400 19.68 1.67 4.18
N GLN A 401 19.57 2.83 4.84
CA GLN A 401 20.76 3.45 5.41
C GLN A 401 21.22 2.74 6.68
N LEU A 402 20.35 1.95 7.32
CA LEU A 402 20.80 1.13 8.43
C LEU A 402 21.69 -0.02 7.94
N LEU A 403 21.25 -0.70 6.88
CA LEU A 403 22.08 -1.77 6.31
C LEU A 403 23.34 -1.20 5.66
N ALA A 404 23.30 0.06 5.23
CA ALA A 404 24.49 0.68 4.65
C ALA A 404 25.64 0.69 5.64
N GLN A 405 25.34 0.93 6.92
CA GLN A 405 26.34 0.88 7.97
C GLN A 405 26.48 -0.50 8.60
N GLY A 406 25.77 -1.49 8.07
CA GLY A 406 25.77 -2.80 8.70
C GLY A 406 25.00 -2.85 10.00
N ILE A 407 24.06 -1.93 10.20
CA ILE A 407 23.31 -1.86 11.45
C ILE A 407 22.19 -2.89 11.41
N VAL A 408 22.17 -3.76 12.41
CA VAL A 408 21.12 -4.78 12.52
C VAL A 408 19.88 -4.13 13.13
N VAL A 409 18.75 -4.26 12.44
CA VAL A 409 17.50 -3.67 12.87
C VAL A 409 16.66 -4.78 13.49
N ASP A 410 16.48 -4.73 14.80
CA ASP A 410 15.72 -5.73 15.54
C ASP A 410 14.48 -5.04 16.11
N TRP A 411 13.37 -5.14 15.38
CA TRP A 411 12.11 -4.49 15.75
C TRP A 411 11.20 -5.51 16.43
N GLN A 412 10.69 -5.15 17.60
CA GLN A 412 9.79 -6.00 18.38
C GLN A 412 8.52 -5.21 18.69
N PRO A 413 7.61 -5.08 17.72
CA PRO A 413 6.38 -4.32 18.00
C PRO A 413 5.57 -4.99 19.10
N ALA A 414 5.00 -4.16 19.97
CA ALA A 414 4.17 -4.69 21.05
C ALA A 414 2.94 -5.38 20.46
N LEU A 415 2.63 -6.56 20.99
CA LEU A 415 1.52 -7.34 20.45
C LEU A 415 0.20 -6.59 20.61
N ARG A 416 0.00 -5.93 21.75
CA ARG A 416 -1.19 -5.11 22.00
C ARG A 416 -0.73 -3.73 22.46
N LEU A 417 -0.70 -2.78 21.53
CA LEU A 417 -0.34 -1.41 21.84
C LEU A 417 -1.52 -0.49 21.55
N PRO A 418 -2.06 0.21 22.56
CA PRO A 418 -3.23 1.06 22.30
C PRO A 418 -2.91 2.18 21.33
N TRP A 419 -3.91 2.55 20.54
CA TRP A 419 -3.77 3.63 19.57
C TRP A 419 -3.97 4.97 20.26
N VAL A 420 -3.12 5.93 19.93
CA VAL A 420 -3.16 7.26 20.51
C VAL A 420 -4.03 8.17 19.66
N MET A 421 -4.99 8.83 20.30
CA MET A 421 -5.83 9.81 19.63
C MET A 421 -5.01 11.08 19.40
N GLY A 422 -4.43 11.21 18.21
CA GLY A 422 -3.59 12.37 17.94
C GLY A 422 -3.25 12.44 16.47
N GLY A 423 -2.56 13.53 16.13
CA GLY A 423 -2.11 13.72 14.77
C GLY A 423 -1.07 12.68 14.38
N GLU A 424 -1.43 11.82 13.42
CA GLU A 424 -0.51 10.77 13.01
C GLU A 424 0.80 11.35 12.50
N SER A 425 0.72 12.45 11.75
CA SER A 425 1.93 13.02 11.16
C SER A 425 2.92 13.46 12.23
N SER A 426 2.45 14.12 13.28
CA SER A 426 3.35 14.70 14.27
C SER A 426 4.06 13.63 15.08
N LEU A 427 3.31 12.69 15.64
CA LEU A 427 3.93 11.59 16.38
C LEU A 427 4.86 10.78 15.49
N ARG A 428 4.52 10.70 14.20
CA ARG A 428 5.36 10.01 13.23
C ARG A 428 6.70 10.71 13.06
N SER A 429 6.69 12.05 13.06
CA SER A 429 7.91 12.79 12.74
C SER A 429 9.01 12.55 13.76
N MET A 430 8.65 12.50 15.05
CA MET A 430 9.68 12.47 16.09
C MET A 430 10.48 11.17 16.05
N ILE A 431 9.94 10.13 15.41
CA ILE A 431 10.68 8.87 15.33
C ILE A 431 11.95 9.05 14.50
N LYS A 432 11.85 9.70 13.34
CA LYS A 432 13.00 9.83 12.47
C LYS A 432 14.11 10.64 13.13
N HIS A 433 13.74 11.70 13.86
CA HIS A 433 14.76 12.55 14.47
C HIS A 433 15.65 11.77 15.43
N LEU A 434 15.04 10.93 16.27
CA LEU A 434 15.82 10.20 17.27
C LEU A 434 16.66 9.10 16.63
N VAL A 435 16.08 8.33 15.71
CA VAL A 435 16.79 7.19 15.13
C VAL A 435 17.99 7.66 14.32
N ASP A 436 17.82 8.73 13.54
CA ASP A 436 18.89 9.15 12.63
C ASP A 436 20.15 9.52 13.39
N ASN A 437 20.01 10.32 14.46
CA ASN A 437 21.19 10.76 15.20
C ASN A 437 21.90 9.58 15.86
N ALA A 438 21.13 8.62 16.39
CA ALA A 438 21.74 7.42 16.95
C ALA A 438 22.49 6.64 15.88
N ILE A 439 21.97 6.62 14.65
CA ILE A 439 22.64 5.90 13.57
C ILE A 439 24.00 6.50 13.28
N GLU A 440 24.08 7.84 13.24
CA GLU A 440 25.37 8.47 12.98
C GLU A 440 26.41 8.05 14.01
N SER A 441 25.97 7.65 15.20
CA SER A 441 26.90 7.09 16.17
C SER A 441 27.32 5.67 15.78
N MET A 442 26.55 5.01 14.91
CA MET A 442 26.90 3.66 14.50
C MET A 442 28.13 3.64 13.60
N SER A 443 28.46 4.77 12.97
CA SER A 443 29.64 4.87 12.13
C SER A 443 30.93 5.02 12.94
N GLN A 444 30.83 5.31 14.24
CA GLN A 444 32.01 5.50 15.06
C GLN A 444 32.59 4.17 15.49
N ASN A 445 33.93 4.13 15.61
CA ASN A 445 34.61 2.87 15.86
C ASN A 445 34.36 2.33 17.26
N GLN A 446 33.79 3.11 18.17
CA GLN A 446 33.35 2.55 19.44
C GLN A 446 32.23 1.54 19.26
N VAL A 447 31.63 1.49 18.07
CA VAL A 447 30.56 0.53 17.77
C VAL A 447 31.26 -0.74 17.28
N SER A 448 31.63 -1.60 18.23
CA SER A 448 32.19 -2.89 17.84
C SER A 448 31.21 -3.69 17.01
N ARG A 449 29.94 -3.70 17.43
CA ARG A 449 28.85 -4.27 16.64
C ARG A 449 27.82 -3.18 16.40
N ARG A 450 27.43 -3.01 15.14
CA ARG A 450 26.53 -1.93 14.74
C ARG A 450 25.11 -2.43 14.80
N GLU A 451 24.33 -1.89 15.74
CA GLU A 451 22.98 -2.36 16.04
C GLU A 451 22.09 -1.17 16.28
N LEU A 452 20.85 -1.24 15.76
CA LEU A 452 19.80 -0.29 16.08
C LEU A 452 18.72 -1.05 16.85
N PHE A 453 18.38 -0.55 18.03
CA PHE A 453 17.36 -1.17 18.88
C PHE A 453 16.22 -0.19 19.08
N ILE A 454 15.03 -0.57 18.63
CA ILE A 454 13.81 0.22 18.81
C ILE A 454 12.79 -0.65 19.53
N SER A 455 12.24 -0.11 20.62
CA SER A 455 11.27 -0.83 21.42
C SER A 455 10.14 0.11 21.82
N THR A 456 8.94 -0.46 21.94
CA THR A 456 7.76 0.27 22.42
C THR A 456 7.11 -0.54 23.52
N ARG A 457 6.84 0.12 24.65
CA ARG A 457 6.20 -0.53 25.78
C ARG A 457 5.41 0.51 26.56
N VAL A 458 4.43 0.04 27.32
CA VAL A 458 3.58 0.90 28.12
C VAL A 458 4.06 0.82 29.57
N GLU A 459 4.67 1.90 30.04
CA GLU A 459 5.19 1.97 31.40
C GLU A 459 4.68 3.24 32.06
N ASN A 460 4.26 3.10 33.32
CA ASN A 460 3.67 4.22 34.07
C ASN A 460 2.45 4.78 33.33
N HIS A 461 1.69 3.92 32.67
CA HIS A 461 0.52 4.30 31.89
C HIS A 461 0.87 5.25 30.75
N LEU A 462 2.10 5.17 30.24
CA LEU A 462 2.54 5.97 29.11
C LEU A 462 3.25 5.07 28.11
N VAL A 463 3.12 5.41 26.82
CA VAL A 463 3.81 4.68 25.76
C VAL A 463 5.28 5.07 25.83
N ARG A 464 6.12 4.19 26.36
CA ARG A 464 7.54 4.46 26.52
C ARG A 464 8.28 3.97 25.26
N MET A 465 8.83 4.91 24.50
CA MET A 465 9.61 4.60 23.31
C MET A 465 11.08 4.67 23.67
N GLU A 466 11.77 3.54 23.56
CA GLU A 466 13.20 3.46 23.85
C GLU A 466 13.93 3.11 22.56
N ILE A 467 14.82 4.00 22.12
CA ILE A 467 15.65 3.79 20.95
C ILE A 467 17.09 3.66 21.44
N THR A 468 17.53 2.43 21.66
CA THR A 468 18.88 2.15 22.13
C THR A 468 19.78 1.88 20.95
N ASP A 469 21.03 2.31 21.04
CA ASP A 469 22.03 2.11 20.01
C ASP A 469 23.35 1.69 20.64
N SER A 470 24.19 1.06 19.82
CA SER A 470 25.49 0.54 20.24
C SER A 470 26.64 1.51 19.98
N GLY A 471 26.39 2.80 20.12
CA GLY A 471 27.39 3.80 19.79
C GLY A 471 28.32 4.13 20.94
N PRO A 472 29.23 5.08 20.71
CA PRO A 472 29.96 5.69 21.82
C PRO A 472 29.08 6.48 22.76
N GLY A 473 27.86 6.83 22.35
CA GLY A 473 26.95 7.57 23.18
C GLY A 473 27.27 9.05 23.20
N ILE A 474 26.60 9.76 24.11
CA ILE A 474 26.81 11.19 24.29
C ILE A 474 27.64 11.37 25.56
N PRO A 475 28.63 12.27 25.57
CA PRO A 475 29.37 12.54 26.81
C PRO A 475 28.43 12.94 27.93
N PRO A 476 28.62 12.42 29.14
CA PRO A 476 27.65 12.72 30.22
C PRO A 476 27.43 14.21 30.45
N ASP A 477 28.47 15.03 30.34
CA ASP A 477 28.33 16.46 30.53
C ASP A 477 27.54 17.13 29.42
N LEU A 478 27.51 16.54 28.23
CA LEU A 478 26.81 17.11 27.09
C LEU A 478 25.50 16.41 26.77
N VAL A 479 24.98 15.59 27.69
CA VAL A 479 23.74 14.87 27.41
C VAL A 479 22.59 15.84 27.18
N LEU A 480 22.62 16.99 27.85
CA LEU A 480 21.60 18.01 27.67
C LEU A 480 22.03 19.14 26.75
N LYS A 481 23.30 19.55 26.80
CA LYS A 481 23.74 20.61 25.90
C LYS A 481 23.46 20.25 24.46
N VAL A 482 23.47 18.96 24.12
CA VAL A 482 23.00 18.54 22.80
C VAL A 482 21.55 18.91 22.60
N PHE A 483 20.72 18.81 23.63
CA PHE A 483 19.34 19.25 23.57
C PHE A 483 19.21 20.77 23.49
N GLU A 484 20.25 21.51 23.85
CA GLU A 484 20.20 22.94 23.62
C GLU A 484 20.10 23.21 22.11
N PRO A 485 19.24 24.14 21.69
CA PRO A 485 19.19 24.47 20.27
C PRO A 485 20.56 24.89 19.75
N PHE A 486 20.92 24.34 18.59
CA PHE A 486 22.04 24.71 17.74
C PHE A 486 23.35 24.16 18.28
N PHE A 487 23.37 23.46 19.40
CA PHE A 487 24.57 22.82 19.92
C PHE A 487 24.68 21.43 19.32
N SER A 488 25.83 21.12 18.72
CA SER A 488 26.06 19.84 18.09
C SER A 488 27.50 19.41 18.35
N THR A 489 27.67 18.30 19.07
CA THR A 489 29.01 17.78 19.30
C THR A 489 29.72 17.48 17.99
N LYS A 490 29.07 16.79 17.08
CA LYS A 490 29.54 16.82 15.71
C LYS A 490 29.34 18.24 15.16
N PRO A 491 30.23 18.71 14.30
CA PRO A 491 30.19 20.13 13.93
C PRO A 491 28.88 20.46 13.24
N PRO A 492 28.40 21.71 13.38
CA PRO A 492 27.28 22.14 12.54
C PRO A 492 27.63 22.21 11.06
N HIS A 493 28.88 21.97 10.69
CA HIS A 493 29.29 21.91 9.29
C HIS A 493 28.71 20.72 8.54
N ARG A 494 28.13 19.75 9.25
CA ARG A 494 27.30 18.71 8.65
C ARG A 494 25.85 19.10 8.95
N VAL A 495 24.92 18.16 8.77
CA VAL A 495 23.49 18.44 8.91
C VAL A 495 23.09 18.72 10.36
N GLY A 496 24.07 18.88 11.26
CA GLY A 496 23.83 19.00 12.68
C GLY A 496 23.45 20.40 13.10
N ARG A 497 22.20 20.78 12.82
CA ARG A 497 21.69 22.09 13.20
C ARG A 497 21.44 22.21 14.70
N GLY A 498 21.82 21.22 15.50
CA GLY A 498 21.48 21.28 16.91
C GLY A 498 20.00 21.38 17.20
N MET A 499 19.17 20.89 16.28
CA MET A 499 17.73 21.09 16.34
C MET A 499 16.93 19.80 16.47
N GLY A 500 17.50 18.67 16.09
CA GLY A 500 16.74 17.42 16.15
C GLY A 500 16.28 17.09 17.56
N LEU A 501 17.15 17.29 18.54
CA LEU A 501 16.82 16.98 19.93
C LEU A 501 15.85 18.02 20.49
N PRO A 502 16.06 19.31 20.21
CA PRO A 502 15.02 20.29 20.55
C PRO A 502 13.67 19.97 19.93
N VAL A 503 13.65 19.48 18.69
CA VAL A 503 12.38 19.26 18.00
C VAL A 503 11.60 18.11 18.64
N VAL A 504 12.27 16.99 18.94
CA VAL A 504 11.58 15.85 19.53
C VAL A 504 10.91 16.25 20.83
N GLN A 505 11.59 17.09 21.62
CA GLN A 505 10.97 17.61 22.84
C GLN A 505 9.70 18.39 22.53
N GLU A 506 9.76 19.26 21.52
CA GLU A 506 8.59 20.08 21.20
C GLU A 506 7.41 19.22 20.78
N ILE A 507 7.66 18.20 19.96
CA ILE A 507 6.61 17.24 19.62
C ILE A 507 6.17 16.50 20.87
N VAL A 508 7.12 16.03 21.66
CA VAL A 508 6.80 15.37 22.91
C VAL A 508 6.08 16.33 23.86
N ALA A 509 6.55 17.57 23.93
CA ALA A 509 5.93 18.56 24.80
C ALA A 509 4.51 18.87 24.34
N LYS A 510 4.30 18.99 23.03
CA LYS A 510 2.97 19.25 22.52
C LYS A 510 1.99 18.17 22.97
N HIS A 511 2.48 16.97 23.22
CA HIS A 511 1.69 15.88 23.78
C HIS A 511 1.77 15.85 25.30
N ALA A 512 2.38 16.86 25.93
CA ALA A 512 2.55 16.91 27.38
C ALA A 512 3.35 15.72 27.89
N GLY A 513 4.24 15.18 27.06
CA GLY A 513 5.07 14.07 27.43
C GLY A 513 6.45 14.50 27.91
N MET A 514 7.33 13.51 28.02
CA MET A 514 8.69 13.73 28.48
C MET A 514 9.63 12.77 27.77
N VAL A 515 10.80 13.28 27.38
CA VAL A 515 11.80 12.50 26.65
C VAL A 515 13.14 12.65 27.36
N HIS A 516 13.80 11.52 27.61
CA HIS A 516 15.07 11.54 28.32
C HIS A 516 15.98 10.46 27.76
N VAL A 517 17.28 10.64 27.99
CA VAL A 517 18.28 9.65 27.62
C VAL A 517 18.58 8.78 28.84
N ASP A 518 18.48 7.47 28.68
CA ASP A 518 18.75 6.54 29.77
C ASP A 518 20.24 6.58 30.09
N THR A 519 20.57 7.10 31.27
CA THR A 519 21.97 7.25 31.67
C THR A 519 22.59 5.93 32.15
N ASP A 520 21.77 4.92 32.46
CA ASP A 520 22.30 3.66 32.92
C ASP A 520 23.00 2.91 31.79
N TYR A 521 22.56 3.10 30.55
CA TYR A 521 23.13 2.43 29.39
C TYR A 521 24.28 3.29 28.86
N ARG A 522 25.48 2.70 28.80
CA ARG A 522 26.69 3.42 28.41
C ARG A 522 27.34 2.88 27.15
N GLU A 523 26.89 1.74 26.63
CA GLU A 523 27.41 1.23 25.37
C GLU A 523 26.84 1.99 24.18
N GLY A 524 26.17 3.11 24.42
CA GLY A 524 25.63 3.95 23.37
C GLY A 524 24.74 5.01 23.96
N CYS A 525 23.80 5.49 23.14
CA CYS A 525 22.81 6.45 23.57
C CYS A 525 21.42 5.83 23.48
N ARG A 526 20.74 5.73 24.62
CA ARG A 526 19.38 5.22 24.70
C ARG A 526 18.46 6.37 25.05
N ILE A 527 17.67 6.82 24.07
CA ILE A 527 16.72 7.91 24.26
C ILE A 527 15.36 7.31 24.57
N VAL A 528 14.74 7.81 25.64
CA VAL A 528 13.46 7.32 26.12
C VAL A 528 12.43 8.44 25.94
N VAL A 529 11.32 8.10 25.28
CA VAL A 529 10.23 9.03 25.05
C VAL A 529 8.98 8.46 25.71
N GLU A 530 8.37 9.24 26.59
CA GLU A 530 7.12 8.86 27.26
C GLU A 530 6.02 9.79 26.77
N LEU A 531 4.99 9.21 26.14
CA LEU A 531 3.89 9.98 25.60
C LEU A 531 2.56 9.37 26.03
N PRO A 532 1.56 10.21 26.33
CA PRO A 532 0.25 9.66 26.69
C PRO A 532 -0.42 8.97 25.51
N PHE A 533 -1.22 7.96 25.83
CA PHE A 533 -1.97 7.21 24.83
C PHE A 533 -3.44 7.18 25.23
N SER A 534 -4.30 6.95 24.25
CA SER A 534 -5.73 6.84 24.48
C SER A 534 -6.04 5.44 24.99
N ALA A 535 -6.63 5.36 26.19
CA ALA A 535 -6.95 4.07 26.79
C ALA A 535 -7.99 3.33 25.96
N GLU B 39 -29.09 -65.64 -54.44
CA GLU B 39 -29.07 -65.59 -55.90
C GLU B 39 -28.10 -66.63 -56.47
N LEU B 40 -27.11 -67.00 -55.67
CA LEU B 40 -26.07 -67.92 -56.08
C LEU B 40 -26.40 -69.34 -55.61
N LEU B 41 -25.45 -70.25 -55.76
CA LEU B 41 -25.66 -71.63 -55.36
C LEU B 41 -25.94 -71.68 -53.86
N PRO B 42 -26.88 -72.52 -53.40
CA PRO B 42 -27.15 -72.59 -51.96
C PRO B 42 -25.93 -72.93 -51.13
N GLU B 43 -25.03 -73.79 -51.64
CA GLU B 43 -23.87 -74.20 -50.86
C GLU B 43 -22.97 -73.02 -50.54
N ILE B 44 -22.92 -72.01 -51.40
CA ILE B 44 -22.09 -70.83 -51.13
C ILE B 44 -22.59 -70.13 -49.88
N PHE B 45 -23.90 -70.01 -49.72
CA PHE B 45 -24.45 -69.32 -48.56
C PHE B 45 -24.08 -70.02 -47.26
N ARG B 46 -24.09 -71.35 -47.26
CA ARG B 46 -23.66 -72.09 -46.06
C ARG B 46 -22.21 -71.76 -45.73
N GLN B 47 -21.33 -71.76 -46.73
CA GLN B 47 -19.96 -71.35 -46.50
C GLN B 47 -19.85 -69.86 -46.24
N THR B 48 -20.80 -69.07 -46.76
CA THR B 48 -20.81 -67.64 -46.47
C THR B 48 -20.99 -67.40 -44.98
N VAL B 49 -21.91 -68.13 -44.36
CA VAL B 49 -22.13 -67.98 -42.93
C VAL B 49 -20.95 -68.55 -42.14
N GLU B 50 -20.45 -69.72 -42.56
CA GLU B 50 -19.34 -70.35 -41.83
C GLU B 50 -18.12 -69.43 -41.79
N HIS B 51 -17.79 -68.81 -42.93
CA HIS B 51 -16.66 -67.90 -43.02
C HIS B 51 -17.03 -66.47 -42.68
N ALA B 52 -18.27 -66.22 -42.26
CA ALA B 52 -18.69 -64.86 -41.96
C ALA B 52 -17.88 -64.31 -40.80
N PRO B 53 -17.31 -63.11 -40.92
CA PRO B 53 -16.48 -62.58 -39.82
C PRO B 53 -17.23 -62.37 -38.52
N ILE B 54 -18.55 -62.20 -38.56
CA ILE B 54 -19.34 -61.98 -37.36
C ILE B 54 -19.93 -63.29 -36.87
N ALA B 55 -20.26 -63.27 -35.59
CA ALA B 55 -20.86 -64.41 -34.89
C ALA B 55 -22.27 -64.64 -35.43
N ILE B 56 -22.43 -65.69 -36.24
CA ILE B 56 -23.73 -66.03 -36.83
C ILE B 56 -24.13 -67.41 -36.33
N SER B 57 -25.35 -67.51 -35.80
CA SER B 57 -25.91 -68.77 -35.34
C SER B 57 -27.34 -68.90 -35.83
N ILE B 58 -27.75 -70.12 -36.16
CA ILE B 58 -29.12 -70.42 -36.57
C ILE B 58 -29.77 -71.21 -35.46
N THR B 59 -30.93 -70.74 -34.99
CA THR B 59 -31.57 -71.26 -33.81
C THR B 59 -33.01 -71.66 -34.12
N ASP B 60 -33.57 -72.48 -33.23
CA ASP B 60 -34.96 -72.89 -33.35
C ASP B 60 -35.86 -71.77 -32.83
N LEU B 61 -37.15 -72.06 -32.67
CA LEU B 61 -38.09 -71.06 -32.18
C LEU B 61 -37.83 -70.67 -30.73
N LYS B 62 -37.14 -71.51 -29.96
CA LYS B 62 -36.80 -71.20 -28.58
C LYS B 62 -35.44 -70.52 -28.47
N ALA B 63 -34.77 -70.29 -29.60
CA ALA B 63 -33.46 -69.64 -29.66
C ALA B 63 -32.32 -70.56 -29.22
N ASN B 64 -32.51 -71.88 -29.33
CA ASN B 64 -31.42 -72.82 -29.10
C ASN B 64 -30.58 -72.91 -30.36
N ILE B 65 -29.27 -72.70 -30.21
CA ILE B 65 -28.38 -72.65 -31.36
C ILE B 65 -28.29 -74.03 -32.00
N LEU B 66 -28.58 -74.11 -33.30
CA LEU B 66 -28.43 -75.35 -34.05
C LEU B 66 -27.17 -75.38 -34.89
N TYR B 67 -26.65 -74.22 -35.29
CA TYR B 67 -25.44 -74.15 -36.09
C TYR B 67 -24.64 -72.93 -35.66
N ALA B 68 -23.31 -73.04 -35.75
CA ALA B 68 -22.41 -71.95 -35.39
C ALA B 68 -21.32 -71.83 -36.44
N ASN B 69 -20.90 -70.61 -36.72
CA ASN B 69 -19.88 -70.36 -37.71
C ASN B 69 -18.50 -70.21 -37.06
N ARG B 70 -17.48 -70.00 -37.89
CA ARG B 70 -16.13 -69.82 -37.37
C ARG B 70 -16.03 -68.59 -36.49
N ALA B 71 -16.62 -67.49 -36.93
CA ALA B 71 -16.51 -66.24 -36.17
C ALA B 71 -17.16 -66.35 -34.80
N PHE B 72 -18.31 -67.02 -34.71
CA PHE B 72 -18.96 -67.16 -33.41
C PHE B 72 -17.97 -67.74 -32.40
N ARG B 73 -17.20 -68.75 -32.85
CA ARG B 73 -16.14 -69.31 -32.02
C ARG B 73 -15.07 -68.25 -31.71
N THR B 74 -14.64 -67.50 -32.72
CA THR B 74 -13.57 -66.53 -32.52
C THR B 74 -14.04 -65.37 -31.65
N ILE B 75 -15.28 -64.92 -31.85
CA ILE B 75 -15.76 -63.73 -31.15
C ILE B 75 -16.23 -64.10 -29.74
N THR B 76 -17.13 -65.08 -29.64
CA THR B 76 -17.71 -65.43 -28.35
C THR B 76 -16.85 -66.40 -27.54
N GLY B 77 -15.89 -67.06 -28.17
CA GLY B 77 -15.02 -67.99 -27.48
C GLY B 77 -15.60 -69.36 -27.24
N TYR B 78 -16.80 -69.64 -27.73
CA TYR B 78 -17.44 -70.93 -27.54
C TYR B 78 -17.02 -71.88 -28.67
N GLY B 79 -16.70 -73.12 -28.30
CA GLY B 79 -16.29 -74.08 -29.29
C GLY B 79 -17.45 -74.57 -30.14
N SER B 80 -17.11 -75.10 -31.32
CA SER B 80 -18.12 -75.50 -32.29
C SER B 80 -19.12 -76.46 -31.66
N GLU B 81 -18.62 -77.50 -30.98
CA GLU B 81 -19.49 -78.50 -30.40
C GLU B 81 -20.16 -78.02 -29.12
N GLU B 82 -19.49 -77.19 -28.33
CA GLU B 82 -20.07 -76.66 -27.12
C GLU B 82 -21.28 -75.78 -27.41
N VAL B 83 -21.41 -75.29 -28.65
CA VAL B 83 -22.45 -74.33 -29.00
C VAL B 83 -23.73 -75.03 -29.43
N LEU B 84 -23.60 -76.13 -30.17
CA LEU B 84 -24.75 -76.86 -30.67
C LEU B 84 -25.60 -77.38 -29.51
N GLY B 85 -26.88 -77.02 -29.51
CA GLY B 85 -27.81 -77.44 -28.48
C GLY B 85 -27.87 -76.52 -27.28
N LYS B 86 -26.92 -75.60 -27.12
CA LYS B 86 -26.96 -74.68 -26.00
C LYS B 86 -27.83 -73.47 -26.31
N ASN B 87 -28.53 -73.01 -25.27
CA ASN B 87 -29.38 -71.83 -25.41
C ASN B 87 -28.53 -70.57 -25.53
N GLU B 88 -29.06 -69.59 -26.27
CA GLU B 88 -28.39 -68.32 -26.43
C GLU B 88 -28.23 -67.55 -25.11
N SER B 89 -28.96 -67.94 -24.07
CA SER B 89 -28.86 -67.25 -22.79
C SER B 89 -27.44 -67.28 -22.23
N ILE B 90 -26.60 -68.22 -22.67
CA ILE B 90 -25.21 -68.24 -22.25
C ILE B 90 -24.54 -66.92 -22.57
N LEU B 91 -24.90 -66.30 -23.69
CA LEU B 91 -24.38 -64.99 -24.06
C LEU B 91 -25.00 -63.86 -23.24
N SER B 92 -26.21 -64.07 -22.71
CA SER B 92 -26.86 -63.04 -21.91
C SER B 92 -26.18 -62.93 -20.55
N ASN B 93 -25.94 -61.70 -20.11
CA ASN B 93 -25.32 -61.43 -18.82
C ASN B 93 -26.28 -60.81 -17.81
N GLY B 94 -27.42 -60.28 -18.24
CA GLY B 94 -28.36 -59.62 -17.37
C GLY B 94 -28.11 -58.14 -17.18
N THR B 95 -26.94 -57.64 -17.57
CA THR B 95 -26.69 -56.20 -17.45
C THR B 95 -27.62 -55.40 -18.35
N THR B 96 -27.85 -55.88 -19.56
CA THR B 96 -28.74 -55.19 -20.48
C THR B 96 -30.17 -55.18 -19.92
N PRO B 97 -30.88 -54.06 -19.98
CA PRO B 97 -32.25 -54.05 -19.46
C PRO B 97 -33.12 -55.09 -20.16
N ARG B 98 -33.99 -55.74 -19.39
CA ARG B 98 -34.86 -56.76 -19.94
C ARG B 98 -35.91 -56.16 -20.88
N LEU B 99 -36.16 -54.85 -20.80
CA LEU B 99 -37.21 -54.24 -21.60
C LEU B 99 -36.96 -54.43 -23.08
N VAL B 100 -35.71 -54.27 -23.52
CA VAL B 100 -35.39 -54.39 -24.93
C VAL B 100 -35.69 -55.80 -25.44
N TYR B 101 -35.60 -56.80 -24.56
CA TYR B 101 -35.78 -58.18 -25.01
C TYR B 101 -37.22 -58.44 -25.45
N GLN B 102 -38.19 -57.79 -24.81
CA GLN B 102 -39.56 -57.86 -25.31
C GLN B 102 -39.66 -57.28 -26.70
N ALA B 103 -39.00 -56.15 -26.94
CA ALA B 103 -38.92 -55.61 -28.29
C ALA B 103 -38.20 -56.58 -29.22
N LEU B 104 -37.14 -57.21 -28.73
CA LEU B 104 -36.44 -58.23 -29.51
C LEU B 104 -37.39 -59.35 -29.90
N TRP B 105 -37.94 -60.04 -28.91
CA TRP B 105 -38.87 -61.13 -29.19
C TRP B 105 -40.16 -60.61 -29.82
N GLY B 106 -40.63 -59.43 -29.40
CA GLY B 106 -41.91 -58.94 -29.89
C GLY B 106 -41.90 -58.65 -31.38
N ARG B 107 -40.85 -57.98 -31.86
CA ARG B 107 -40.83 -57.59 -33.28
C ARG B 107 -40.68 -58.81 -34.19
N LEU B 108 -40.18 -59.93 -33.66
CA LEU B 108 -40.10 -61.15 -34.46
C LEU B 108 -41.49 -61.67 -34.79
N ALA B 109 -42.47 -61.44 -33.90
CA ALA B 109 -43.79 -61.99 -34.10
C ALA B 109 -44.45 -61.47 -35.38
N GLN B 110 -44.31 -60.18 -35.66
CA GLN B 110 -44.92 -59.57 -36.84
C GLN B 110 -44.05 -59.66 -38.08
N LYS B 111 -43.04 -60.54 -38.08
CA LYS B 111 -42.15 -60.71 -39.23
C LYS B 111 -41.47 -59.38 -39.59
N LYS B 112 -40.88 -58.74 -38.58
CA LYS B 112 -40.14 -57.51 -38.79
C LYS B 112 -38.78 -57.60 -38.12
N PRO B 113 -37.73 -57.04 -38.73
CA PRO B 113 -36.42 -57.06 -38.09
C PRO B 113 -36.37 -56.20 -36.85
N TRP B 114 -35.57 -56.63 -35.89
CA TRP B 114 -35.30 -55.88 -34.66
C TRP B 114 -33.82 -55.55 -34.60
N SER B 115 -33.50 -54.28 -34.34
CA SER B 115 -32.12 -53.83 -34.24
C SER B 115 -31.92 -53.15 -32.90
N GLY B 116 -30.82 -53.48 -32.24
CA GLY B 116 -30.53 -52.89 -30.95
C GLY B 116 -29.14 -53.31 -30.50
N VAL B 117 -28.71 -52.71 -29.39
CA VAL B 117 -27.38 -52.94 -28.83
C VAL B 117 -27.53 -53.62 -27.47
N LEU B 118 -26.81 -54.73 -27.29
CA LEU B 118 -26.83 -55.48 -26.04
C LEU B 118 -25.40 -55.67 -25.56
N VAL B 119 -25.24 -55.83 -24.25
CA VAL B 119 -23.96 -56.16 -23.66
C VAL B 119 -23.89 -57.68 -23.55
N ASN B 120 -23.25 -58.31 -24.52
CA ASN B 120 -23.20 -59.77 -24.60
C ASN B 120 -22.09 -60.31 -23.71
N ARG B 121 -22.20 -61.60 -23.39
CA ARG B 121 -21.24 -62.29 -22.54
C ARG B 121 -20.53 -63.36 -23.36
N ARG B 122 -19.21 -63.36 -23.33
CA ARG B 122 -18.42 -64.37 -24.01
C ARG B 122 -18.15 -65.55 -23.06
N LYS B 123 -17.57 -66.61 -23.63
CA LYS B 123 -17.28 -67.79 -22.82
C LYS B 123 -16.35 -67.45 -21.67
N ASP B 124 -15.40 -66.55 -21.91
CA ASP B 124 -14.48 -66.10 -20.86
C ASP B 124 -15.12 -65.09 -19.92
N LYS B 125 -16.40 -64.79 -20.08
CA LYS B 125 -17.21 -63.90 -19.25
C LYS B 125 -16.89 -62.43 -19.50
N THR B 126 -16.00 -62.11 -20.45
CA THR B 126 -15.77 -60.72 -20.81
C THR B 126 -16.99 -60.13 -21.49
N LEU B 127 -17.20 -58.83 -21.29
CA LEU B 127 -18.38 -58.14 -21.79
C LEU B 127 -17.99 -57.14 -22.87
N TYR B 128 -18.79 -57.08 -23.92
CA TYR B 128 -18.59 -56.16 -25.03
C TYR B 128 -19.95 -55.69 -25.53
N LEU B 129 -19.94 -54.53 -26.18
CA LEU B 129 -21.18 -53.99 -26.76
C LEU B 129 -21.49 -54.72 -28.06
N ALA B 130 -22.66 -55.35 -28.09
CA ALA B 130 -23.08 -56.17 -29.23
C ALA B 130 -24.33 -55.56 -29.85
N GLU B 131 -24.19 -55.04 -31.06
CA GLU B 131 -25.34 -54.49 -31.79
C GLU B 131 -26.07 -55.65 -32.45
N LEU B 132 -27.00 -56.25 -31.70
CA LEU B 132 -27.68 -57.46 -32.11
C LEU B 132 -28.87 -57.13 -33.01
N THR B 133 -29.02 -57.91 -34.08
CA THR B 133 -30.22 -57.89 -34.91
C THR B 133 -30.73 -59.32 -35.05
N VAL B 134 -32.03 -59.50 -34.83
CA VAL B 134 -32.66 -60.81 -34.88
C VAL B 134 -33.71 -60.79 -35.97
N ALA B 135 -33.64 -61.75 -36.88
CA ALA B 135 -34.58 -61.87 -37.98
C ALA B 135 -35.13 -63.28 -38.05
N PRO B 136 -36.38 -63.44 -38.51
CA PRO B 136 -36.96 -64.78 -38.59
C PRO B 136 -36.57 -65.50 -39.87
N VAL B 137 -36.45 -66.82 -39.77
CA VAL B 137 -36.17 -67.66 -40.93
C VAL B 137 -37.48 -68.23 -41.44
N LEU B 138 -37.79 -67.94 -42.70
CA LEU B 138 -39.03 -68.40 -43.33
C LEU B 138 -38.76 -69.65 -44.15
N ASN B 139 -39.73 -70.56 -44.15
CA ASN B 139 -39.69 -71.69 -45.08
C ASN B 139 -40.21 -71.22 -46.44
N GLU B 140 -40.24 -72.15 -47.40
CA GLU B 140 -40.73 -71.81 -48.73
C GLU B 140 -42.19 -71.39 -48.71
N ALA B 141 -42.93 -71.73 -47.66
CA ALA B 141 -44.33 -71.36 -47.52
C ALA B 141 -44.52 -70.04 -46.79
N GLY B 142 -43.45 -69.40 -46.33
CA GLY B 142 -43.53 -68.14 -45.63
C GLY B 142 -43.74 -68.24 -44.13
N GLU B 143 -43.66 -69.43 -43.56
CA GLU B 143 -43.81 -69.62 -42.12
C GLU B 143 -42.45 -69.59 -41.44
N THR B 144 -42.41 -68.99 -40.25
CA THR B 144 -41.16 -68.88 -39.51
C THR B 144 -40.73 -70.25 -39.00
N ILE B 145 -39.56 -70.70 -39.41
CA ILE B 145 -39.05 -72.01 -39.01
C ILE B 145 -37.87 -71.89 -38.06
N TYR B 146 -37.03 -70.87 -38.18
CA TYR B 146 -35.84 -70.73 -37.36
C TYR B 146 -35.59 -69.25 -37.09
N TYR B 147 -34.76 -68.98 -36.09
CA TYR B 147 -34.39 -67.62 -35.71
C TYR B 147 -32.90 -67.42 -35.91
N LEU B 148 -32.50 -66.17 -36.10
CA LEU B 148 -31.13 -65.81 -36.43
C LEU B 148 -30.56 -64.91 -35.35
N GLY B 149 -29.42 -65.31 -34.78
CA GLY B 149 -28.69 -64.48 -33.85
C GLY B 149 -27.48 -63.87 -34.53
N MET B 150 -27.30 -62.56 -34.40
CA MET B 150 -26.33 -61.82 -35.20
C MET B 150 -26.02 -60.49 -34.53
N HIS B 151 -24.75 -60.29 -34.19
CA HIS B 151 -24.32 -59.07 -33.51
C HIS B 151 -22.93 -58.68 -33.98
N ARG B 152 -22.58 -57.42 -33.72
CA ARG B 152 -21.27 -56.87 -34.06
C ARG B 152 -20.72 -56.15 -32.82
N ASP B 153 -19.39 -56.15 -32.70
CA ASP B 153 -18.73 -55.54 -31.55
C ASP B 153 -18.69 -54.02 -31.73
N THR B 154 -19.26 -53.29 -30.76
CA THR B 154 -19.26 -51.83 -30.77
C THR B 154 -18.65 -51.26 -29.50
N SER B 155 -17.80 -52.03 -28.81
CA SER B 155 -17.21 -51.53 -27.57
C SER B 155 -16.36 -50.29 -27.82
N GLU B 156 -15.57 -50.29 -28.89
CA GLU B 156 -14.71 -49.15 -29.17
C GLU B 156 -15.53 -47.88 -29.39
N LEU B 157 -16.75 -48.03 -29.93
CA LEU B 157 -17.60 -46.86 -30.15
C LEU B 157 -17.92 -46.16 -28.84
N HIS B 158 -18.29 -46.92 -27.81
CA HIS B 158 -18.74 -46.32 -26.56
C HIS B 158 -17.59 -45.74 -25.76
N GLU B 159 -16.44 -46.42 -25.73
CA GLU B 159 -15.36 -45.99 -24.86
C GLU B 159 -14.88 -44.60 -25.24
N LEU B 160 -15.22 -44.14 -26.45
CA LEU B 160 -14.77 -42.82 -26.89
C LEU B 160 -15.86 -41.77 -26.69
N GLU B 161 -17.13 -42.11 -26.96
CA GLU B 161 -18.21 -41.15 -26.72
C GLU B 161 -18.27 -40.77 -25.26
N GLN B 162 -18.11 -41.74 -24.37
CA GLN B 162 -17.95 -41.40 -22.95
C GLN B 162 -16.69 -40.56 -22.77
N ARG B 163 -15.58 -40.96 -23.40
CA ARG B 163 -14.38 -40.14 -23.38
C ARG B 163 -14.64 -38.78 -24.02
N VAL B 164 -15.57 -38.71 -24.97
CA VAL B 164 -16.04 -37.41 -25.45
C VAL B 164 -16.73 -36.66 -24.32
N ASN B 165 -17.74 -37.29 -23.71
CA ASN B 165 -18.43 -36.65 -22.59
C ASN B 165 -17.45 -36.36 -21.46
N ASN B 166 -16.52 -37.29 -21.20
CA ASN B 166 -15.53 -37.08 -20.15
C ASN B 166 -14.64 -35.89 -20.47
N GLN B 167 -14.03 -35.89 -21.66
CA GLN B 167 -13.13 -34.80 -22.01
C GLN B 167 -13.91 -33.52 -22.28
N ARG B 168 -15.19 -33.63 -22.64
CA ARG B 168 -16.04 -32.44 -22.72
C ARG B 168 -16.17 -31.79 -21.35
N LEU B 169 -16.41 -32.59 -20.30
CA LEU B 169 -16.56 -32.06 -18.96
C LEU B 169 -15.28 -31.43 -18.44
N MET B 170 -14.12 -31.77 -19.04
CA MET B 170 -12.90 -31.09 -18.67
C MET B 170 -12.97 -29.61 -19.00
N ILE B 171 -13.53 -29.29 -20.18
CA ILE B 171 -13.66 -27.89 -20.58
C ILE B 171 -14.64 -27.16 -19.68
N GLU B 172 -15.78 -27.78 -19.39
CA GLU B 172 -16.84 -27.10 -18.63
C GLU B 172 -16.36 -26.74 -17.23
N ALA B 173 -15.65 -27.65 -16.57
CA ALA B 173 -15.27 -27.41 -15.18
C ALA B 173 -14.09 -26.44 -15.09
N VAL B 174 -12.95 -26.80 -15.69
CA VAL B 174 -11.70 -26.07 -15.43
C VAL B 174 -11.91 -24.56 -15.52
N VAL B 175 -12.76 -24.11 -16.44
CA VAL B 175 -12.88 -22.69 -16.70
C VAL B 175 -13.50 -21.95 -15.53
N ASN B 176 -14.38 -22.60 -14.77
CA ASN B 176 -15.21 -21.89 -13.81
C ASN B 176 -14.40 -21.24 -12.70
N ALA B 177 -13.43 -21.96 -12.13
CA ALA B 177 -12.71 -21.46 -10.96
C ALA B 177 -11.59 -20.49 -11.29
N ALA B 178 -11.19 -20.41 -12.55
CA ALA B 178 -10.05 -19.55 -12.91
C ALA B 178 -10.42 -18.08 -12.68
N PRO B 179 -9.55 -17.28 -12.06
CA PRO B 179 -9.90 -15.87 -11.86
C PRO B 179 -9.91 -15.07 -13.15
N ALA B 180 -8.89 -15.25 -13.99
CA ALA B 180 -8.81 -14.50 -15.23
C ALA B 180 -10.05 -14.76 -16.08
N ALA B 181 -10.58 -13.70 -16.68
CA ALA B 181 -11.75 -13.83 -17.54
C ALA B 181 -11.32 -14.42 -18.88
N MET B 182 -11.86 -15.59 -19.22
CA MET B 182 -11.53 -16.26 -20.47
C MET B 182 -12.79 -16.65 -21.21
N VAL B 183 -12.70 -16.61 -22.55
CA VAL B 183 -13.78 -17.00 -23.43
C VAL B 183 -13.20 -17.79 -24.59
N VAL B 184 -13.85 -18.91 -24.92
CA VAL B 184 -13.46 -19.73 -26.06
C VAL B 184 -14.26 -19.26 -27.27
N LEU B 185 -13.56 -18.83 -28.32
CA LEU B 185 -14.19 -18.26 -29.50
C LEU B 185 -13.94 -19.16 -30.70
N ASP B 186 -14.99 -19.36 -31.50
CA ASP B 186 -14.89 -20.14 -32.72
C ASP B 186 -14.31 -19.25 -33.82
N ARG B 187 -14.28 -19.77 -35.05
CA ARG B 187 -13.79 -18.97 -36.17
C ARG B 187 -14.67 -17.76 -36.44
N GLN B 188 -15.91 -17.77 -35.95
CA GLN B 188 -16.83 -16.64 -36.11
C GLN B 188 -16.94 -15.81 -34.84
N HIS B 189 -16.05 -16.02 -33.88
CA HIS B 189 -16.00 -15.25 -32.64
C HIS B 189 -17.23 -15.47 -31.77
N ARG B 190 -17.92 -16.59 -31.94
CA ARG B 190 -19.04 -16.93 -31.08
C ARG B 190 -18.55 -17.52 -29.77
N VAL B 191 -19.23 -17.16 -28.68
CA VAL B 191 -18.84 -17.62 -27.35
C VAL B 191 -19.07 -19.12 -27.27
N MET B 192 -17.99 -19.90 -27.26
CA MET B 192 -18.08 -21.34 -27.07
C MET B 192 -18.06 -21.71 -25.60
N LEU B 193 -17.34 -20.97 -24.77
CA LEU B 193 -17.25 -21.25 -23.34
C LEU B 193 -17.02 -19.95 -22.60
N SER B 194 -17.61 -19.83 -21.43
CA SER B 194 -17.40 -18.69 -20.55
C SER B 194 -17.66 -19.11 -19.12
N ASN B 195 -16.88 -18.54 -18.20
CA ASN B 195 -16.98 -18.81 -16.78
C ASN B 195 -17.81 -17.75 -16.08
N PRO B 196 -18.19 -17.96 -14.82
CA PRO B 196 -18.95 -16.94 -14.11
C PRO B 196 -18.26 -15.59 -14.10
N SER B 197 -16.93 -15.57 -13.98
CA SER B 197 -16.21 -14.30 -13.99
C SER B 197 -16.40 -13.58 -15.33
N PHE B 198 -16.32 -14.31 -16.45
CA PHE B 198 -16.56 -13.68 -17.74
C PHE B 198 -17.98 -13.18 -17.85
N CYS B 199 -18.95 -13.97 -17.38
CA CYS B 199 -20.32 -13.48 -17.29
C CYS B 199 -20.41 -12.31 -16.31
N ARG B 200 -19.71 -12.41 -15.18
CA ARG B 200 -19.62 -11.27 -14.27
C ARG B 200 -18.92 -10.10 -14.95
N LEU B 201 -17.85 -10.37 -15.69
CA LEU B 201 -17.15 -9.32 -16.42
C LEU B 201 -18.06 -8.69 -17.46
N ALA B 202 -18.87 -9.51 -18.15
CA ALA B 202 -19.85 -8.97 -19.06
C ALA B 202 -20.84 -8.07 -18.33
N ARG B 203 -21.31 -8.52 -17.17
CA ARG B 203 -22.18 -7.67 -16.35
C ARG B 203 -21.44 -6.45 -15.85
N ASP B 204 -20.11 -6.50 -15.78
CA ASP B 204 -19.32 -5.39 -15.30
C ASP B 204 -18.84 -4.47 -16.41
N LEU B 205 -18.54 -5.01 -17.58
CA LEU B 205 -18.01 -4.22 -18.69
C LEU B 205 -19.05 -3.87 -19.74
N VAL B 206 -20.14 -4.63 -19.82
CA VAL B 206 -21.18 -4.42 -20.83
C VAL B 206 -22.52 -4.31 -20.13
N GLU B 207 -23.40 -3.47 -20.69
CA GLU B 207 -24.68 -3.20 -20.04
C GLU B 207 -25.54 -4.46 -19.97
N ASP B 208 -25.59 -5.24 -21.03
CA ASP B 208 -26.50 -6.38 -21.09
C ASP B 208 -26.04 -7.55 -20.23
N GLY B 209 -24.76 -7.64 -19.91
CA GLY B 209 -24.26 -8.74 -19.10
C GLY B 209 -24.09 -10.05 -19.82
N SER B 210 -24.18 -10.05 -21.15
CA SER B 210 -24.03 -11.28 -21.92
C SER B 210 -22.56 -11.48 -22.31
N SER B 211 -22.14 -12.75 -22.30
CA SER B 211 -20.77 -13.06 -22.67
C SER B 211 -20.49 -12.67 -24.11
N GLU B 212 -21.45 -12.89 -25.01
CA GLU B 212 -21.24 -12.56 -26.41
C GLU B 212 -20.99 -11.06 -26.59
N SER B 213 -21.77 -10.22 -25.91
CA SER B 213 -21.56 -8.78 -26.01
C SER B 213 -20.24 -8.36 -25.38
N LEU B 214 -19.81 -9.04 -24.32
CA LEU B 214 -18.50 -8.76 -23.74
C LEU B 214 -17.40 -9.03 -24.75
N VAL B 215 -17.53 -10.10 -25.53
CA VAL B 215 -16.54 -10.40 -26.55
C VAL B 215 -16.44 -9.25 -27.55
N ALA B 216 -17.58 -8.65 -27.89
CA ALA B 216 -17.56 -7.52 -28.82
C ALA B 216 -16.75 -6.37 -28.25
N LEU B 217 -16.98 -6.03 -26.97
CA LEU B 217 -16.20 -4.99 -26.33
C LEU B 217 -14.73 -5.40 -26.21
N LEU B 218 -14.47 -6.64 -25.83
CA LEU B 218 -13.10 -7.10 -25.69
C LEU B 218 -12.40 -7.19 -27.04
N ARG B 219 -13.13 -7.61 -28.09
CA ARG B 219 -12.51 -7.79 -29.40
C ARG B 219 -11.94 -6.48 -29.93
N GLU B 220 -12.70 -5.38 -29.78
CA GLU B 220 -12.28 -4.11 -30.35
C GLU B 220 -10.95 -3.66 -29.76
N ASN B 221 -10.78 -3.81 -28.45
CA ASN B 221 -9.60 -3.25 -27.78
C ASN B 221 -8.34 -4.06 -28.04
N LEU B 222 -8.44 -5.39 -28.13
CA LEU B 222 -7.25 -6.21 -28.32
C LEU B 222 -6.54 -5.88 -29.63
N ALA B 223 -7.28 -5.83 -30.73
CA ALA B 223 -6.71 -5.47 -32.03
C ALA B 223 -5.59 -6.40 -32.44
N ALA B 224 -4.34 -5.90 -32.51
CA ALA B 224 -3.27 -6.64 -33.16
C ALA B 224 -2.97 -7.99 -32.54
N PRO B 225 -2.75 -8.12 -31.23
CA PRO B 225 -2.54 -9.47 -30.67
C PRO B 225 -3.66 -10.43 -30.99
N PHE B 226 -4.92 -9.97 -30.94
CA PHE B 226 -6.03 -10.83 -31.33
C PHE B 226 -5.95 -11.18 -32.82
N GLU B 227 -5.67 -10.19 -33.67
CA GLU B 227 -5.56 -10.45 -35.10
C GLU B 227 -4.40 -11.40 -35.40
N THR B 228 -3.25 -11.19 -34.75
CA THR B 228 -2.12 -12.07 -34.96
C THR B 228 -2.44 -13.49 -34.48
N LEU B 229 -3.11 -13.61 -33.34
CA LEU B 229 -3.50 -14.93 -32.84
C LEU B 229 -4.52 -15.59 -33.78
N GLU B 230 -5.48 -14.81 -34.27
CA GLU B 230 -6.54 -15.40 -35.08
C GLU B 230 -6.02 -15.89 -36.43
N ASN B 231 -5.25 -15.06 -37.13
CA ASN B 231 -4.81 -15.41 -38.47
C ASN B 231 -3.70 -16.46 -38.46
N GLN B 232 -2.75 -16.34 -37.54
CA GLN B 232 -1.58 -17.20 -37.52
C GLN B 232 -1.55 -18.15 -36.33
N GLY B 233 -2.47 -18.04 -35.39
CA GLY B 233 -2.42 -18.88 -34.21
C GLY B 233 -1.28 -18.58 -33.27
N SER B 234 -0.66 -17.41 -33.40
CA SER B 234 0.50 -17.06 -32.58
C SER B 234 0.05 -16.66 -31.19
N ALA B 235 0.57 -17.33 -30.17
CA ALA B 235 0.23 -17.01 -28.79
C ALA B 235 0.70 -15.60 -28.45
N PHE B 236 -0.18 -14.83 -27.81
CA PHE B 236 0.17 -13.52 -27.28
C PHE B 236 -0.11 -13.50 -25.78
N SER B 237 0.82 -12.92 -25.03
CA SER B 237 0.73 -12.90 -23.58
C SER B 237 1.04 -11.50 -23.08
N GLY B 238 0.24 -11.04 -22.12
CA GLY B 238 0.54 -9.81 -21.42
C GLY B 238 0.07 -8.55 -22.10
N LYS B 239 -0.91 -8.63 -22.98
CA LYS B 239 -1.45 -7.43 -23.62
C LYS B 239 -2.32 -6.69 -22.62
N GLU B 240 -1.80 -5.58 -22.10
CA GLU B 240 -2.50 -4.81 -21.07
C GLU B 240 -3.25 -3.64 -21.71
N ILE B 241 -4.52 -3.50 -21.36
CA ILE B 241 -5.37 -2.45 -21.90
C ILE B 241 -5.96 -1.67 -20.75
N SER B 242 -6.09 -0.36 -20.94
CA SER B 242 -6.63 0.54 -19.93
C SER B 242 -8.02 0.99 -20.35
N PHE B 243 -8.99 0.83 -19.45
CA PHE B 243 -10.34 1.33 -19.64
C PHE B 243 -10.59 2.40 -18.58
N ASP B 244 -11.00 3.59 -19.03
CA ASP B 244 -11.31 4.69 -18.11
C ASP B 244 -12.82 4.77 -17.94
N LEU B 245 -13.29 4.45 -16.74
CA LEU B 245 -14.72 4.47 -16.45
C LEU B 245 -15.29 5.89 -16.37
N GLY B 246 -14.48 6.86 -15.96
CA GLY B 246 -14.96 8.22 -15.79
C GLY B 246 -15.39 8.46 -14.36
N GLY B 247 -14.64 9.32 -13.65
CA GLY B 247 -14.87 9.52 -12.23
C GLY B 247 -14.38 8.40 -11.35
N ARG B 248 -14.04 7.25 -11.91
CA ARG B 248 -13.52 6.11 -11.18
C ARG B 248 -12.11 5.80 -11.67
N SER B 249 -11.40 4.98 -10.90
CA SER B 249 -10.08 4.55 -11.31
C SER B 249 -10.19 3.73 -12.59
N PRO B 250 -9.45 4.07 -13.65
CA PRO B 250 -9.51 3.26 -14.87
C PRO B 250 -9.14 1.82 -14.57
N ARG B 251 -9.91 0.88 -15.13
CA ARG B 251 -9.66 -0.53 -14.87
C ARG B 251 -8.76 -1.10 -15.96
N TRP B 252 -7.58 -1.57 -15.56
CA TRP B 252 -6.59 -2.15 -16.46
C TRP B 252 -6.76 -3.65 -16.49
N LEU B 253 -6.79 -4.23 -17.68
CA LEU B 253 -6.96 -5.66 -17.87
C LEU B 253 -5.76 -6.22 -18.61
N SER B 254 -5.14 -7.25 -18.05
CA SER B 254 -4.03 -7.95 -18.68
C SER B 254 -4.59 -9.10 -19.51
N CYS B 255 -4.40 -9.03 -20.83
CA CYS B 255 -5.01 -9.98 -21.75
C CYS B 255 -3.97 -10.92 -22.33
N HIS B 256 -4.33 -12.20 -22.38
CA HIS B 256 -3.47 -13.26 -22.91
C HIS B 256 -4.32 -14.17 -23.78
N GLY B 257 -3.76 -14.62 -24.90
CA GLY B 257 -4.54 -15.43 -25.82
C GLY B 257 -3.76 -16.47 -26.60
N ARG B 258 -4.28 -17.68 -26.65
CA ARG B 258 -3.68 -18.79 -27.37
C ARG B 258 -4.72 -19.44 -28.27
N ALA B 259 -4.24 -20.12 -29.30
CA ALA B 259 -5.11 -20.76 -30.28
C ALA B 259 -5.48 -22.17 -29.84
N ILE B 260 -6.73 -22.54 -30.08
CA ILE B 260 -7.26 -23.85 -29.75
C ILE B 260 -7.46 -24.62 -31.05
N HIS B 261 -7.02 -25.88 -31.07
CA HIS B 261 -6.99 -26.69 -32.28
C HIS B 261 -8.00 -27.82 -32.17
N ILE B 262 -8.85 -27.95 -33.20
CA ILE B 262 -9.82 -29.03 -33.30
C ILE B 262 -9.54 -29.78 -34.60
N GLU B 263 -9.38 -31.10 -34.49
CA GLU B 263 -9.23 -31.96 -35.66
C GLU B 263 -10.60 -32.36 -36.20
N ASN B 264 -10.65 -32.65 -37.50
CA ASN B 264 -11.90 -33.06 -38.13
C ASN B 264 -12.36 -34.39 -37.55
N GLU B 265 -13.66 -34.51 -37.32
CA GLU B 265 -14.23 -35.67 -36.64
C GLU B 265 -14.87 -36.69 -37.58
N GLN B 266 -15.33 -36.24 -38.76
CA GLN B 266 -16.10 -37.12 -39.63
C GLN B 266 -15.35 -38.42 -39.88
N ALA B 267 -16.12 -39.48 -40.13
CA ALA B 267 -15.53 -40.81 -40.27
C ALA B 267 -14.58 -40.91 -41.46
N HIS B 268 -14.72 -40.00 -42.44
CA HIS B 268 -13.96 -40.13 -43.67
C HIS B 268 -12.51 -39.68 -43.53
N VAL B 269 -12.15 -39.05 -42.41
CA VAL B 269 -10.77 -38.62 -42.17
C VAL B 269 -10.10 -39.50 -41.11
N PHE B 270 -10.52 -40.77 -41.01
CA PHE B 270 -9.90 -41.67 -40.04
C PHE B 270 -8.39 -41.75 -40.21
N PHE B 271 -7.93 -41.78 -41.46
CA PHE B 271 -6.51 -41.93 -41.74
C PHE B 271 -5.79 -40.60 -41.93
N ALA B 272 -6.51 -39.47 -41.92
CA ALA B 272 -5.90 -38.16 -42.15
C ALA B 272 -6.83 -37.08 -41.62
N PRO B 273 -6.87 -36.91 -40.29
CA PRO B 273 -7.67 -35.81 -39.72
C PRO B 273 -7.11 -34.46 -40.12
N THR B 274 -8.02 -33.48 -40.22
CA THR B 274 -7.66 -32.10 -40.56
C THR B 274 -8.01 -31.19 -39.40
N GLU B 275 -7.13 -30.21 -39.14
CA GLU B 275 -7.25 -29.34 -37.98
C GLU B 275 -7.86 -28.00 -38.35
N GLU B 276 -8.65 -27.47 -37.43
CA GLU B 276 -9.14 -26.09 -37.48
C GLU B 276 -8.73 -25.40 -36.20
N ARG B 277 -8.92 -24.07 -36.16
CA ARG B 277 -8.40 -23.25 -35.07
C ARG B 277 -9.54 -22.49 -34.42
N TYR B 278 -9.62 -22.57 -33.10
CA TYR B 278 -10.41 -21.67 -32.28
C TYR B 278 -9.49 -20.77 -31.47
N LEU B 279 -10.08 -19.81 -30.76
CA LEU B 279 -9.34 -18.81 -30.01
C LEU B 279 -9.73 -18.88 -28.54
N LEU B 280 -8.72 -18.83 -27.66
CA LEU B 280 -8.93 -18.59 -26.23
C LEU B 280 -8.31 -17.25 -25.89
N LEU B 281 -9.09 -16.39 -25.26
CA LEU B 281 -8.59 -15.19 -24.63
C LEU B 281 -8.61 -15.39 -23.13
N THR B 282 -7.53 -15.00 -22.45
CA THR B 282 -7.43 -15.07 -21.01
C THR B 282 -7.03 -13.70 -20.48
N ILE B 283 -7.88 -13.11 -19.65
CA ILE B 283 -7.75 -11.73 -19.22
C ILE B 283 -7.66 -11.70 -17.71
N ASN B 284 -6.60 -11.06 -17.20
CA ASN B 284 -6.39 -10.89 -15.76
C ASN B 284 -6.48 -9.41 -15.41
N ASP B 285 -7.06 -9.12 -14.26
CA ASP B 285 -7.26 -7.73 -13.84
C ASP B 285 -6.00 -7.22 -13.14
N ILE B 286 -5.46 -6.11 -13.65
CA ILE B 286 -4.32 -5.44 -13.06
C ILE B 286 -4.65 -3.99 -12.71
N SER B 287 -5.94 -3.69 -12.52
CA SER B 287 -6.38 -2.31 -12.32
C SER B 287 -5.85 -1.74 -11.01
N GLU B 288 -6.05 -2.47 -9.91
CA GLU B 288 -5.78 -1.91 -8.59
C GLU B 288 -4.30 -1.56 -8.43
N LEU B 289 -3.41 -2.35 -9.04
CA LEU B 289 -1.98 -2.10 -8.89
C LEU B 289 -1.60 -0.73 -9.39
N ARG B 290 -2.03 -0.38 -10.61
CA ARG B 290 -1.61 0.87 -11.21
C ARG B 290 -2.15 2.08 -10.46
N GLN B 291 -3.39 2.00 -9.97
CA GLN B 291 -3.93 3.11 -9.20
C GLN B 291 -3.10 3.36 -7.94
N LYS B 292 -2.71 2.28 -7.26
CA LYS B 292 -1.84 2.43 -6.09
C LYS B 292 -0.44 2.87 -6.49
N GLN B 293 -0.03 2.58 -7.73
CA GLN B 293 1.32 2.94 -8.16
C GLN B 293 1.51 4.45 -8.18
N GLN B 294 0.52 5.19 -8.65
CA GLN B 294 0.65 6.64 -8.71
C GLN B 294 0.73 7.25 -7.32
N ASP B 295 -0.02 6.70 -6.37
CA ASP B 295 -0.08 7.30 -5.03
C ASP B 295 1.29 7.28 -4.36
N SER B 296 2.03 6.18 -4.50
CA SER B 296 3.35 6.11 -3.88
C SER B 296 4.26 7.22 -4.39
N ARG B 297 4.36 7.37 -5.72
CA ARG B 297 5.19 8.43 -6.27
C ARG B 297 4.69 9.80 -5.81
N LEU B 298 3.37 10.00 -5.84
CA LEU B 298 2.81 11.24 -5.30
C LEU B 298 3.16 11.39 -3.83
N ASN B 299 2.98 10.32 -3.05
CA ASN B 299 3.28 10.40 -1.63
C ASN B 299 4.77 10.54 -1.38
N ALA B 300 5.59 9.70 -2.03
CA ALA B 300 7.03 9.76 -1.80
C ALA B 300 7.58 11.15 -2.10
N LEU B 301 7.03 11.81 -3.12
CA LEU B 301 7.52 13.14 -3.48
C LEU B 301 7.04 14.19 -2.50
N LYS B 302 5.92 13.95 -1.81
CA LYS B 302 5.47 14.86 -0.76
C LYS B 302 6.52 14.98 0.33
N ALA B 303 7.13 13.86 0.73
CA ALA B 303 8.18 13.91 1.73
C ALA B 303 9.36 14.73 1.23
N LEU B 304 9.74 14.55 -0.03
CA LEU B 304 10.91 15.24 -0.56
C LEU B 304 10.78 16.75 -0.39
N MET B 305 9.66 17.32 -0.84
CA MET B 305 9.47 18.76 -0.72
C MET B 305 9.50 19.18 0.74
N ALA B 306 8.76 18.48 1.60
CA ALA B 306 8.68 18.87 3.01
C ALA B 306 10.05 18.79 3.68
N GLU B 307 10.81 17.74 3.41
CA GLU B 307 12.17 17.65 3.93
C GLU B 307 13.03 18.79 3.38
N GLU B 308 12.88 19.08 2.09
CA GLU B 308 13.73 20.10 1.47
C GLU B 308 13.47 21.48 2.06
N GLU B 309 12.21 21.86 2.21
CA GLU B 309 11.90 23.20 2.71
C GLU B 309 12.39 23.39 4.14
N LEU B 310 12.47 22.31 4.91
CA LEU B 310 13.01 22.43 6.27
C LEU B 310 14.44 22.94 6.24
N LEU B 311 15.31 22.26 5.47
CA LEU B 311 16.71 22.65 5.41
C LEU B 311 16.86 24.06 4.83
N GLU B 312 16.10 24.36 3.77
CA GLU B 312 16.13 25.71 3.22
C GLU B 312 15.51 26.71 4.18
N GLY B 313 14.40 26.35 4.82
CA GLY B 313 13.81 27.24 5.80
C GLY B 313 14.76 27.58 6.92
N MET B 314 15.59 26.62 7.34
CA MET B 314 16.63 26.91 8.32
C MET B 314 17.52 28.05 7.85
N ARG B 315 18.03 27.95 6.62
CA ARG B 315 19.10 28.82 6.17
C ARG B 315 18.66 30.28 6.16
N GLU B 316 17.42 30.55 5.73
CA GLU B 316 16.98 31.94 5.65
C GLU B 316 16.65 32.52 7.01
N THR B 317 16.13 31.72 7.95
CA THR B 317 15.88 32.23 9.28
C THR B 317 17.17 32.72 9.92
N PHE B 318 18.31 32.14 9.53
CA PHE B 318 19.59 32.58 10.04
C PHE B 318 19.82 34.04 9.71
N ASN B 319 19.58 34.41 8.45
CA ASN B 319 19.81 35.79 8.01
C ASN B 319 18.92 36.76 8.79
N ALA B 320 17.64 36.42 8.96
CA ALA B 320 16.77 37.26 9.77
C ALA B 320 17.26 37.33 11.21
N ALA B 321 17.60 36.17 11.79
CA ALA B 321 18.11 36.18 13.16
C ALA B 321 19.40 37.00 13.25
N ILE B 322 20.35 36.75 12.34
CA ILE B 322 21.59 37.52 12.36
C ILE B 322 21.31 38.98 12.11
N HIS B 323 20.49 39.29 11.09
CA HIS B 323 20.14 40.68 10.83
C HIS B 323 19.33 41.27 11.99
N ARG B 324 18.35 40.52 12.49
CA ARG B 324 17.57 41.01 13.62
C ARG B 324 18.45 41.21 14.85
N LEU B 325 19.32 40.23 15.15
CA LEU B 325 20.20 40.34 16.29
C LEU B 325 21.20 41.50 16.12
N GLN B 326 21.72 41.66 14.91
CA GLN B 326 22.79 42.64 14.69
C GLN B 326 22.35 44.04 15.10
N GLY B 327 21.08 44.37 14.90
CA GLY B 327 20.59 45.70 15.19
C GLY B 327 20.74 46.06 16.65
N PRO B 328 19.94 45.45 17.52
CA PRO B 328 20.05 45.76 18.95
C PRO B 328 21.43 45.49 19.53
N VAL B 329 22.08 44.40 19.10
CA VAL B 329 23.36 44.02 19.68
C VAL B 329 24.40 45.10 19.40
N ASN B 330 24.47 45.59 18.15
CA ASN B 330 25.41 46.65 17.84
C ASN B 330 25.07 47.93 18.59
N LEU B 331 23.78 48.25 18.68
CA LEU B 331 23.38 49.43 19.46
C LEU B 331 23.74 49.26 20.93
N ILE B 332 23.61 48.05 21.47
CA ILE B 332 24.15 47.77 22.79
C ILE B 332 25.64 48.03 22.82
N SER B 333 26.35 47.58 21.78
CA SER B 333 27.79 47.75 21.72
C SER B 333 28.18 49.22 21.80
N ALA B 334 27.54 50.06 20.99
CA ALA B 334 27.93 51.46 20.92
C ALA B 334 27.75 52.16 22.25
N ALA B 335 26.82 51.67 23.08
CA ALA B 335 26.54 52.35 24.35
C ALA B 335 27.74 52.30 25.28
N MET B 336 28.54 51.22 25.22
CA MET B 336 29.62 51.06 26.19
C MET B 336 30.70 52.12 26.01
N ARG B 337 31.21 52.26 24.78
CA ARG B 337 32.31 53.21 24.56
C ARG B 337 31.88 54.63 24.89
N MET B 338 30.69 55.04 24.45
CA MET B 338 30.25 56.40 24.73
C MET B 338 30.01 56.59 26.23
N LEU B 339 29.53 55.54 26.90
CA LEU B 339 29.41 55.59 28.36
C LEU B 339 30.79 55.58 29.02
N GLU B 340 31.73 54.81 28.47
CA GLU B 340 33.07 54.74 29.06
C GLU B 340 33.75 56.09 29.07
N ARG B 341 33.64 56.85 27.97
CA ARG B 341 34.41 58.09 27.85
C ARG B 341 34.03 59.07 28.94
N ARG B 342 32.74 59.21 29.23
CA ARG B 342 32.31 60.12 30.29
C ARG B 342 32.82 59.65 31.64
N LEU B 343 32.70 58.35 31.94
CA LEU B 343 33.06 57.84 33.25
C LEU B 343 34.57 57.87 33.48
N GLY B 344 35.35 57.54 32.46
CA GLY B 344 36.80 57.53 32.63
C GLY B 344 37.20 56.47 33.64
N ASP B 345 37.88 56.91 34.70
CA ASP B 345 38.36 55.99 35.72
C ASP B 345 37.23 55.24 36.41
N LYS B 346 36.03 55.82 36.44
CA LYS B 346 34.89 55.18 37.08
C LYS B 346 34.28 54.07 36.23
N ALA B 347 34.73 53.92 34.98
CA ALA B 347 34.19 52.86 34.13
C ALA B 347 34.45 51.48 34.71
N GLY B 348 35.59 51.31 35.40
CA GLY B 348 35.93 50.01 35.92
C GLY B 348 34.97 49.50 36.97
N ASN B 349 34.44 50.39 37.81
CA ASN B 349 33.56 50.02 38.91
C ASN B 349 32.10 50.38 38.66
N ASP B 350 31.72 50.65 37.41
CA ASP B 350 30.33 50.99 37.11
C ASP B 350 29.52 49.71 36.90
N PRO B 351 28.56 49.40 37.79
CA PRO B 351 27.71 48.24 37.54
C PRO B 351 26.88 48.38 36.28
N VAL B 352 26.55 49.60 35.89
CA VAL B 352 25.83 49.82 34.63
C VAL B 352 26.66 49.32 33.47
N LEU B 353 27.93 49.74 33.41
CA LEU B 353 28.76 49.43 32.26
C LEU B 353 29.04 47.92 32.16
N SER B 354 29.28 47.27 33.30
CA SER B 354 29.67 45.86 33.29
C SER B 354 28.60 45.00 32.64
N ALA B 355 27.34 45.19 33.05
CA ALA B 355 26.27 44.36 32.51
C ALA B 355 26.05 44.62 31.03
N MET B 356 25.95 45.90 30.65
CA MET B 356 25.81 46.23 29.23
C MET B 356 27.05 45.83 28.45
N ARG B 357 28.24 45.92 29.08
CA ARG B 357 29.43 45.34 28.46
C ARG B 357 29.19 43.88 28.10
N GLU B 358 28.65 43.09 29.03
CA GLU B 358 28.34 41.70 28.74
C GLU B 358 27.23 41.59 27.69
N ALA B 359 26.25 42.49 27.76
CA ALA B 359 25.14 42.42 26.81
C ALA B 359 25.65 42.39 25.38
N SER B 360 26.61 43.26 25.05
CA SER B 360 27.27 43.14 23.75
C SER B 360 28.04 41.83 23.65
N THR B 361 28.74 41.46 24.72
CA THR B 361 29.47 40.19 24.72
C THR B 361 28.52 39.03 24.47
N ALA B 362 27.39 39.01 25.19
CA ALA B 362 26.35 38.03 24.88
C ALA B 362 25.81 38.24 23.48
N GLY B 363 25.66 39.50 23.06
CA GLY B 363 25.24 39.78 21.70
C GLY B 363 26.25 39.27 20.68
N MET B 364 27.54 39.49 20.93
CA MET B 364 28.56 38.93 20.05
C MET B 364 28.50 37.41 20.04
N GLU B 365 28.36 36.79 21.23
CA GLU B 365 28.20 35.34 21.29
C GLU B 365 26.90 34.91 20.62
N ALA B 366 25.82 35.66 20.84
CA ALA B 366 24.56 35.33 20.20
C ALA B 366 24.67 35.43 18.68
N LEU B 367 25.31 36.49 18.19
CA LEU B 367 25.50 36.63 16.75
C LEU B 367 26.37 35.51 16.19
N GLU B 368 27.45 35.17 16.90
CA GLU B 368 28.33 34.11 16.42
C GLU B 368 27.62 32.76 16.41
N ASN B 369 26.82 32.48 17.45
CA ASN B 369 26.13 31.20 17.52
C ASN B 369 25.21 31.01 16.32
N LEU B 370 24.47 32.06 15.94
CA LEU B 370 23.59 31.96 14.79
C LEU B 370 24.37 31.71 13.52
N SER B 371 25.43 32.48 13.28
CA SER B 371 26.13 32.41 12.00
C SER B 371 26.81 31.06 11.80
N GLY B 372 27.50 30.55 12.83
CA GLY B 372 28.30 29.35 12.66
C GLY B 372 27.52 28.06 12.63
N SER B 373 26.22 28.10 12.92
CA SER B 373 25.42 26.89 12.98
C SER B 373 24.55 26.70 11.75
N ILE B 374 24.81 27.42 10.66
CA ILE B 374 24.01 27.31 9.44
C ILE B 374 24.11 25.89 8.91
N PRO B 375 22.99 25.25 8.52
CA PRO B 375 23.09 23.91 7.95
C PRO B 375 23.89 23.91 6.67
N VAL B 376 25.05 23.27 6.71
CA VAL B 376 25.86 23.10 5.51
C VAL B 376 25.23 21.98 4.69
N ARG B 377 24.40 22.36 3.72
CA ARG B 377 23.65 21.37 2.96
C ARG B 377 24.60 20.34 2.36
N MET B 378 24.25 19.07 2.51
CA MET B 378 24.96 18.04 1.78
C MET B 378 24.94 18.40 0.30
N ALA B 379 26.10 18.25 -0.35
CA ALA B 379 26.30 18.89 -1.65
C ALA B 379 25.14 18.57 -2.58
N GLU B 380 24.35 19.59 -2.91
CA GLU B 380 23.17 19.40 -3.74
C GLU B 380 23.56 19.45 -5.20
N SER B 381 23.47 18.31 -5.88
CA SER B 381 23.90 18.23 -7.27
C SER B 381 23.15 19.26 -8.10
N LYS B 382 23.85 20.28 -8.57
CA LYS B 382 23.23 21.30 -9.40
C LYS B 382 22.95 20.70 -10.78
N MET B 383 21.71 20.33 -11.02
CA MET B 383 21.32 19.54 -12.18
C MET B 383 20.26 20.30 -12.97
N PRO B 384 20.08 19.97 -14.25
CA PRO B 384 18.98 20.56 -15.02
C PRO B 384 17.64 20.07 -14.49
N VAL B 385 16.77 21.01 -14.13
CA VAL B 385 15.48 20.71 -13.54
C VAL B 385 14.39 21.38 -14.34
N ASN B 386 13.34 20.63 -14.66
CA ASN B 386 12.19 21.14 -15.41
C ASN B 386 11.09 21.50 -14.41
N LEU B 387 10.84 22.80 -14.26
CA LEU B 387 9.83 23.25 -13.31
C LEU B 387 8.44 22.83 -13.74
N ASN B 388 8.20 22.69 -15.05
CA ASN B 388 6.89 22.24 -15.51
C ASN B 388 6.52 20.90 -14.92
N GLN B 389 7.49 20.00 -14.76
CA GLN B 389 7.24 18.72 -14.10
C GLN B 389 6.83 18.94 -12.65
N LEU B 390 7.47 19.90 -11.97
CA LEU B 390 7.23 20.08 -10.55
C LEU B 390 5.89 20.77 -10.28
N ILE B 391 5.50 21.72 -11.13
CA ILE B 391 4.23 22.41 -10.92
C ILE B 391 3.07 21.44 -11.07
N ARG B 392 3.20 20.47 -11.98
CA ARG B 392 2.21 19.40 -12.05
C ARG B 392 2.18 18.60 -10.77
N GLU B 393 3.36 18.32 -10.19
CA GLU B 393 3.41 17.53 -8.97
C GLU B 393 2.75 18.28 -7.81
N VAL B 394 3.18 19.52 -7.56
CA VAL B 394 2.73 20.24 -6.38
C VAL B 394 1.21 20.31 -6.34
N ILE B 395 0.59 20.67 -7.46
CA ILE B 395 -0.87 20.77 -7.51
C ILE B 395 -1.48 19.42 -7.20
N THR B 396 -0.95 18.34 -7.77
CA THR B 396 -1.40 17.00 -7.41
C THR B 396 -1.08 16.71 -5.94
N LEU B 397 0.11 17.13 -5.48
CA LEU B 397 0.42 17.01 -4.06
C LEU B 397 -0.53 17.82 -3.20
N CYS B 398 -0.82 19.06 -3.62
CA CYS B 398 -1.60 19.99 -2.83
C CYS B 398 -3.07 20.04 -3.21
N THR B 399 -3.54 19.08 -4.02
CA THR B 399 -4.93 19.11 -4.46
C THR B 399 -5.90 18.98 -3.29
N ASP B 400 -5.49 18.30 -2.23
CA ASP B 400 -6.41 18.03 -1.13
C ASP B 400 -6.89 19.32 -0.47
N GLN B 401 -5.96 20.19 -0.09
CA GLN B 401 -6.35 21.42 0.60
C GLN B 401 -7.04 22.40 -0.35
N LEU B 402 -6.67 22.40 -1.63
CA LEU B 402 -7.25 23.33 -2.57
C LEU B 402 -8.75 23.09 -2.74
N LEU B 403 -9.16 21.82 -2.79
CA LEU B 403 -10.57 21.51 -2.95
C LEU B 403 -11.37 21.81 -1.70
N ALA B 404 -10.75 21.70 -0.51
CA ALA B 404 -11.48 21.91 0.73
C ALA B 404 -12.07 23.31 0.81
N GLN B 405 -11.34 24.31 0.33
CA GLN B 405 -11.80 25.70 0.37
C GLN B 405 -12.54 26.11 -0.89
N GLY B 406 -12.82 25.18 -1.79
CA GLY B 406 -13.45 25.53 -3.05
C GLY B 406 -12.59 26.41 -3.93
N ILE B 407 -11.28 26.21 -3.91
CA ILE B 407 -10.35 27.01 -4.70
C ILE B 407 -10.20 26.37 -6.06
N VAL B 408 -10.42 27.17 -7.12
CA VAL B 408 -10.23 26.70 -8.49
C VAL B 408 -8.76 26.91 -8.85
N VAL B 409 -8.13 25.85 -9.36
CA VAL B 409 -6.70 25.85 -9.66
C VAL B 409 -6.56 25.91 -11.18
N ASP B 410 -5.92 26.96 -11.67
CA ASP B 410 -5.65 27.14 -13.10
C ASP B 410 -4.15 27.13 -13.31
N TRP B 411 -3.64 26.00 -13.82
CA TRP B 411 -2.22 25.82 -14.09
C TRP B 411 -2.00 25.91 -15.59
N GLN B 412 -1.01 26.70 -16.00
CA GLN B 412 -0.71 26.97 -17.40
C GLN B 412 0.77 26.68 -17.64
N PRO B 413 1.17 25.41 -17.66
CA PRO B 413 2.57 25.08 -17.88
C PRO B 413 3.05 25.54 -19.25
N ALA B 414 4.30 25.97 -19.30
CA ALA B 414 4.91 26.36 -20.56
C ALA B 414 5.07 25.14 -21.46
N LEU B 415 4.73 25.31 -22.75
CA LEU B 415 4.81 24.19 -23.68
C LEU B 415 6.24 23.68 -23.81
N ARG B 416 7.21 24.59 -23.87
CA ARG B 416 8.63 24.24 -23.90
C ARG B 416 9.33 25.02 -22.80
N LEU B 417 9.66 24.34 -21.70
CA LEU B 417 10.37 24.96 -20.60
C LEU B 417 11.80 24.44 -20.56
N PRO B 418 12.81 25.28 -20.79
CA PRO B 418 14.19 24.81 -20.67
C PRO B 418 14.52 24.43 -19.24
N TRP B 419 15.45 23.49 -19.11
CA TRP B 419 15.82 22.96 -17.80
C TRP B 419 16.51 24.02 -16.97
N VAL B 420 16.12 24.13 -15.70
CA VAL B 420 16.74 25.06 -14.78
C VAL B 420 17.94 24.38 -14.14
N MET B 421 19.13 24.95 -14.31
CA MET B 421 20.32 24.41 -13.70
C MET B 421 20.29 24.71 -12.20
N GLY B 422 20.41 23.68 -11.39
CA GLY B 422 20.36 23.85 -9.95
C GLY B 422 19.96 22.56 -9.28
N GLY B 423 19.87 22.63 -7.95
CA GLY B 423 19.49 21.46 -7.17
C GLY B 423 18.01 21.17 -7.33
N GLU B 424 17.70 19.98 -7.85
CA GLU B 424 16.30 19.58 -7.96
C GLU B 424 15.62 19.60 -6.60
N SER B 425 16.36 19.24 -5.55
CA SER B 425 15.81 19.32 -4.20
C SER B 425 15.46 20.75 -3.82
N SER B 426 16.32 21.71 -4.18
CA SER B 426 16.06 23.11 -3.85
C SER B 426 14.93 23.67 -4.71
N LEU B 427 14.97 23.40 -6.02
CA LEU B 427 13.97 23.96 -6.91
C LEU B 427 12.58 23.38 -6.65
N ARG B 428 12.51 22.13 -6.19
CA ARG B 428 11.22 21.52 -5.92
C ARG B 428 10.49 22.24 -4.79
N SER B 429 11.23 22.65 -3.75
CA SER B 429 10.60 23.34 -2.62
C SER B 429 10.08 24.72 -3.01
N MET B 430 10.53 25.25 -4.14
CA MET B 430 10.14 26.62 -4.53
C MET B 430 8.64 26.77 -4.61
N ILE B 431 7.97 25.90 -5.37
CA ILE B 431 6.59 26.13 -5.73
C ILE B 431 5.69 26.02 -4.51
N LYS B 432 5.94 25.02 -3.65
CA LYS B 432 5.09 24.84 -2.48
C LYS B 432 5.15 26.06 -1.57
N HIS B 433 6.32 26.68 -1.45
CA HIS B 433 6.43 27.89 -0.64
C HIS B 433 5.49 28.98 -1.16
N LEU B 434 5.46 29.19 -2.47
CA LEU B 434 4.57 30.19 -3.03
C LEU B 434 3.11 29.78 -2.88
N VAL B 435 2.81 28.50 -3.08
CA VAL B 435 1.44 28.02 -2.88
C VAL B 435 1.04 28.16 -1.41
N ASP B 436 1.95 27.81 -0.51
CA ASP B 436 1.66 27.97 0.92
C ASP B 436 1.34 29.42 1.25
N ASN B 437 1.98 30.36 0.55
CA ASN B 437 1.67 31.77 0.75
C ASN B 437 0.23 32.08 0.37
N ALA B 438 -0.23 31.54 -0.76
CA ALA B 438 -1.59 31.81 -1.21
C ALA B 438 -2.62 31.17 -0.30
N ILE B 439 -2.45 29.88 0.01
CA ILE B 439 -3.48 29.13 0.74
C ILE B 439 -3.74 29.76 2.10
N GLU B 440 -2.68 30.15 2.81
CA GLU B 440 -2.88 30.69 4.15
C GLU B 440 -3.64 32.01 4.12
N SER B 441 -3.19 32.96 3.30
CA SER B 441 -3.96 34.18 3.11
C SER B 441 -5.30 33.88 2.46
N MET B 442 -5.33 32.89 1.56
CA MET B 442 -6.58 32.45 0.96
C MET B 442 -7.59 32.04 2.02
N SER B 443 -7.12 31.41 3.10
CA SER B 443 -8.00 30.95 4.16
C SER B 443 -8.64 32.08 4.95
N GLN B 444 -8.05 33.26 4.95
CA GLN B 444 -8.61 34.38 5.70
C GLN B 444 -10.02 34.67 5.21
N ASN B 445 -10.95 34.87 6.14
CA ASN B 445 -12.36 35.02 5.82
C ASN B 445 -12.67 36.33 5.12
N GLN B 446 -11.73 37.27 5.05
CA GLN B 446 -11.95 38.48 4.25
C GLN B 446 -12.14 38.16 2.77
N VAL B 447 -11.74 36.97 2.33
CA VAL B 447 -11.88 36.55 0.94
C VAL B 447 -13.27 35.91 0.80
N SER B 448 -14.10 36.49 -0.06
CA SER B 448 -15.38 35.86 -0.38
C SER B 448 -15.26 34.93 -1.56
N ARG B 449 -14.47 35.31 -2.57
CA ARG B 449 -14.25 34.48 -3.76
C ARG B 449 -12.84 33.92 -3.72
N ARG B 450 -12.73 32.60 -3.87
CA ARG B 450 -11.48 31.87 -3.67
C ARG B 450 -11.02 31.31 -5.01
N GLU B 451 -9.99 31.92 -5.58
CA GLU B 451 -9.44 31.52 -6.88
C GLU B 451 -7.93 31.52 -6.78
N LEU B 452 -7.29 30.54 -7.42
CA LEU B 452 -5.83 30.42 -7.46
C LEU B 452 -5.41 30.17 -8.90
N PHE B 453 -4.51 31.02 -9.41
CA PHE B 453 -4.04 30.94 -10.78
C PHE B 453 -2.53 30.75 -10.79
N ILE B 454 -2.07 29.79 -11.59
CA ILE B 454 -0.64 29.49 -11.72
C ILE B 454 -0.29 29.49 -13.20
N SER B 455 0.83 30.14 -13.54
CA SER B 455 1.30 30.20 -14.91
C SER B 455 2.82 30.22 -14.92
N THR B 456 3.41 29.76 -16.03
CA THR B 456 4.84 29.71 -16.22
C THR B 456 5.19 30.14 -17.64
N ARG B 457 6.35 30.77 -17.79
CA ARG B 457 6.84 31.17 -19.10
C ARG B 457 8.32 31.49 -18.99
N VAL B 458 8.96 31.62 -20.15
CA VAL B 458 10.39 31.91 -20.25
C VAL B 458 10.55 33.37 -20.68
N GLU B 459 11.38 34.11 -19.94
CA GLU B 459 11.59 35.53 -20.22
C GLU B 459 13.04 35.90 -19.94
N ASN B 460 13.64 36.66 -20.85
CA ASN B 460 14.97 37.24 -20.65
C ASN B 460 15.99 36.17 -20.26
N HIS B 461 15.97 35.04 -20.97
CA HIS B 461 16.89 33.93 -20.73
C HIS B 461 16.70 33.33 -19.34
N LEU B 462 15.60 33.67 -18.68
CA LEU B 462 15.28 33.18 -17.35
C LEU B 462 13.91 32.52 -17.36
N VAL B 463 13.74 31.50 -16.53
CA VAL B 463 12.45 30.83 -16.37
C VAL B 463 11.65 31.62 -15.34
N ARG B 464 10.61 32.31 -15.80
CA ARG B 464 9.79 33.16 -14.96
C ARG B 464 8.51 32.43 -14.58
N MET B 465 8.22 32.36 -13.29
CA MET B 465 7.04 31.70 -12.76
C MET B 465 6.23 32.68 -11.93
N GLU B 466 4.91 32.55 -12.00
CA GLU B 466 3.99 33.40 -11.27
C GLU B 466 2.86 32.58 -10.69
N ILE B 467 2.55 32.82 -9.42
CA ILE B 467 1.40 32.23 -8.75
C ILE B 467 0.50 33.37 -8.29
N THR B 468 -0.77 33.33 -8.71
CA THR B 468 -1.73 34.39 -8.41
C THR B 468 -2.93 33.78 -7.71
N ASP B 469 -3.40 34.46 -6.66
CA ASP B 469 -4.58 34.04 -5.92
C ASP B 469 -5.51 35.24 -5.71
N SER B 470 -6.68 34.97 -5.13
CA SER B 470 -7.66 35.99 -4.83
C SER B 470 -7.72 36.34 -3.35
N GLY B 471 -6.59 36.22 -2.65
CA GLY B 471 -6.55 36.50 -1.24
C GLY B 471 -6.42 37.98 -0.95
N PRO B 472 -6.18 38.33 0.33
CA PRO B 472 -6.01 39.75 0.66
C PRO B 472 -4.87 40.42 -0.08
N GLY B 473 -3.82 39.69 -0.43
CA GLY B 473 -2.74 40.24 -1.24
C GLY B 473 -1.72 41.01 -0.42
N ILE B 474 -0.75 41.57 -1.13
CA ILE B 474 0.32 42.37 -0.55
C ILE B 474 0.05 43.84 -0.89
N PRO B 475 -0.06 44.73 0.09
CA PRO B 475 -0.19 46.15 -0.21
C PRO B 475 1.00 46.65 -1.01
N PRO B 476 0.80 47.64 -1.89
CA PRO B 476 1.90 48.06 -2.76
C PRO B 476 3.16 48.45 -2.01
N ASP B 477 3.03 49.12 -0.86
CA ASP B 477 4.21 49.51 -0.09
C ASP B 477 4.94 48.33 0.52
N LEU B 478 4.27 47.18 0.65
CA LEU B 478 4.87 45.99 1.22
C LEU B 478 5.35 45.00 0.16
N VAL B 479 5.34 45.39 -1.11
CA VAL B 479 5.66 44.44 -2.18
C VAL B 479 7.10 43.98 -2.08
N LEU B 480 8.01 44.88 -1.72
CA LEU B 480 9.43 44.55 -1.68
C LEU B 480 9.93 44.10 -0.32
N LYS B 481 9.39 44.64 0.77
CA LYS B 481 9.88 44.25 2.09
C LYS B 481 9.12 43.06 2.66
N VAL B 482 8.32 42.37 1.84
CA VAL B 482 7.88 41.02 2.16
C VAL B 482 8.99 40.00 1.92
N PHE B 483 10.04 40.40 1.21
CA PHE B 483 11.16 39.52 0.92
C PHE B 483 12.28 39.65 1.94
N GLU B 484 12.35 40.75 2.67
CA GLU B 484 13.24 40.78 3.82
C GLU B 484 12.80 39.70 4.80
N PRO B 485 13.72 38.87 5.29
CA PRO B 485 13.31 37.59 5.86
C PRO B 485 12.38 37.76 7.06
N PHE B 486 11.43 36.83 7.18
CA PHE B 486 10.43 36.67 8.23
C PHE B 486 9.24 37.64 8.11
N PHE B 487 9.26 38.60 7.18
CA PHE B 487 8.16 39.55 7.13
C PHE B 487 6.84 38.82 6.97
N SER B 488 5.81 39.31 7.66
CA SER B 488 4.48 38.71 7.60
C SER B 488 3.45 39.67 8.18
N THR B 489 2.41 39.98 7.41
CA THR B 489 1.26 40.72 7.90
C THR B 489 0.05 39.83 8.12
N LYS B 490 0.17 38.53 7.88
CA LYS B 490 -0.93 37.62 8.09
C LYS B 490 -1.32 37.61 9.57
N PRO B 491 -2.61 37.51 9.87
CA PRO B 491 -3.02 37.54 11.27
C PRO B 491 -2.46 36.36 12.01
N PRO B 492 -2.22 36.49 13.32
CA PRO B 492 -1.64 35.37 14.07
C PRO B 492 -2.51 34.13 14.07
N HIS B 493 -3.80 34.26 13.74
CA HIS B 493 -4.70 33.11 13.79
C HIS B 493 -4.26 32.02 12.82
N ARG B 494 -3.65 32.39 11.69
CA ARG B 494 -3.23 31.43 10.69
C ARG B 494 -1.77 31.03 10.90
N VAL B 495 -1.31 30.07 10.11
CA VAL B 495 0.05 29.56 10.23
C VAL B 495 0.95 30.42 9.38
N GLY B 496 1.33 31.59 9.89
CA GLY B 496 2.13 32.54 9.14
C GLY B 496 3.60 32.48 9.52
N ARG B 497 4.41 31.85 8.68
CA ARG B 497 5.84 31.76 8.96
C ARG B 497 6.60 33.00 8.54
N GLY B 498 6.02 33.84 7.68
CA GLY B 498 6.75 34.99 7.18
C GLY B 498 8.00 34.62 6.43
N MET B 499 8.12 33.36 6.02
CA MET B 499 9.38 32.80 5.60
C MET B 499 9.31 32.17 4.21
N GLY B 500 8.12 32.03 3.64
CA GLY B 500 7.96 31.49 2.30
C GLY B 500 8.73 32.26 1.26
N LEU B 501 8.37 33.53 1.06
CA LEU B 501 9.06 34.38 0.08
C LEU B 501 10.55 34.45 0.41
N PRO B 502 10.91 34.69 1.68
CA PRO B 502 12.36 34.68 2.01
C PRO B 502 13.08 33.41 1.61
N VAL B 503 12.47 32.24 1.81
CA VAL B 503 13.10 31.01 1.33
C VAL B 503 13.23 31.05 -0.19
N VAL B 504 12.17 31.48 -0.87
CA VAL B 504 12.27 31.69 -2.31
C VAL B 504 13.39 32.66 -2.60
N GLN B 505 13.43 33.79 -1.89
CA GLN B 505 14.54 34.72 -2.03
C GLN B 505 15.87 34.03 -1.72
N GLU B 506 15.89 33.21 -0.68
CA GLU B 506 17.12 32.49 -0.33
C GLU B 506 17.53 31.54 -1.45
N ILE B 507 16.60 30.68 -1.89
CA ILE B 507 16.94 29.69 -2.91
C ILE B 507 17.11 30.35 -4.27
N VAL B 508 16.32 31.39 -4.55
CA VAL B 508 16.50 32.14 -5.79
C VAL B 508 17.92 32.69 -5.85
N ALA B 509 18.42 33.21 -4.73
CA ALA B 509 19.81 33.66 -4.67
C ALA B 509 20.76 32.50 -4.92
N LYS B 510 20.44 31.32 -4.39
CA LYS B 510 21.28 30.15 -4.63
C LYS B 510 21.32 29.80 -6.12
N HIS B 511 20.28 30.15 -6.86
CA HIS B 511 20.19 29.84 -8.28
C HIS B 511 20.50 31.03 -9.17
N ALA B 512 21.07 32.11 -8.61
CA ALA B 512 21.46 33.28 -9.37
C ALA B 512 20.29 33.93 -10.09
N GLY B 513 19.10 33.88 -9.46
CA GLY B 513 17.91 34.49 -10.01
C GLY B 513 17.46 35.70 -9.23
N MET B 514 16.20 36.08 -9.48
CA MET B 514 15.56 37.17 -8.77
C MET B 514 14.08 36.86 -8.56
N VAL B 515 13.57 37.22 -7.39
CA VAL B 515 12.17 37.02 -7.05
C VAL B 515 11.59 38.35 -6.57
N HIS B 516 10.42 38.70 -7.07
CA HIS B 516 9.72 39.89 -6.62
C HIS B 516 8.23 39.68 -6.83
N VAL B 517 7.44 40.44 -6.10
CA VAL B 517 5.98 40.43 -6.25
C VAL B 517 5.58 41.56 -7.19
N ASP B 518 4.63 41.27 -8.06
CA ASP B 518 4.17 42.26 -9.04
C ASP B 518 3.43 43.38 -8.33
N THR B 519 3.94 44.60 -8.44
CA THR B 519 3.29 45.76 -7.83
C THR B 519 1.95 46.07 -8.49
N ASP B 520 1.78 45.72 -9.77
CA ASP B 520 0.59 46.11 -10.51
C ASP B 520 -0.65 45.31 -10.11
N TYR B 521 -0.49 44.08 -9.66
CA TYR B 521 -1.64 43.24 -9.32
C TYR B 521 -2.20 43.66 -7.97
N ARG B 522 -3.50 43.96 -7.93
CA ARG B 522 -4.17 44.36 -6.71
C ARG B 522 -5.37 43.49 -6.37
N GLU B 523 -5.75 42.55 -7.23
CA GLU B 523 -6.82 41.61 -6.93
C GLU B 523 -6.36 40.44 -6.07
N GLY B 524 -5.13 40.49 -5.57
CA GLY B 524 -4.57 39.43 -4.77
C GLY B 524 -3.07 39.61 -4.63
N CYS B 525 -2.36 38.49 -4.71
CA CYS B 525 -0.90 38.48 -4.68
C CYS B 525 -0.37 37.71 -5.88
N ARG B 526 0.53 38.35 -6.63
CA ARG B 526 1.23 37.72 -7.75
C ARG B 526 2.72 37.78 -7.48
N ILE B 527 3.33 36.63 -7.18
CA ILE B 527 4.74 36.54 -6.86
C ILE B 527 5.49 36.09 -8.10
N VAL B 528 6.58 36.78 -8.43
CA VAL B 528 7.36 36.51 -9.62
C VAL B 528 8.69 35.90 -9.19
N VAL B 529 9.00 34.73 -9.73
CA VAL B 529 10.29 34.06 -9.51
C VAL B 529 10.98 33.91 -10.86
N GLU B 530 12.22 34.39 -10.94
CA GLU B 530 13.04 34.27 -12.14
C GLU B 530 14.24 33.41 -11.82
N LEU B 531 14.46 32.36 -12.62
CA LEU B 531 15.56 31.44 -12.42
C LEU B 531 16.22 31.17 -13.77
N PRO B 532 17.54 31.31 -13.89
CA PRO B 532 18.20 31.01 -15.16
C PRO B 532 18.10 29.54 -15.51
N PHE B 533 18.04 29.26 -16.80
CA PHE B 533 17.92 27.90 -17.31
C PHE B 533 19.14 27.52 -18.14
N SER B 534 19.44 26.22 -18.13
CA SER B 534 20.53 25.68 -18.93
C SER B 534 20.14 25.75 -20.40
N ALA B 535 20.78 26.64 -21.15
CA ALA B 535 20.49 26.83 -22.55
C ALA B 535 20.71 25.54 -23.34
N MET C 210 -3.31 24.31 27.09
CA MET C 210 -3.42 24.36 28.54
C MET C 210 -3.49 25.81 29.02
N VAL C 211 -2.83 26.70 28.29
CA VAL C 211 -2.79 28.12 28.61
C VAL C 211 -3.42 28.88 27.45
N VAL C 212 -4.34 29.79 27.77
CA VAL C 212 -5.18 30.43 26.76
C VAL C 212 -4.90 31.93 26.73
N GLY C 213 -5.04 32.51 25.54
CA GLY C 213 -4.82 33.93 25.32
C GLY C 213 -4.55 34.23 23.86
N HIS C 214 -5.09 35.34 23.35
CA HIS C 214 -4.98 35.65 21.93
C HIS C 214 -4.67 37.12 21.64
N THR C 215 -4.56 37.98 22.65
CA THR C 215 -4.24 39.37 22.40
C THR C 215 -2.80 39.51 21.93
N PRO C 216 -2.46 40.63 21.30
CA PRO C 216 -1.07 40.83 20.83
C PRO C 216 -0.05 40.66 21.95
N THR C 217 -0.40 41.03 23.18
CA THR C 217 0.51 40.82 24.29
C THR C 217 0.75 39.34 24.54
N MET C 218 -0.31 38.52 24.41
CA MET C 218 -0.14 37.08 24.56
C MET C 218 0.80 36.50 23.53
N ARG C 219 0.91 37.14 22.36
CA ARG C 219 1.80 36.61 21.32
C ARG C 219 3.24 36.62 21.80
N ARG C 220 3.67 37.69 22.47
CA ARG C 220 5.00 37.70 23.06
C ARG C 220 5.12 36.67 24.17
N VAL C 221 4.20 36.70 25.13
CA VAL C 221 4.34 35.88 26.33
C VAL C 221 4.27 34.40 25.97
N PHE C 222 3.23 34.01 25.22
CA PHE C 222 3.07 32.60 24.89
C PHE C 222 4.20 32.10 24.02
N ASP C 223 4.56 32.87 22.99
CA ASP C 223 5.64 32.45 22.11
C ASP C 223 6.98 32.47 22.83
N GLN C 224 7.12 33.33 23.83
CA GLN C 224 8.34 33.33 24.64
C GLN C 224 8.41 32.09 25.52
N ILE C 225 7.26 31.51 25.87
CA ILE C 225 7.24 30.35 26.75
C ILE C 225 8.01 29.20 26.13
N ARG C 226 7.53 28.69 24.99
CA ARG C 226 8.21 27.57 24.35
C ARG C 226 9.51 28.01 23.69
N ARG C 227 9.71 29.31 23.55
CA ARG C 227 10.96 29.82 22.98
C ARG C 227 12.12 29.62 23.94
N VAL C 228 12.07 30.29 25.09
CA VAL C 228 13.10 30.10 26.10
C VAL C 228 13.03 28.70 26.68
N ALA C 229 11.95 27.96 26.43
CA ALA C 229 11.86 26.58 26.88
C ALA C 229 13.01 25.75 26.32
N LYS C 230 13.33 25.96 25.04
CA LYS C 230 14.34 25.14 24.39
C LYS C 230 15.75 25.47 24.85
N TRP C 231 16.04 26.72 25.17
CA TRP C 231 17.40 27.17 25.42
C TRP C 231 17.76 27.04 26.90
N ASN C 232 19.04 27.28 27.20
CA ASN C 232 19.58 27.24 28.55
C ASN C 232 19.59 28.60 29.22
N SER C 233 19.04 29.62 28.57
CA SER C 233 19.15 30.98 29.05
C SER C 233 18.33 31.18 30.32
N THR C 234 18.79 32.12 31.15
CA THR C 234 18.01 32.54 32.31
C THR C 234 16.70 33.17 31.84
N VAL C 235 15.68 33.13 32.68
CA VAL C 235 14.37 33.67 32.35
C VAL C 235 13.87 34.50 33.53
N LEU C 236 13.59 35.78 33.29
CA LEU C 236 12.94 36.64 34.28
C LEU C 236 11.47 36.74 33.91
N VAL C 237 10.60 36.26 34.79
CA VAL C 237 9.17 36.27 34.55
C VAL C 237 8.59 37.47 35.29
N LEU C 238 8.46 38.59 34.57
CA LEU C 238 7.90 39.81 35.13
C LEU C 238 6.37 39.74 35.12
N GLY C 239 5.76 40.01 36.26
CA GLY C 239 4.32 39.99 36.36
C GLY C 239 3.83 40.07 37.79
N GLU C 240 2.66 40.65 37.99
CA GLU C 240 2.07 40.77 39.33
C GLU C 240 1.49 39.42 39.73
N SER C 241 0.81 39.38 40.88
CA SER C 241 0.28 38.13 41.39
C SER C 241 -0.82 37.58 40.47
N GLY C 242 -0.84 36.26 40.36
CA GLY C 242 -1.88 35.57 39.59
C GLY C 242 -1.70 35.66 38.09
N THR C 243 -0.56 36.21 37.64
CA THR C 243 -0.31 36.33 36.21
C THR C 243 0.04 35.00 35.56
N GLY C 244 0.58 34.06 36.33
CA GLY C 244 0.90 32.73 35.81
C GLY C 244 2.37 32.39 35.90
N LYS C 245 3.14 33.21 36.63
CA LYS C 245 4.60 33.09 36.58
C LYS C 245 5.05 31.65 36.84
N GLU C 246 4.50 31.01 37.87
CA GLU C 246 4.84 29.62 38.13
C GLU C 246 4.41 28.73 36.98
N LEU C 247 3.20 28.94 36.46
CA LEU C 247 2.71 28.09 35.37
C LEU C 247 3.38 28.44 34.05
N ILE C 248 3.74 29.71 33.86
CA ILE C 248 4.55 30.09 32.70
C ILE C 248 5.86 29.31 32.71
N ALA C 249 6.51 29.24 33.87
CA ALA C 249 7.71 28.43 33.99
C ALA C 249 7.39 26.95 33.81
N SER C 250 6.26 26.49 34.38
CA SER C 250 5.87 25.09 34.20
C SER C 250 5.59 24.79 32.74
N ALA C 251 4.85 25.66 32.06
CA ALA C 251 4.66 25.51 30.63
C ALA C 251 6.00 25.60 29.90
N ILE C 252 6.89 26.45 30.39
CA ILE C 252 8.24 26.51 29.86
C ILE C 252 8.94 25.17 30.05
N HIS C 253 8.85 24.60 31.25
CA HIS C 253 9.57 23.36 31.53
C HIS C 253 9.03 22.20 30.70
N TYR C 254 7.72 22.00 30.72
CA TYR C 254 7.14 20.91 29.93
C TYR C 254 7.45 21.05 28.45
N ASN C 255 7.66 22.28 27.97
CA ASN C 255 8.08 22.52 26.60
C ASN C 255 9.59 22.65 26.47
N SER C 256 10.33 22.53 27.58
CA SER C 256 11.78 22.54 27.54
C SER C 256 12.32 21.12 27.39
N PRO C 257 13.49 20.96 26.77
CA PRO C 257 14.13 19.63 26.76
C PRO C 257 14.37 19.14 28.17
N ARG C 258 14.39 20.06 29.12
CA ARG C 258 14.51 19.75 30.53
C ARG C 258 13.19 19.30 31.13
N ALA C 259 12.16 19.11 30.30
CA ALA C 259 10.89 18.61 30.79
C ALA C 259 11.06 17.27 31.51
N HIS C 260 12.05 16.48 31.10
CA HIS C 260 12.33 15.21 31.73
C HIS C 260 13.25 15.33 32.94
N ARG C 261 13.79 16.51 33.20
CA ARG C 261 14.71 16.75 34.29
C ARG C 261 14.02 17.53 35.40
N PRO C 262 14.60 17.55 36.60
CA PRO C 262 13.95 18.23 37.72
C PRO C 262 13.67 19.70 37.41
N PHE C 263 12.49 20.16 37.83
CA PHE C 263 12.08 21.55 37.68
C PHE C 263 11.93 22.13 39.07
N VAL C 264 12.79 23.09 39.42
CA VAL C 264 12.88 23.63 40.77
C VAL C 264 12.24 25.01 40.80
N ARG C 265 11.30 25.20 41.72
CA ARG C 265 10.70 26.50 41.98
C ARG C 265 11.21 27.03 43.31
N LEU C 266 11.72 28.26 43.30
CA LEU C 266 12.29 28.87 44.49
C LEU C 266 11.78 30.30 44.61
N ASN C 267 11.30 30.67 45.80
CA ASN C 267 10.89 32.03 46.07
C ASN C 267 11.99 32.74 46.86
N CYS C 268 12.69 33.67 46.20
CA CYS C 268 13.82 34.34 46.84
C CYS C 268 13.39 35.24 48.00
N ALA C 269 12.12 35.63 48.04
CA ALA C 269 11.64 36.47 49.13
C ALA C 269 11.29 35.68 50.38
N ALA C 270 11.01 34.38 50.24
CA ALA C 270 10.58 33.56 51.37
C ALA C 270 11.75 33.00 52.18
N LEU C 271 12.99 33.19 51.72
CA LEU C 271 14.14 32.65 52.42
C LEU C 271 15.03 33.77 52.94
N PRO C 272 15.66 33.59 54.10
CA PRO C 272 16.62 34.59 54.57
C PRO C 272 17.81 34.72 53.62
N GLU C 273 18.45 35.88 53.66
CA GLU C 273 19.61 36.12 52.80
C GLU C 273 20.67 35.04 52.99
N THR C 274 21.00 34.72 54.23
CA THR C 274 22.00 33.69 54.49
C THR C 274 21.57 32.34 53.92
N LEU C 275 20.30 31.97 54.12
CA LEU C 275 19.81 30.72 53.55
C LEU C 275 19.68 30.81 52.03
N LEU C 276 19.34 31.99 51.52
CA LEU C 276 19.21 32.16 50.06
C LEU C 276 20.56 31.92 49.37
N GLU C 277 21.63 32.52 49.89
CA GLU C 277 22.95 32.30 49.32
C GLU C 277 23.34 30.83 49.43
N SER C 278 23.05 30.21 50.58
CA SER C 278 23.39 28.81 50.79
C SER C 278 22.64 27.89 49.83
N GLU C 279 21.35 28.16 49.59
CA GLU C 279 20.54 27.24 48.82
C GLU C 279 21.01 27.12 47.38
N LEU C 280 21.35 28.23 46.74
CA LEU C 280 21.61 28.22 45.31
C LEU C 280 22.95 27.58 44.97
N PHE C 281 24.00 27.89 45.73
CA PHE C 281 25.33 27.37 45.46
C PHE C 281 25.73 26.22 46.36
N GLY C 282 25.00 25.97 47.43
CA GLY C 282 25.35 24.93 48.36
C GLY C 282 26.26 25.45 49.46
N HIS C 283 26.24 24.76 50.60
CA HIS C 283 27.01 25.17 51.77
C HIS C 283 27.65 23.95 52.42
N GLU C 284 28.77 24.18 53.11
CA GLU C 284 29.39 23.14 53.90
C GLU C 284 28.72 23.05 55.27
N LYS C 285 28.83 21.88 55.89
CA LYS C 285 28.19 21.65 57.18
C LYS C 285 28.69 22.66 58.21
N GLY C 286 27.76 23.26 58.95
CA GLY C 286 28.11 24.22 59.98
C GLY C 286 28.38 25.62 59.49
N ALA C 287 28.04 25.94 58.23
CA ALA C 287 28.32 27.27 57.70
C ALA C 287 27.50 28.33 58.42
N PHE C 288 26.31 27.99 58.89
CA PHE C 288 25.43 28.95 59.56
C PHE C 288 24.53 28.19 60.53
N THR C 289 23.79 28.95 61.32
CA THR C 289 22.87 28.35 62.29
C THR C 289 21.76 27.60 61.54
N GLY C 290 21.51 26.36 61.95
CA GLY C 290 20.50 25.52 61.35
C GLY C 290 21.03 24.57 60.29
N ALA C 291 22.28 24.76 59.84
CA ALA C 291 22.87 23.89 58.83
C ALA C 291 23.35 22.61 59.51
N VAL C 292 22.39 21.75 59.86
CA VAL C 292 22.72 20.50 60.53
C VAL C 292 23.47 19.56 59.59
N LYS C 293 23.08 19.53 58.31
CA LYS C 293 23.68 18.64 57.33
C LYS C 293 24.11 19.42 56.11
N GLN C 294 25.16 18.94 55.46
CA GLN C 294 25.60 19.53 54.20
C GLN C 294 24.52 19.35 53.14
N ARG C 295 24.19 20.43 52.44
CA ARG C 295 23.11 20.43 51.46
C ARG C 295 23.65 20.84 50.09
N LYS C 296 23.26 20.10 49.08
CA LYS C 296 23.64 20.41 47.71
C LYS C 296 22.89 21.64 47.22
N GLY C 297 23.59 22.49 46.46
CA GLY C 297 23.00 23.72 45.99
C GLY C 297 21.98 23.50 44.89
N ARG C 298 21.09 24.49 44.74
CA ARG C 298 20.07 24.41 43.70
C ARG C 298 20.69 24.45 42.31
N PHE C 299 21.76 25.23 42.13
CA PHE C 299 22.46 25.25 40.85
C PHE C 299 22.91 23.86 40.46
N GLU C 300 23.27 23.03 41.45
CA GLU C 300 23.85 21.73 41.16
C GLU C 300 22.81 20.62 41.22
N GLN C 301 21.87 20.72 42.17
CA GLN C 301 20.78 19.74 42.21
C GLN C 301 19.98 19.76 40.92
N ALA C 302 19.75 20.96 40.37
CA ALA C 302 19.05 21.13 39.11
C ALA C 302 20.01 21.36 37.95
N ASP C 303 21.27 20.96 38.09
CA ASP C 303 22.21 21.03 36.98
C ASP C 303 21.67 20.24 35.80
N GLY C 304 21.46 20.93 34.69
CA GLY C 304 20.72 20.36 33.58
C GLY C 304 19.22 20.43 33.75
N GLY C 305 18.74 21.11 34.79
CA GLY C 305 17.31 21.29 34.97
C GLY C 305 16.91 22.75 34.81
N THR C 306 15.63 23.04 35.01
CA THR C 306 15.11 24.39 34.93
C THR C 306 14.84 24.91 36.34
N LEU C 307 15.49 26.00 36.70
CA LEU C 307 15.36 26.61 38.02
C LEU C 307 14.41 27.80 37.91
N PHE C 308 13.24 27.70 38.54
CA PHE C 308 12.32 28.82 38.65
C PHE C 308 12.61 29.55 39.95
N LEU C 309 13.03 30.81 39.85
CA LEU C 309 13.36 31.64 41.01
C LEU C 309 12.29 32.71 41.15
N ASP C 310 11.24 32.40 41.90
CA ASP C 310 10.17 33.37 42.14
C ASP C 310 10.67 34.54 42.98
N GLU C 311 10.16 35.72 42.69
CA GLU C 311 10.49 36.93 43.46
C GLU C 311 12.00 37.13 43.54
N ILE C 312 12.66 36.96 42.39
CA ILE C 312 14.11 37.08 42.32
C ILE C 312 14.61 38.45 42.77
N GLY C 313 13.75 39.45 42.80
CA GLY C 313 14.18 40.81 43.07
C GLY C 313 14.34 41.17 44.53
N GLU C 314 14.14 40.22 45.45
CA GLU C 314 14.28 40.48 46.88
C GLU C 314 15.65 40.07 47.41
N ILE C 315 16.59 39.72 46.53
CA ILE C 315 17.91 39.29 46.98
C ILE C 315 18.73 40.51 47.43
N SER C 316 19.71 40.25 48.29
CA SER C 316 20.50 41.31 48.87
C SER C 316 21.55 41.82 47.89
N PRO C 317 22.00 43.07 48.05
CA PRO C 317 22.98 43.61 47.09
C PRO C 317 24.26 42.79 47.00
N MET C 318 24.77 42.31 48.14
CA MET C 318 26.04 41.60 48.13
C MET C 318 25.95 40.30 47.34
N PHE C 319 24.88 39.54 47.54
CA PHE C 319 24.69 38.32 46.76
C PHE C 319 24.50 38.63 45.28
N GLN C 320 23.91 39.77 44.95
CA GLN C 320 23.62 40.07 43.55
C GLN C 320 24.90 40.08 42.72
N ALA C 321 26.01 40.52 43.31
CA ALA C 321 27.29 40.44 42.63
C ALA C 321 27.67 38.99 42.35
N LYS C 322 27.45 38.11 43.32
CA LYS C 322 27.79 36.70 43.13
C LYS C 322 26.98 36.07 42.02
N LEU C 323 25.66 36.29 42.01
CA LEU C 323 24.81 35.70 40.99
C LEU C 323 25.19 36.20 39.60
N LEU C 324 25.70 37.44 39.51
CA LEU C 324 26.09 37.97 38.22
C LEU C 324 27.15 37.10 37.56
N ARG C 325 28.25 36.83 38.27
CA ARG C 325 29.35 36.08 37.68
C ARG C 325 28.87 34.72 37.19
N VAL C 326 28.01 34.05 37.96
CA VAL C 326 27.55 32.72 37.57
C VAL C 326 26.79 32.78 36.26
N LEU C 327 25.93 33.80 36.10
CA LEU C 327 25.09 33.88 34.92
C LEU C 327 25.90 34.22 33.67
N GLN C 328 27.11 34.76 33.84
CA GLN C 328 27.95 35.11 32.70
C GLN C 328 28.75 33.93 32.18
N GLU C 329 29.39 33.18 33.08
CA GLU C 329 30.29 32.09 32.70
C GLU C 329 29.72 30.72 33.00
N GLY C 330 28.60 30.61 33.70
CA GLY C 330 28.13 29.32 34.15
C GLY C 330 29.01 28.71 35.21
N GLU C 331 29.78 29.52 35.92
CA GLU C 331 30.72 29.06 36.94
C GLU C 331 30.38 29.72 38.27
N PHE C 332 30.47 28.95 39.35
CA PHE C 332 30.08 29.43 40.66
C PHE C 332 30.88 28.67 41.72
N GLU C 333 30.82 29.20 42.94
CA GLU C 333 31.50 28.61 44.09
C GLU C 333 30.49 28.32 45.19
N ARG C 334 30.71 27.21 45.90
CA ARG C 334 29.91 26.94 47.08
C ARG C 334 30.01 28.09 48.06
N VAL C 335 29.09 28.11 49.02
CA VAL C 335 29.22 29.02 50.15
C VAL C 335 30.19 28.39 51.13
N GLY C 336 31.46 28.75 51.02
CA GLY C 336 32.52 28.11 51.78
C GLY C 336 33.42 27.20 50.95
N GLY C 337 33.05 26.90 49.71
CA GLY C 337 33.89 26.12 48.83
C GLY C 337 34.48 27.00 47.74
N ASN C 338 35.59 26.53 47.16
CA ASN C 338 36.35 27.31 46.19
C ASN C 338 36.64 26.56 44.90
N GLN C 339 35.97 25.45 44.64
CA GLN C 339 36.17 24.70 43.41
C GLN C 339 35.23 25.23 42.33
N THR C 340 35.80 25.75 41.25
CA THR C 340 35.00 26.32 40.17
C THR C 340 34.44 25.19 39.31
N VAL C 341 33.12 25.15 39.18
CA VAL C 341 32.42 24.11 38.43
C VAL C 341 31.66 24.76 37.30
N ARG C 342 31.96 24.36 36.06
CA ARG C 342 31.21 24.82 34.90
C ARG C 342 29.97 23.93 34.76
N VAL C 343 28.79 24.57 34.75
CA VAL C 343 27.53 23.86 34.79
C VAL C 343 26.66 24.31 33.63
N ASN C 344 25.98 23.35 33.00
CA ASN C 344 24.98 23.65 31.98
C ASN C 344 23.61 23.81 32.65
N VAL C 345 23.55 24.83 33.53
CA VAL C 345 22.38 25.10 34.35
C VAL C 345 21.52 26.12 33.64
N ARG C 346 20.21 25.93 33.72
CA ARG C 346 19.24 26.89 33.22
C ARG C 346 18.56 27.57 34.40
N ILE C 347 18.21 28.84 34.24
CA ILE C 347 17.58 29.63 35.29
C ILE C 347 16.27 30.18 34.75
N VAL C 348 15.29 30.31 35.64
CA VAL C 348 14.04 30.99 35.34
C VAL C 348 13.74 31.90 36.52
N ALA C 349 14.17 33.15 36.44
CA ALA C 349 13.89 34.15 37.46
C ALA C 349 12.46 34.67 37.29
N ALA C 350 11.95 35.29 38.35
CA ALA C 350 10.63 35.90 38.34
C ALA C 350 10.52 36.87 39.50
N THR C 351 9.94 38.04 39.21
CA THR C 351 9.80 39.08 40.23
C THR C 351 8.62 39.97 39.89
N ASN C 352 7.80 40.25 40.90
CA ASN C 352 6.77 41.27 40.81
C ASN C 352 7.21 42.60 41.42
N ARG C 353 8.34 42.62 42.12
CA ARG C 353 8.85 43.83 42.73
C ARG C 353 9.36 44.80 41.67
N ASP C 354 9.30 46.09 42.00
CA ASP C 354 9.85 47.13 41.14
C ASP C 354 11.34 47.25 41.45
N LEU C 355 12.14 46.39 40.82
CA LEU C 355 13.58 46.44 41.01
C LEU C 355 14.15 47.78 40.59
N GLU C 356 13.45 48.53 39.74
CA GLU C 356 13.96 49.82 39.32
C GLU C 356 14.05 50.79 40.49
N SER C 357 13.06 50.77 41.38
CA SER C 357 13.13 51.59 42.58
C SER C 357 14.28 51.14 43.47
N GLU C 358 14.49 49.82 43.58
CA GLU C 358 15.54 49.31 44.47
C GLU C 358 16.92 49.71 43.96
N VAL C 359 17.18 49.52 42.67
CA VAL C 359 18.44 49.98 42.11
C VAL C 359 18.55 51.49 42.22
N GLU C 360 17.46 52.20 41.96
CA GLU C 360 17.44 53.64 42.16
C GLU C 360 17.77 54.00 43.61
N LYS C 361 17.29 53.21 44.56
CA LYS C 361 17.57 53.43 45.97
C LYS C 361 18.85 52.76 46.45
N GLY C 362 19.51 52.00 45.59
CA GLY C 362 20.77 51.38 45.96
C GLY C 362 20.66 50.05 46.67
N LYS C 363 19.44 49.58 46.94
CA LYS C 363 19.26 48.30 47.62
C LYS C 363 19.46 47.11 46.70
N PHE C 364 19.48 47.32 45.38
CA PHE C 364 19.72 46.26 44.42
C PHE C 364 20.84 46.66 43.48
N ARG C 365 21.86 45.81 43.39
CA ARG C 365 22.98 46.05 42.50
C ARG C 365 22.50 46.16 41.05
N GLU C 366 23.07 47.13 40.34
CA GLU C 366 22.63 47.39 38.97
C GLU C 366 23.17 46.36 37.99
N ASP C 367 24.39 45.86 38.23
CA ASP C 367 25.00 44.95 37.27
C ASP C 367 24.19 43.68 37.13
N LEU C 368 23.75 43.09 38.25
CA LEU C 368 22.94 41.88 38.18
C LEU C 368 21.53 42.20 37.69
N TYR C 369 20.93 43.28 38.20
CA TYR C 369 19.58 43.63 37.77
C TYR C 369 19.49 43.67 36.25
N TYR C 370 20.50 44.26 35.60
CA TYR C 370 20.61 44.15 34.16
C TYR C 370 20.72 42.70 33.73
N ARG C 371 21.55 41.92 34.44
CA ARG C 371 21.70 40.51 34.11
C ARG C 371 20.46 39.71 34.48
N LEU C 372 19.68 40.18 35.45
CA LEU C 372 18.46 39.46 35.83
C LEU C 372 17.32 39.75 34.85
N ASN C 373 17.17 41.00 34.42
CA ASN C 373 16.13 41.37 33.46
C ASN C 373 16.53 41.09 32.02
N VAL C 374 17.53 40.23 31.82
CA VAL C 374 17.90 39.83 30.47
C VAL C 374 16.72 39.20 29.75
N MET C 375 16.16 38.14 30.32
CA MET C 375 14.99 37.48 29.75
C MET C 375 13.73 37.94 30.49
N ALA C 376 13.31 39.15 30.17
CA ALA C 376 12.10 39.72 30.76
C ALA C 376 10.89 39.32 29.92
N ILE C 377 10.05 38.44 30.47
CA ILE C 377 8.77 38.09 29.86
C ILE C 377 7.69 38.73 30.72
N ARG C 378 7.22 39.91 30.31
CA ARG C 378 6.24 40.67 31.07
C ARG C 378 4.87 40.06 30.81
N ILE C 379 4.34 39.34 31.79
CA ILE C 379 2.98 38.81 31.68
C ILE C 379 2.03 39.97 31.90
N PRO C 380 1.28 40.39 30.88
CA PRO C 380 0.44 41.58 31.03
C PRO C 380 -0.70 41.32 32.01
N PRO C 381 -1.19 42.36 32.67
CA PRO C 381 -2.37 42.17 33.52
C PRO C 381 -3.59 41.79 32.69
N LEU C 382 -4.51 41.08 33.34
CA LEU C 382 -5.75 40.69 32.65
C LEU C 382 -6.60 41.89 32.28
N ARG C 383 -6.29 43.07 32.83
CA ARG C 383 -7.02 44.28 32.47
C ARG C 383 -6.78 44.68 31.01
N GLU C 384 -5.55 44.54 30.52
CA GLU C 384 -5.25 44.92 29.14
C GLU C 384 -5.63 43.84 28.13
N ARG C 385 -5.89 42.62 28.58
CA ARG C 385 -6.23 41.53 27.68
C ARG C 385 -7.63 41.01 27.95
N THR C 386 -8.57 41.93 28.19
CA THR C 386 -9.95 41.51 28.49
C THR C 386 -10.55 40.72 27.34
N ALA C 387 -10.08 40.97 26.11
CA ALA C 387 -10.55 40.17 24.98
C ALA C 387 -10.24 38.70 25.19
N ASP C 388 -9.21 38.38 25.98
CA ASP C 388 -8.87 37.00 26.29
C ASP C 388 -9.71 36.44 27.43
N ILE C 389 -10.42 37.28 28.16
CA ILE C 389 -11.19 36.80 29.31
C ILE C 389 -12.19 35.73 28.90
N PRO C 390 -13.01 35.92 27.86
CA PRO C 390 -13.91 34.83 27.46
C PRO C 390 -13.16 33.54 27.13
N GLU C 391 -12.00 33.65 26.48
CA GLU C 391 -11.23 32.46 26.15
C GLU C 391 -10.50 31.91 27.37
N LEU C 392 -10.12 32.78 28.32
CA LEU C 392 -9.47 32.31 29.53
C LEU C 392 -10.46 31.59 30.44
N ALA C 393 -11.66 32.16 30.60
CA ALA C 393 -12.64 31.57 31.51
C ALA C 393 -13.14 30.23 31.02
N GLU C 394 -13.35 30.08 29.71
CA GLU C 394 -13.95 28.85 29.19
C GLU C 394 -13.08 27.64 29.49
N PHE C 395 -11.76 27.78 29.35
CA PHE C 395 -10.89 26.64 29.60
C PHE C 395 -11.00 26.15 31.04
N LEU C 396 -10.99 27.09 32.00
CA LEU C 396 -11.19 26.70 33.40
C LEU C 396 -12.60 26.22 33.64
N LEU C 397 -13.60 26.97 33.16
CA LEU C 397 -14.99 26.59 33.40
C LEU C 397 -15.31 25.24 32.76
N GLY C 398 -14.83 25.02 31.54
CA GLY C 398 -15.02 23.73 30.91
C GLY C 398 -14.33 22.61 31.65
N LYS C 399 -13.13 22.86 32.17
CA LYS C 399 -12.41 21.83 32.91
C LYS C 399 -13.12 21.47 34.21
N ILE C 400 -13.52 22.49 34.98
CA ILE C 400 -14.21 22.22 36.24
C ILE C 400 -15.59 21.63 35.99
N GLY C 401 -16.27 22.09 34.93
CA GLY C 401 -17.56 21.53 34.60
C GLY C 401 -17.48 20.06 34.26
N ARG C 402 -16.49 19.69 33.43
CA ARG C 402 -16.26 18.28 33.15
C ARG C 402 -15.79 17.53 34.38
N GLN C 403 -14.91 18.16 35.17
CA GLN C 403 -14.36 17.50 36.35
C GLN C 403 -15.42 17.18 37.39
N GLN C 404 -16.32 18.12 37.66
CA GLN C 404 -17.34 17.93 38.68
C GLN C 404 -18.49 17.04 38.22
N GLY C 405 -18.59 16.73 36.93
CA GLY C 405 -19.67 15.93 36.41
C GLY C 405 -20.94 16.70 36.11
N ARG C 406 -20.97 18.00 36.39
CA ARG C 406 -22.12 18.84 36.11
C ARG C 406 -21.68 20.10 35.38
N PRO C 407 -22.55 20.69 34.56
CA PRO C 407 -22.15 21.92 33.85
C PRO C 407 -22.04 23.11 34.80
N LEU C 408 -20.81 23.55 35.06
CA LEU C 408 -20.58 24.69 35.94
C LEU C 408 -20.55 25.95 35.08
N THR C 409 -21.72 26.55 34.90
CA THR C 409 -21.89 27.70 34.03
C THR C 409 -21.98 28.98 34.86
N VAL C 410 -21.47 30.07 34.28
CA VAL C 410 -21.44 31.36 34.93
C VAL C 410 -22.43 32.29 34.24
N THR C 411 -23.18 33.03 35.04
CA THR C 411 -24.21 33.92 34.52
C THR C 411 -23.58 35.14 33.84
N ASP C 412 -24.37 35.78 32.97
CA ASP C 412 -23.87 36.92 32.20
C ASP C 412 -23.50 38.09 33.09
N SER C 413 -24.20 38.27 34.22
CA SER C 413 -23.90 39.38 35.10
C SER C 413 -22.46 39.31 35.60
N ALA C 414 -21.99 38.13 35.97
CA ALA C 414 -20.60 37.98 36.36
C ALA C 414 -19.65 38.24 35.20
N ILE C 415 -20.06 37.88 33.97
CA ILE C 415 -19.21 38.11 32.82
C ILE C 415 -18.94 39.59 32.63
N ARG C 416 -19.98 40.42 32.80
CA ARG C 416 -19.79 41.87 32.68
C ARG C 416 -18.77 42.36 33.70
N LEU C 417 -18.77 41.78 34.90
CA LEU C 417 -17.78 42.16 35.90
C LEU C 417 -16.37 41.85 35.41
N LEU C 418 -16.18 40.68 34.80
CA LEU C 418 -14.85 40.31 34.32
C LEU C 418 -14.35 41.30 33.28
N MET C 419 -15.22 41.73 32.36
CA MET C 419 -14.82 42.69 31.35
C MET C 419 -14.38 44.01 31.97
N SER C 420 -15.03 44.42 33.05
CA SER C 420 -14.76 45.70 33.71
C SER C 420 -13.80 45.59 34.89
N HIS C 421 -13.27 44.40 35.17
CA HIS C 421 -12.42 44.22 36.34
C HIS C 421 -10.98 44.60 36.02
N ARG C 422 -10.35 45.33 36.96
CA ARG C 422 -8.97 45.74 36.80
C ARG C 422 -7.99 44.61 37.03
N TRP C 423 -8.40 43.56 37.74
CA TRP C 423 -7.61 42.34 37.87
C TRP C 423 -6.28 42.57 38.55
N PRO C 424 -6.26 43.05 39.80
CA PRO C 424 -5.00 43.03 40.56
C PRO C 424 -4.44 41.63 40.73
N GLY C 425 -5.31 40.64 40.88
CA GLY C 425 -4.92 39.26 41.03
C GLY C 425 -4.99 38.43 39.76
N ASN C 426 -5.42 39.01 38.64
CA ASN C 426 -5.44 38.32 37.34
C ASN C 426 -6.30 37.06 37.50
N VAL C 427 -5.84 35.91 36.99
CA VAL C 427 -6.68 34.72 36.93
C VAL C 427 -6.71 33.93 38.24
N ARG C 428 -5.76 34.16 39.15
CA ARG C 428 -5.80 33.46 40.43
C ARG C 428 -7.07 33.80 41.19
N GLU C 429 -7.39 35.09 41.30
CA GLU C 429 -8.65 35.49 41.91
C GLU C 429 -9.83 34.99 41.08
N LEU C 430 -9.67 34.94 39.76
CA LEU C 430 -10.70 34.37 38.90
C LEU C 430 -10.91 32.89 39.21
N GLU C 431 -9.82 32.14 39.39
CA GLU C 431 -9.94 30.71 39.63
C GLU C 431 -10.51 30.41 41.01
N ASN C 432 -10.07 31.16 42.03
CA ASN C 432 -10.56 30.91 43.38
C ASN C 432 -12.06 31.08 43.48
N CYS C 433 -12.65 31.87 42.56
CA CYS C 433 -14.08 32.16 42.65
C CYS C 433 -14.89 31.10 41.90
N LEU C 434 -14.52 30.82 40.65
CA LEU C 434 -15.30 29.86 39.86
C LEU C 434 -15.37 28.51 40.53
N GLU C 435 -14.30 28.10 41.22
CA GLU C 435 -14.30 26.79 41.87
C GLU C 435 -15.16 26.81 43.13
N ARG C 436 -15.06 27.87 43.94
CA ARG C 436 -15.95 27.98 45.10
C ARG C 436 -17.39 28.23 44.67
N SER C 437 -17.58 29.05 43.63
CA SER C 437 -18.94 29.34 43.18
C SER C 437 -19.67 28.07 42.78
N ALA C 438 -19.00 27.18 42.04
CA ALA C 438 -19.63 25.96 41.60
C ALA C 438 -20.15 25.13 42.77
N ILE C 439 -19.48 25.20 43.92
CA ILE C 439 -19.82 24.31 45.03
C ILE C 439 -21.23 24.57 45.54
N MET C 440 -21.54 25.84 45.84
CA MET C 440 -22.85 26.17 46.40
C MET C 440 -23.90 26.42 45.33
N SER C 441 -23.53 26.33 44.05
CA SER C 441 -24.50 26.30 42.96
C SER C 441 -24.98 24.86 42.83
N GLU C 442 -26.16 24.57 43.38
CA GLU C 442 -26.62 23.19 43.46
C GLU C 442 -26.64 22.52 42.08
N ASP C 443 -26.94 23.28 41.03
CA ASP C 443 -26.93 22.76 39.66
C ASP C 443 -25.62 23.04 38.94
N GLY C 444 -24.68 23.71 39.59
CA GLY C 444 -23.45 24.15 38.95
C GLY C 444 -23.55 25.49 38.27
N THR C 445 -24.76 26.01 38.06
CA THR C 445 -24.96 27.28 37.37
C THR C 445 -24.49 28.39 38.29
N ILE C 446 -23.24 28.82 38.11
CA ILE C 446 -22.63 29.84 38.95
C ILE C 446 -23.36 31.16 38.69
N THR C 447 -24.18 31.58 39.64
CA THR C 447 -24.85 32.87 39.57
C THR C 447 -24.02 33.93 40.29
N ARG C 448 -24.24 35.19 39.93
CA ARG C 448 -23.45 36.26 40.51
C ARG C 448 -23.54 36.26 42.02
N ASP C 449 -24.72 35.96 42.58
CA ASP C 449 -24.82 35.78 44.02
C ASP C 449 -23.96 34.60 44.47
N VAL C 450 -23.97 33.52 43.69
CA VAL C 450 -23.06 32.40 43.96
C VAL C 450 -21.62 32.85 43.78
N VAL C 451 -21.35 33.72 42.80
CA VAL C 451 -20.01 34.28 42.64
C VAL C 451 -19.62 35.07 43.87
N SER C 452 -20.57 35.83 44.42
CA SER C 452 -20.25 36.72 45.54
C SER C 452 -19.83 35.94 46.79
N LEU C 453 -20.35 34.73 46.97
CA LEU C 453 -20.07 33.97 48.18
C LEU C 453 -18.62 33.52 48.28
N THR C 454 -17.84 33.64 47.20
CA THR C 454 -16.43 33.27 47.24
C THR C 454 -15.53 34.36 47.81
N GLY C 455 -16.06 35.56 48.03
CA GLY C 455 -15.31 36.63 48.64
C GLY C 455 -14.53 37.51 47.68
N VAL C 456 -14.83 37.48 46.39
CA VAL C 456 -14.11 38.30 45.42
C VAL C 456 -14.67 39.72 45.48
N ASP C 457 -13.79 40.69 45.73
CA ASP C 457 -14.19 42.09 45.76
C ASP C 457 -14.45 42.59 44.34
N ASN C 458 -15.47 43.42 44.19
CA ASN C 458 -15.82 43.96 42.89
C ASN C 458 -14.69 44.85 42.35
PA FAD D . -6.20 -51.75 -56.62
O1A FAD D . -4.72 -51.48 -56.81
O2A FAD D . -7.09 -52.04 -57.78
O5B FAD D . -6.24 -52.99 -55.54
C5B FAD D . -5.64 -52.83 -54.28
C4B FAD D . -4.84 -54.07 -53.90
O4B FAD D . -5.69 -55.22 -54.04
C3B FAD D . -3.61 -54.34 -54.76
O3B FAD D . -2.64 -54.94 -53.93
C2B FAD D . -4.15 -55.32 -55.79
O2B FAD D . -3.12 -56.10 -56.33
C1B FAD D . -5.17 -56.12 -54.97
N9A FAD D . -6.23 -56.69 -55.75
C8A FAD D . -7.30 -56.02 -56.29
N7A FAD D . -8.09 -56.80 -56.96
C5A FAD D . -7.52 -58.05 -56.87
C6A FAD D . -7.88 -59.30 -57.37
N6A FAD D . -8.98 -59.50 -58.11
N1A FAD D . -7.09 -60.34 -57.09
C2A FAD D . -6.00 -60.14 -56.36
N3A FAD D . -5.56 -59.02 -55.84
C4A FAD D . -6.36 -57.99 -56.12
N1 FAD D . -12.80 -52.67 -50.94
C2 FAD D . -13.38 -51.57 -50.39
O2 FAD D . -12.86 -50.47 -50.40
N3 FAD D . -14.63 -51.71 -49.77
C4 FAD D . -15.35 -52.86 -49.66
O4 FAD D . -16.43 -52.91 -49.11
C4X FAD D . -14.68 -54.02 -50.28
N5 FAD D . -15.28 -55.16 -50.23
C5X FAD D . -14.69 -56.23 -50.78
C6 FAD D . -15.36 -57.47 -50.71
C7 FAD D . -14.84 -58.60 -51.25
C7M FAD D . -15.59 -59.89 -51.15
C8 FAD D . -13.57 -58.52 -51.89
C8M FAD D . -12.95 -59.74 -52.50
C9 FAD D . -12.91 -57.32 -51.96
C9A FAD D . -13.43 -56.14 -51.41
N10 FAD D . -12.80 -54.92 -51.46
C10 FAD D . -13.40 -53.82 -50.89
C1' FAD D . -11.50 -54.73 -52.09
C2' FAD D . -11.66 -54.27 -53.55
O2' FAD D . -11.87 -55.42 -54.32
C3' FAD D . -10.42 -53.47 -54.00
O3' FAD D . -9.29 -54.29 -53.78
C4' FAD D . -10.25 -52.13 -53.25
O4' FAD D . -11.46 -51.41 -53.38
C5' FAD D . -9.09 -51.34 -53.80
O5' FAD D . -9.32 -51.02 -55.15
P FAD D . -8.43 -49.88 -55.92
O1P FAD D . -8.89 -49.89 -57.34
O2P FAD D . -8.38 -48.64 -55.10
O3P FAD D . -6.91 -50.52 -55.80
H51A FAD D . -6.35 -52.72 -53.62
H52A FAD D . -5.09 -52.04 -54.23
H4B FAD D . -4.58 -53.99 -52.97
H3B FAD D . -3.27 -53.52 -55.17
HO3A FAD D . -1.96 -55.12 -54.41
H2B FAD D . -4.61 -54.82 -56.48
HO2A FAD D . -2.85 -56.65 -55.74
H1B FAD D . -4.72 -56.86 -54.52
H8A FAD D . -7.42 -55.11 -56.18
H61A FAD D . -9.57 -58.88 -58.18
H62A FAD D . -9.12 -60.25 -58.51
H2A FAD D . -5.48 -60.90 -56.20
HN3 FAD D . -14.97 -51.00 -49.43
H6 FAD D . -16.19 -57.48 -50.28
HM71 FAD D . -15.36 -60.50 -51.87
HM72 FAD D . -16.54 -59.75 -51.18
HM73 FAD D . -15.38 -60.36 -50.33
HM81 FAD D . -12.04 -59.56 -52.78
HM82 FAD D . -13.45 -60.04 -53.26
HM83 FAD D . -12.93 -60.48 -51.87
H9 FAD D . -12.07 -57.32 -52.39
H1'1 FAD D . -11.01 -55.56 -52.05
H1'2 FAD D . -10.98 -54.09 -51.57
H2' FAD D . -12.42 -53.68 -53.59
HO2' FAD D . -11.67 -55.20 -55.12
H3' FAD D . -10.53 -53.27 -54.94
HO3' FAD D . -8.88 -54.01 -53.09
H4' FAD D . -10.06 -52.33 -52.33
HO4' FAD D . -12.12 -51.76 -52.96
H5'1 FAD D . -8.27 -51.85 -53.72
H5'2 FAD D . -8.96 -50.53 -53.26
PB ADP E . 21.62 17.87 15.15
O1B ADP E . 21.86 16.40 15.39
O2B ADP E . 22.77 18.76 15.55
O3B ADP E . 21.02 18.19 13.80
PA ADP E . 20.38 17.73 17.66
O1A ADP E . 19.30 16.67 17.70
O2A ADP E . 20.28 18.93 18.59
O3A ADP E . 20.42 18.26 16.15
O5' ADP E . 21.80 17.04 17.92
C5' ADP E . 22.86 17.78 18.53
C4' ADP E . 23.96 16.85 19.03
O4' ADP E . 23.40 15.81 19.83
C3' ADP E . 24.74 16.16 17.92
O3' ADP E . 25.99 16.80 17.68
C2' ADP E . 24.96 14.74 18.41
O2' ADP E . 26.34 14.47 18.65
C1' ADP E . 24.18 14.62 19.72
N9 ADP E . 23.32 13.41 19.71
C8 ADP E . 21.97 13.43 19.60
N7 ADP E . 21.47 12.17 19.62
C5 ADP E . 22.50 11.31 19.75
C6 ADP E . 22.66 9.84 19.85
N6 ADP E . 21.58 9.02 19.80
N1 ADP E . 23.91 9.36 19.98
C2 ADP E . 24.99 10.17 20.02
N3 ADP E . 24.91 11.51 19.95
C4 ADP E . 23.72 12.13 19.81
H5'1 ADP E . 22.47 18.35 19.37
H5'2 ADP E . 23.29 18.48 17.81
H4' ADP E . 24.67 17.44 19.63
H3' ADP E . 24.14 16.13 17.01
HO3' ADP E . 26.35 16.48 16.84
H2' ADP E . 24.55 14.02 17.68
HO2' ADP E . 26.81 14.46 17.81
H1' ADP E . 24.90 14.55 20.56
H8 ADP E . 21.38 14.33 19.50
HN61 ADP E . 20.66 9.41 19.70
HN62 ADP E . 21.71 8.02 19.86
H2 ADP E . 25.97 9.72 20.13
PA FAD F . -36.83 -63.55 -19.62
O1A FAD F . -38.01 -62.99 -18.86
O2A FAD F . -36.50 -65.00 -19.59
O5B FAD F . -37.08 -63.05 -21.15
C5B FAD F . -37.11 -61.67 -21.45
C4B FAD F . -38.36 -61.34 -22.26
O4B FAD F . -38.31 -62.07 -23.50
C3B FAD F . -39.68 -61.70 -21.59
O3B FAD F . -40.61 -60.69 -21.89
C2B FAD F . -40.07 -63.01 -22.26
O2B FAD F . -41.47 -63.15 -22.30
C1B FAD F . -39.44 -62.88 -23.64
N9A FAD F . -39.05 -64.17 -24.18
C8A FAD F . -38.02 -64.96 -23.74
N7A FAD F . -37.91 -66.08 -24.41
C5A FAD F . -38.93 -66.02 -25.33
C6A FAD F . -39.35 -66.90 -26.33
N6A FAD F . -38.74 -68.08 -26.57
N1A FAD F . -40.40 -66.55 -27.08
C2A FAD F . -41.00 -65.39 -26.84
N3A FAD F . -40.69 -64.48 -25.93
C4A FAD F . -39.66 -64.85 -25.20
N1 FAD F . -30.24 -61.91 -25.07
C2 FAD F . -29.02 -61.51 -24.65
O2 FAD F . -28.83 -61.00 -23.57
N3 FAD F . -27.93 -61.70 -25.49
C4 FAD F . -27.95 -62.26 -26.74
O4 FAD F . -26.96 -62.39 -27.42
C4X FAD F . -29.30 -62.68 -27.16
N5 FAD F . -29.42 -63.22 -28.33
C5X FAD F . -30.66 -63.61 -28.73
C6 FAD F . -30.77 -64.19 -30.00
C7 FAD F . -31.97 -64.62 -30.50
C7M FAD F . -32.06 -65.25 -31.85
C8 FAD F . -33.12 -64.46 -29.68
C8M FAD F . -34.46 -64.91 -30.18
C9 FAD F . -33.02 -63.88 -28.43
C9A FAD F . -31.79 -63.44 -27.91
N10 FAD F . -31.63 -62.86 -26.67
C10 FAD F . -30.39 -62.46 -26.24
C1' FAD F . -32.76 -62.64 -25.74
C2' FAD F . -32.94 -63.82 -24.79
O2' FAD F . -33.74 -64.77 -25.44
C3' FAD F . -33.55 -63.35 -23.46
O3' FAD F . -34.70 -62.60 -23.77
C4' FAD F . -32.58 -62.52 -22.61
O4' FAD F . -31.39 -63.26 -22.45
C5' FAD F . -33.19 -62.17 -21.26
O5' FAD F . -33.35 -63.37 -20.51
P FAD F . -33.91 -63.33 -18.98
O1P FAD F . -33.94 -64.74 -18.53
O2P FAD F . -33.22 -62.25 -18.21
O3P FAD F . -35.46 -62.77 -19.19
H51A FAD F . -36.34 -61.45 -21.98
H52A FAD F . -37.07 -61.12 -20.66
H4B FAD F . -38.35 -60.40 -22.48
H3B FAD F . -39.58 -61.80 -20.63
HO3A FAD F . -41.36 -60.91 -21.56
H2B FAD F . -39.66 -63.74 -21.77
HO2A FAD F . -41.78 -62.61 -22.87
H1B FAD F . -40.07 -62.51 -24.28
H8A FAD F . -37.47 -64.70 -23.04
H61A FAD F . -38.05 -68.31 -26.12
H62A FAD F . -39.03 -68.61 -27.18
H2A FAD F . -41.73 -65.19 -27.39
HN3 FAD F . -27.17 -61.43 -25.20
H6 FAD F . -29.99 -64.28 -30.50
HM71 FAD F . -32.85 -64.95 -32.33
HM72 FAD F . -32.10 -66.21 -31.79
HM73 FAD F . -31.30 -65.01 -32.40
HM81 FAD F . -35.18 -64.58 -29.60
HM82 FAD F . -34.51 -65.87 -30.21
HM83 FAD F . -34.62 -64.59 -31.07
H9 FAD F . -33.80 -63.79 -27.93
H1'1 FAD F . -33.56 -62.51 -26.28
H1'2 FAD F . -32.62 -61.81 -25.27
H2' FAD F . -32.07 -64.18 -24.59
HO2' FAD F . -33.23 -65.18 -25.99
H3' FAD F . -33.79 -64.15 -22.95
HO3' FAD F . -35.33 -62.80 -23.24
H4' FAD F . -32.41 -61.69 -23.09
HO4' FAD F . -30.90 -63.26 -23.15
H5'1 FAD F . -34.05 -61.74 -21.38
H5'2 FAD F . -32.61 -61.54 -20.80
PB ADP G . 4.16 34.57 5.00
O1B ADP G . 3.26 34.51 3.78
O2B ADP G . 4.02 35.82 5.82
O3B ADP G . 4.19 33.30 5.81
PA ADP G . 6.00 35.58 3.11
O1A ADP G . 6.00 34.70 1.89
O2A ADP G . 7.22 36.41 3.44
O3A ADP G . 5.64 34.64 4.37
O5' ADP G . 4.75 36.61 2.99
C5' ADP G . 4.83 37.89 3.61
C4' ADP G . 3.51 38.64 3.53
O4' ADP G . 3.09 38.88 2.19
C3' ADP G . 2.41 37.87 4.23
O3' ADP G . 2.17 38.40 5.53
C2' ADP G . 1.19 38.00 3.33
O2' ADP G . 0.25 38.93 3.88
C1' ADP G . 1.72 38.52 2.01
N9 ADP G . 1.69 37.45 0.97
C8 ADP G . 2.80 36.86 0.47
N7 ADP G . 2.45 35.94 -0.47
C5 ADP G . 1.12 35.94 -0.58
C6 ADP G . 0.13 35.19 -1.38
N6 ADP G . 0.51 34.25 -2.27
N1 ADP G . -1.18 35.48 -1.19
C2 ADP G . -1.58 36.42 -0.30
N3 ADP G . -0.72 37.12 0.45
C4 ADP G . 0.61 36.94 0.37
H5'1 ADP G . 5.62 38.48 3.13
H5'2 ADP G . 5.11 37.76 4.65
H4' ADP G . 3.64 39.61 4.06
H3' ADP G . 2.68 36.81 4.28
HO3' ADP G . 2.06 37.66 6.14
H2' ADP G . 0.72 37.02 3.19
HO2' ADP G . -0.26 38.50 4.58
H1' ADP G . 1.10 39.37 1.70
H8 ADP G . 3.81 37.09 0.77
HN61 ADP G . 1.50 34.04 -2.40
HN62 ADP G . -0.17 33.75 -2.82
H2 ADP G . -2.64 36.60 -0.21
PB ADP H . 1.61 34.56 39.48
O1B ADP H . 2.93 33.85 39.36
O2B ADP H . 1.55 35.89 38.79
O3B ADP H . 1.02 34.55 40.88
PA ADP H . 0.23 32.15 39.07
O1A ADP H . 1.30 31.22 38.53
O2A ADP H . -0.08 32.19 40.55
O3A ADP H . 0.59 33.65 38.63
O5' ADP H . -1.14 31.87 38.28
C5' ADP H . -2.32 31.55 39.02
C4' ADP H . -3.42 31.03 38.12
O4' ADP H . -3.65 31.92 37.02
C3' ADP H . -3.09 29.66 37.54
O3' ADP H . -3.94 28.67 38.11
C2' ADP H . -3.31 29.79 36.05
O2' ADP H . -4.17 28.74 35.55
C1' ADP H . -3.94 31.15 35.85
N9 ADP H . -3.38 31.81 34.64
C8 ADP H . -2.43 32.76 34.64
N7 ADP H . -2.14 33.15 33.37
C5 ADP H . -2.91 32.43 32.54
C6 ADP H . -3.12 32.34 31.08
N6 ADP H . -2.40 33.11 30.23
N1 ADP H . -4.02 31.45 30.62
C2 ADP H . -4.74 30.67 31.44
N3 ADP H . -4.61 30.71 32.78
C4 ADP H . -3.73 31.55 33.38
H5'1 ADP H . -2.65 32.45 39.53
H5'2 ADP H . -2.08 30.80 39.79
H4' ADP H . -4.35 30.95 38.72
H3' ADP H . -2.03 29.44 37.74
HO3' ADP H . -3.67 27.79 37.80
H2' ADP H . -2.34 29.77 35.53
HO2' ADP H . -3.69 27.91 35.58
H1' ADP H . -5.03 31.03 35.73
H8 ADP H . -1.96 33.17 35.53
HN61 ADP H . -1.72 33.76 30.59
HN62 ADP H . -2.55 33.04 29.24
H2 ADP H . -5.46 29.98 31.01
#